data_1GV2
# 
_entry.id   1GV2 
# 
_audit_conform.dict_name       mmcif_pdbx.dic 
_audit_conform.dict_version    5.382 
_audit_conform.dict_location   http://mmcif.pdb.org/dictionaries/ascii/mmcif_pdbx.dic 
# 
loop_
_database_2.database_id 
_database_2.database_code 
_database_2.pdbx_database_accession 
_database_2.pdbx_DOI 
PDB   1GV2         pdb_00001gv2 10.2210/pdb1gv2/pdb 
PDBE  EBI-9405     ?            ?                   
WWPDB D_1290009405 ?            ?                   
# 
loop_
_pdbx_database_related.db_name 
_pdbx_database_related.db_id 
_pdbx_database_related.content_type 
_pdbx_database_related.details 
PDB 1GUU unspecified 'CRYSTAL STRUCTURE OF C-MYB R1' 
PDB 1GV5 unspecified 'CRYSTAL STRUCTURE OF C-MYB R2' 
PDB 1H88 unspecified 'CRYSTAL STRUCTURE OF TERNARY PROTEIN-DNA COMPLEX1' 
PDB 1H89 unspecified 'CRYSTAL STRUCTURE OF TERNARY PROTEIN-DNA COMPLEX2' 
PDB 1IDY unspecified 'STRUCTURE OF MYB TRANSFORMING PROTEIN, NMR, MINIMIZEDAVERAGE STRUCTURE' 
PDB 1IDZ unspecified 'STRUCTURE OF MYB TRANSFORMING PROTEIN, NMR, 20 STRUCTURES' 
PDB 1MBE unspecified 'MOUSE C-MYB DEOXYRIBONUCLEIC ACID-BINDING DOMAIN REPEAT 1' 
PDB 1MBF unspecified 'MOUSE C-MYB DEOXYRIBONUCLEIC ACID-BINDING DOMAIN REPEAT 1' 
PDB 1MBG unspecified 'MOUSE C-MYB DEOXYRIBONUCLEIC ACID-BINDING DOMAIN REPEAT 2' 
PDB 1MBH unspecified 'MOUSE C-MYB DEOXYRIBONUCLEIC ACID-BINDING DOMAIN REPEAT 2' 
PDB 1MBJ unspecified 'MOUSE C-MYB DEOXYRIBONUCLEIC ACID-BINDING DOMAIN REPEAT 3' 
PDB 1MBK unspecified 'MOUSE C-MYB DEOXYRIBONUCLEIC ACID-BINDING DOMAIN REPEAT 3' 
PDB 1MSE unspecified 
'C-MYB DEOXYRIBONUCLEIC ACID-BINDING DOMAIN COMPLEXED WITH DEOXYRIBONUCLEIC ACID (NMR, MINIMIZED AVERAGE STRUCTURE)' 
PDB 1MSF unspecified 'C-MYB DEOXYRIBONUCLEIC ACID-BINDING DOMAIN COMPLEXED WITH DEOXYRIBONUCLEIC ACID (NMR, 25 STRUCTURES)' 
# 
_pdbx_database_status.status_code                     REL 
_pdbx_database_status.entry_id                        1GV2 
_pdbx_database_status.deposit_site                    PDBE 
_pdbx_database_status.process_site                    PDBE 
_pdbx_database_status.SG_entry                        . 
_pdbx_database_status.recvd_initial_deposition_date   2002-02-05 
_pdbx_database_status.pdb_format_compatible           Y 
_pdbx_database_status.status_code_sf                  REL 
_pdbx_database_status.status_code_mr                  ? 
_pdbx_database_status.status_code_cs                  ? 
_pdbx_database_status.methods_development_category    ? 
_pdbx_database_status.status_code_nmr_data            ? 
# 
loop_
_audit_author.name 
_audit_author.pdbx_ordinal 
'Tahirov, T.H.' 1 
'Ogata, K.'     2 
# 
loop_
_citation.id 
_citation.title 
_citation.journal_abbrev 
_citation.journal_volume 
_citation.page_first 
_citation.page_last 
_citation.year 
_citation.journal_id_ASTM 
_citation.country 
_citation.journal_id_ISSN 
_citation.journal_id_CSD 
_citation.book_publisher 
_citation.pdbx_database_id_PubMed 
_citation.pdbx_database_id_DOI 
primary 'Crystal Structure of C-Myb DNA-Binding Domain: Specific Na+ Binding and Correlation with NMR Structure' 'To be Published' 
?   ?  ? ?    ?      ?  ?         0353 ? ?        ?                               
1       'Mechanism of C-Myb-C/Ebpbeta Cooperation from Separated Sites on a Promoter'                            
'Cell (Cambridge,Mass.)' 108 57 ? 2002 CELLB5 US 0092-8674 0998 ? 11792321 '10.1016/S0092-8674(01)00636-5' 
# 
loop_
_citation_author.citation_id 
_citation_author.name 
_citation_author.ordinal 
_citation_author.identifier_ORCID 
primary 'Tahirov, T.H.'      1  ? 
primary 'Morii, H.'          2  ? 
primary 'Uedaira, H.'        3  ? 
primary 'Sasaki, M.'         4  ? 
primary 'Sarai, A.'          5  ? 
primary 'Adachi, S.'         6  ? 
primary 'Park, S.Y.'         7  ? 
primary 'Kamiya, N.'         8  ? 
primary 'Ogata, K.'          9  ? 
1       'Tahirov, T.H.'      10 ? 
1       'Sato, K.'           11 ? 
1       'Ichikawa-Iwata, E.' 12 ? 
1       'Sasaki, M.'         13 ? 
1       'Inoue-Bungo, T.'    14 ? 
1       'Shiina, M.'         15 ? 
1       'Kimura, K.'         16 ? 
1       'Takata, S.'         17 ? 
1       'Fujikawa, A.'       18 ? 
1       'Morii, H.'          19 ? 
1       'Kumasaka, T.'       20 ? 
1       'Yamamoto, M.'       21 ? 
1       'Ishii, S.'          22 ? 
1       'Ogata, K.'          23 ? 
# 
_cell.entry_id           1GV2 
_cell.length_a           38.722 
_cell.length_b           28.250 
_cell.length_c           44.129 
_cell.angle_alpha        90.00 
_cell.angle_beta         90.87 
_cell.angle_gamma        90.00 
_cell.Z_PDB              2 
_cell.pdbx_unique_axis   ? 
# 
_symmetry.entry_id                         1GV2 
_symmetry.space_group_name_H-M             'P 1 21 1' 
_symmetry.pdbx_full_space_group_name_H-M   ? 
_symmetry.cell_setting                     ? 
_symmetry.Int_Tables_number                4 
# 
loop_
_entity.id 
_entity.type 
_entity.src_method 
_entity.pdbx_description 
_entity.formula_weight 
_entity.pdbx_number_of_molecules 
_entity.pdbx_ec 
_entity.pdbx_mutation 
_entity.pdbx_fragment 
_entity.details 
1 polymer     man 'MYB PROTO-ONCOGENE PROTEIN' 12674.693 1  ? ? 'R2R3, RESIDUES 89-193' ? 
2 non-polymer syn 'SODIUM ION'                 22.990    2  ? ? ?                       ? 
3 water       nat water                        18.015    60 ? ? ?                       ? 
# 
_entity_name_com.entity_id   1 
_entity_name_com.name        C-MYB 
# 
_entity_poly.entity_id                      1 
_entity_poly.type                           'polypeptide(L)' 
_entity_poly.nstd_linkage                   no 
_entity_poly.nstd_monomer                   no 
_entity_poly.pdbx_seq_one_letter_code       
;ELIKGPWTKEEDQRVIKLVQKYGPKRWSVIAKHLKGRIGKQCRERWHNHLNPEVKKTSWTEEEDRIIYQAHKRLGNRWAE
IAKLLPGRTDNAIKNHWNSTMRRKV
;
_entity_poly.pdbx_seq_one_letter_code_can   
;ELIKGPWTKEEDQRVIKLVQKYGPKRWSVIAKHLKGRIGKQCRERWHNHLNPEVKKTSWTEEEDRIIYQAHKRLGNRWAE
IAKLLPGRTDNAIKNHWNSTMRRKV
;
_entity_poly.pdbx_strand_id                 A 
_entity_poly.pdbx_target_identifier         ? 
# 
loop_
_entity_poly_seq.entity_id 
_entity_poly_seq.num 
_entity_poly_seq.mon_id 
_entity_poly_seq.hetero 
1 1   GLU n 
1 2   LEU n 
1 3   ILE n 
1 4   LYS n 
1 5   GLY n 
1 6   PRO n 
1 7   TRP n 
1 8   THR n 
1 9   LYS n 
1 10  GLU n 
1 11  GLU n 
1 12  ASP n 
1 13  GLN n 
1 14  ARG n 
1 15  VAL n 
1 16  ILE n 
1 17  LYS n 
1 18  LEU n 
1 19  VAL n 
1 20  GLN n 
1 21  LYS n 
1 22  TYR n 
1 23  GLY n 
1 24  PRO n 
1 25  LYS n 
1 26  ARG n 
1 27  TRP n 
1 28  SER n 
1 29  VAL n 
1 30  ILE n 
1 31  ALA n 
1 32  LYS n 
1 33  HIS n 
1 34  LEU n 
1 35  LYS n 
1 36  GLY n 
1 37  ARG n 
1 38  ILE n 
1 39  GLY n 
1 40  LYS n 
1 41  GLN n 
1 42  CYS n 
1 43  ARG n 
1 44  GLU n 
1 45  ARG n 
1 46  TRP n 
1 47  HIS n 
1 48  ASN n 
1 49  HIS n 
1 50  LEU n 
1 51  ASN n 
1 52  PRO n 
1 53  GLU n 
1 54  VAL n 
1 55  LYS n 
1 56  LYS n 
1 57  THR n 
1 58  SER n 
1 59  TRP n 
1 60  THR n 
1 61  GLU n 
1 62  GLU n 
1 63  GLU n 
1 64  ASP n 
1 65  ARG n 
1 66  ILE n 
1 67  ILE n 
1 68  TYR n 
1 69  GLN n 
1 70  ALA n 
1 71  HIS n 
1 72  LYS n 
1 73  ARG n 
1 74  LEU n 
1 75  GLY n 
1 76  ASN n 
1 77  ARG n 
1 78  TRP n 
1 79  ALA n 
1 80  GLU n 
1 81  ILE n 
1 82  ALA n 
1 83  LYS n 
1 84  LEU n 
1 85  LEU n 
1 86  PRO n 
1 87  GLY n 
1 88  ARG n 
1 89  THR n 
1 90  ASP n 
1 91  ASN n 
1 92  ALA n 
1 93  ILE n 
1 94  LYS n 
1 95  ASN n 
1 96  HIS n 
1 97  TRP n 
1 98  ASN n 
1 99  SER n 
1 100 THR n 
1 101 MET n 
1 102 ARG n 
1 103 ARG n 
1 104 LYS n 
1 105 VAL n 
# 
_entity_src_gen.entity_id                          1 
_entity_src_gen.pdbx_src_id                        1 
_entity_src_gen.pdbx_alt_source_flag               sample 
_entity_src_gen.pdbx_seq_type                      ? 
_entity_src_gen.pdbx_beg_seq_num                   ? 
_entity_src_gen.pdbx_end_seq_num                   ? 
_entity_src_gen.gene_src_common_name               mouse 
_entity_src_gen.gene_src_genus                     ? 
_entity_src_gen.pdbx_gene_src_gene                 ? 
_entity_src_gen.gene_src_species                   ? 
_entity_src_gen.gene_src_strain                    ? 
_entity_src_gen.gene_src_tissue                    ? 
_entity_src_gen.gene_src_tissue_fraction           ? 
_entity_src_gen.gene_src_details                   ? 
_entity_src_gen.pdbx_gene_src_fragment             ? 
_entity_src_gen.pdbx_gene_src_scientific_name      'Mus Musculus' 
_entity_src_gen.pdbx_gene_src_ncbi_taxonomy_id     10090 
_entity_src_gen.pdbx_gene_src_variant              ? 
_entity_src_gen.pdbx_gene_src_cell_line            ? 
_entity_src_gen.pdbx_gene_src_atcc                 ? 
_entity_src_gen.pdbx_gene_src_organ                ? 
_entity_src_gen.pdbx_gene_src_organelle            ? 
_entity_src_gen.pdbx_gene_src_cell                 ? 
_entity_src_gen.pdbx_gene_src_cellular_location    ? 
_entity_src_gen.host_org_common_name               ? 
_entity_src_gen.pdbx_host_org_scientific_name      'Escherichia coli BL21(DE3)' 
_entity_src_gen.pdbx_host_org_ncbi_taxonomy_id     469008 
_entity_src_gen.host_org_genus                     ? 
_entity_src_gen.pdbx_host_org_gene                 ? 
_entity_src_gen.pdbx_host_org_organ                ? 
_entity_src_gen.host_org_species                   ? 
_entity_src_gen.pdbx_host_org_tissue               ? 
_entity_src_gen.pdbx_host_org_tissue_fraction      ? 
_entity_src_gen.pdbx_host_org_strain               ? 
_entity_src_gen.pdbx_host_org_variant              ? 
_entity_src_gen.pdbx_host_org_cell_line            ? 
_entity_src_gen.pdbx_host_org_atcc                 ? 
_entity_src_gen.pdbx_host_org_culture_collection   ? 
_entity_src_gen.pdbx_host_org_cell                 ? 
_entity_src_gen.pdbx_host_org_organelle            ? 
_entity_src_gen.pdbx_host_org_cellular_location    ? 
_entity_src_gen.pdbx_host_org_vector_type          ? 
_entity_src_gen.pdbx_host_org_vector               ? 
_entity_src_gen.host_org_details                   ? 
_entity_src_gen.expression_system_id               ? 
_entity_src_gen.plasmid_name                       ? 
_entity_src_gen.plasmid_details                    ? 
_entity_src_gen.pdbx_description                   ? 
# 
_struct_ref.id                         1 
_struct_ref.db_name                    UNP 
_struct_ref.db_code                    MYB_MOUSE 
_struct_ref.entity_id                  1 
_struct_ref.pdbx_seq_one_letter_code   ? 
_struct_ref.pdbx_align_begin           ? 
_struct_ref.pdbx_db_accession          P06876 
_struct_ref.pdbx_db_isoform            ? 
# 
_struct_ref_seq.align_id                      1 
_struct_ref_seq.ref_id                        1 
_struct_ref_seq.pdbx_PDB_id_code              1GV2 
_struct_ref_seq.pdbx_strand_id                A 
_struct_ref_seq.seq_align_beg                 1 
_struct_ref_seq.pdbx_seq_align_beg_ins_code   ? 
_struct_ref_seq.seq_align_end                 105 
_struct_ref_seq.pdbx_seq_align_end_ins_code   ? 
_struct_ref_seq.pdbx_db_accession             P06876 
_struct_ref_seq.db_align_beg                  89 
_struct_ref_seq.pdbx_db_align_beg_ins_code    ? 
_struct_ref_seq.db_align_end                  193 
_struct_ref_seq.pdbx_db_align_end_ins_code    ? 
_struct_ref_seq.pdbx_auth_seq_align_beg       89 
_struct_ref_seq.pdbx_auth_seq_align_end       193 
# 
loop_
_chem_comp.id 
_chem_comp.type 
_chem_comp.mon_nstd_flag 
_chem_comp.name 
_chem_comp.pdbx_synonyms 
_chem_comp.formula 
_chem_comp.formula_weight 
ALA 'L-peptide linking' y ALANINE         ? 'C3 H7 N O2'     89.093  
ARG 'L-peptide linking' y ARGININE        ? 'C6 H15 N4 O2 1' 175.209 
ASN 'L-peptide linking' y ASPARAGINE      ? 'C4 H8 N2 O3'    132.118 
ASP 'L-peptide linking' y 'ASPARTIC ACID' ? 'C4 H7 N O4'     133.103 
CYS 'L-peptide linking' y CYSTEINE        ? 'C3 H7 N O2 S'   121.158 
GLN 'L-peptide linking' y GLUTAMINE       ? 'C5 H10 N2 O3'   146.144 
GLU 'L-peptide linking' y 'GLUTAMIC ACID' ? 'C5 H9 N O4'     147.129 
GLY 'peptide linking'   y GLYCINE         ? 'C2 H5 N O2'     75.067  
HIS 'L-peptide linking' y HISTIDINE       ? 'C6 H10 N3 O2 1' 156.162 
HOH non-polymer         . WATER           ? 'H2 O'           18.015  
ILE 'L-peptide linking' y ISOLEUCINE      ? 'C6 H13 N O2'    131.173 
LEU 'L-peptide linking' y LEUCINE         ? 'C6 H13 N O2'    131.173 
LYS 'L-peptide linking' y LYSINE          ? 'C6 H15 N2 O2 1' 147.195 
MET 'L-peptide linking' y METHIONINE      ? 'C5 H11 N O2 S'  149.211 
NA  non-polymer         . 'SODIUM ION'    ? 'Na 1'           22.990  
PRO 'L-peptide linking' y PROLINE         ? 'C5 H9 N O2'     115.130 
SER 'L-peptide linking' y SERINE          ? 'C3 H7 N O3'     105.093 
THR 'L-peptide linking' y THREONINE       ? 'C4 H9 N O3'     119.119 
TRP 'L-peptide linking' y TRYPTOPHAN      ? 'C11 H12 N2 O2'  204.225 
TYR 'L-peptide linking' y TYROSINE        ? 'C9 H11 N O3'    181.189 
VAL 'L-peptide linking' y VALINE          ? 'C5 H11 N O2'    117.146 
# 
_exptl.entry_id          1GV2 
_exptl.method            'X-RAY DIFFRACTION' 
_exptl.crystals_number   1 
# 
_exptl_crystal.id                    1 
_exptl_crystal.density_meas          ? 
_exptl_crystal.density_Matthews      1.90 
_exptl_crystal.density_percent_sol   35.40 
_exptl_crystal.description           ? 
# 
_exptl_crystal_grow.crystal_id      1 
_exptl_crystal_grow.method          ? 
_exptl_crystal_grow.temp            ? 
_exptl_crystal_grow.temp_details    ? 
_exptl_crystal_grow.pH              6.80 
_exptl_crystal_grow.pdbx_pH_range   ? 
_exptl_crystal_grow.pdbx_details    
;1.6-1.7 M SODIUM CITRATE PH 6.8, PROTEIN CONCENTRATION 15 MG/ML, CRYSTAL WAS GROWN BY REPEATED MACROSEEDING, TRANSFORMED TO LOW HUMIDITY FORM AND FLASH COOLED, 1-2% V/V OF GLYCEROL WAS ADDED TO SODIUM CITRATE TO PREVENT THE CRYSTAL CRACKING DURING THE FLASH COOLING
;
# 
_diffrn.id                     1 
_diffrn.ambient_temp           293.0 
_diffrn.ambient_temp_details   ? 
_diffrn.crystal_id             1 
# 
_diffrn_detector.diffrn_id              1 
_diffrn_detector.detector               'IMAGE PLATE' 
_diffrn_detector.type                   'RIGAKU RAXIS IV' 
_diffrn_detector.pdbx_collection_date   1998-05-29 
_diffrn_detector.details                ? 
# 
_diffrn_radiation.diffrn_id                        1 
_diffrn_radiation.wavelength_id                    1 
_diffrn_radiation.pdbx_monochromatic_or_laue_m_l   M 
_diffrn_radiation.monochromator                    ? 
_diffrn_radiation.pdbx_diffrn_protocol             'SINGLE WAVELENGTH' 
_diffrn_radiation.pdbx_scattering_type             x-ray 
# 
_diffrn_radiation_wavelength.id           1 
_diffrn_radiation_wavelength.wavelength   0.7 
_diffrn_radiation_wavelength.wt           1.0 
# 
_diffrn_source.diffrn_id                   1 
_diffrn_source.source                      SYNCHROTRON 
_diffrn_source.type                        'SPRING-8 BEAMLINE BL44B2' 
_diffrn_source.pdbx_synchrotron_site       SPring-8 
_diffrn_source.pdbx_synchrotron_beamline   BL44B2 
_diffrn_source.pdbx_wavelength             0.7 
_diffrn_source.pdbx_wavelength_list        ? 
# 
_reflns.pdbx_diffrn_id               1 
_reflns.pdbx_ordinal                 1 
_reflns.entry_id                     1GV2 
_reflns.observed_criterion_sigma_I   0.000 
_reflns.observed_criterion_sigma_F   ? 
_reflns.d_resolution_low             50.000 
_reflns.d_resolution_high            1.680 
_reflns.number_obs                   11033 
_reflns.number_all                   ? 
_reflns.percent_possible_obs         99.1 
_reflns.pdbx_Rmerge_I_obs            0.10000 
_reflns.pdbx_Rsym_value              ? 
_reflns.pdbx_netI_over_sigmaI        12.6010 
_reflns.B_iso_Wilson_estimate        13.4 
_reflns.pdbx_redundancy              4.244 
# 
_reflns_shell.pdbx_diffrn_id         1 
_reflns_shell.pdbx_ordinal           1 
_reflns_shell.d_res_high             1.68 
_reflns_shell.d_res_low              1.74 
_reflns_shell.percent_possible_all   97.9 
_reflns_shell.Rmerge_I_obs           0.44600 
_reflns_shell.pdbx_Rsym_value        ? 
_reflns_shell.meanI_over_sigI_obs    1.904 
_reflns_shell.pdbx_redundancy        3.53 
# 
_refine.pdbx_refine_id                           'X-RAY DIFFRACTION' 
_refine.entry_id                                 1GV2 
_refine.pdbx_diffrn_id                           1 
_refine.pdbx_TLS_residual_ADP_flag               ? 
_refine.ls_number_reflns_obs                     11022 
_refine.ls_number_reflns_all                     ? 
_refine.pdbx_ls_sigma_I                          ? 
_refine.pdbx_ls_sigma_F                          0.0 
_refine.pdbx_data_cutoff_high_absF               87837.03 
_refine.pdbx_data_cutoff_low_absF                ? 
_refine.pdbx_data_cutoff_high_rms_absF           ? 
_refine.ls_d_res_low                             44.12 
_refine.ls_d_res_high                            1.68 
_refine.ls_percent_reflns_obs                    98.8 
_refine.ls_R_factor_obs                          0.193 
_refine.ls_R_factor_all                          ? 
_refine.ls_R_factor_R_work                       0.193 
_refine.ls_R_factor_R_free                       0.210 
_refine.ls_R_factor_R_free_error                 0.009 
_refine.ls_R_factor_R_free_error_details         ? 
_refine.ls_percent_reflns_R_free                 5.2 
_refine.ls_number_reflns_R_free                  570 
_refine.ls_number_parameters                     ? 
_refine.ls_number_restraints                     ? 
_refine.occupancy_min                            ? 
_refine.occupancy_max                            ? 
_refine.correlation_coeff_Fo_to_Fc               ? 
_refine.correlation_coeff_Fo_to_Fc_free          ? 
_refine.B_iso_mean                               18.3 
_refine.aniso_B[1][1]                            1.60 
_refine.aniso_B[2][2]                            0.17 
_refine.aniso_B[3][3]                            -1.77 
_refine.aniso_B[1][2]                            0.00 
_refine.aniso_B[1][3]                            0.64 
_refine.aniso_B[2][3]                            0.00 
_refine.solvent_model_details                    'FLAT MODEL' 
_refine.solvent_model_param_ksol                 0.357663 
_refine.solvent_model_param_bsol                 51.1365 
_refine.pdbx_solvent_vdw_probe_radii             ? 
_refine.pdbx_solvent_ion_probe_radii             ? 
_refine.pdbx_solvent_shrinkage_radii             ? 
_refine.pdbx_ls_cross_valid_method               THROUGHOUT 
_refine.details                                  ? 
_refine.pdbx_starting_model                      'PDB ENTRIES 1MBG AND 1MBJ' 
_refine.pdbx_method_to_determine_struct          'MOLECULAR REPLACEMENT' 
_refine.pdbx_isotropic_thermal_model             RESTRAINED 
_refine.pdbx_stereochemistry_target_values       ? 
_refine.pdbx_stereochem_target_val_spec_case     ? 
_refine.pdbx_R_Free_selection_details            RANDOM 
_refine.pdbx_overall_ESU_R                       ? 
_refine.pdbx_overall_ESU_R_Free                  ? 
_refine.overall_SU_ML                            ? 
_refine.pdbx_overall_phase_error                 ? 
_refine.overall_SU_B                             ? 
_refine.overall_SU_R_Cruickshank_DPI             ? 
_refine.pdbx_overall_SU_R_free_Cruickshank_DPI   ? 
_refine.pdbx_overall_SU_R_Blow_DPI               ? 
_refine.pdbx_overall_SU_R_free_Blow_DPI          ? 
# 
_refine_analyze.pdbx_refine_id                  'X-RAY DIFFRACTION' 
_refine_analyze.entry_id                        1GV2 
_refine_analyze.Luzzati_coordinate_error_obs    0.19 
_refine_analyze.Luzzati_sigma_a_obs             0.25 
_refine_analyze.Luzzati_d_res_low_obs           50.00 
_refine_analyze.Luzzati_coordinate_error_free   0.21 
_refine_analyze.Luzzati_sigma_a_free            0.21 
_refine_analyze.Luzzati_d_res_low_free          ? 
_refine_analyze.number_disordered_residues      ? 
_refine_analyze.occupancy_sum_hydrogen          ? 
_refine_analyze.occupancy_sum_non_hydrogen      ? 
# 
_refine_hist.pdbx_refine_id                   'X-RAY DIFFRACTION' 
_refine_hist.cycle_id                         LAST 
_refine_hist.pdbx_number_atoms_protein        867 
_refine_hist.pdbx_number_atoms_nucleic_acid   0 
_refine_hist.pdbx_number_atoms_ligand         2 
_refine_hist.number_atoms_solvent             60 
_refine_hist.number_atoms_total               929 
_refine_hist.d_res_high                       1.68 
_refine_hist.d_res_low                        44.12 
# 
loop_
_refine_ls_restr.type 
_refine_ls_restr.dev_ideal 
_refine_ls_restr.dev_ideal_target 
_refine_ls_restr.weight 
_refine_ls_restr.number 
_refine_ls_restr.pdbx_refine_id 
_refine_ls_restr.pdbx_restraint_function 
c_bond_d                0.005 ?    ? ? 'X-RAY DIFFRACTION' ? 
c_bond_d_na             ?     ?    ? ? 'X-RAY DIFFRACTION' ? 
c_bond_d_prot           ?     ?    ? ? 'X-RAY DIFFRACTION' ? 
c_angle_d               ?     ?    ? ? 'X-RAY DIFFRACTION' ? 
c_angle_d_na            ?     ?    ? ? 'X-RAY DIFFRACTION' ? 
c_angle_d_prot          ?     ?    ? ? 'X-RAY DIFFRACTION' ? 
c_angle_deg             1.3   ?    ? ? 'X-RAY DIFFRACTION' ? 
c_angle_deg_na          ?     ?    ? ? 'X-RAY DIFFRACTION' ? 
c_angle_deg_prot        ?     ?    ? ? 'X-RAY DIFFRACTION' ? 
c_dihedral_angle_d      19.5  ?    ? ? 'X-RAY DIFFRACTION' ? 
c_dihedral_angle_d_na   ?     ?    ? ? 'X-RAY DIFFRACTION' ? 
c_dihedral_angle_d_prot ?     ?    ? ? 'X-RAY DIFFRACTION' ? 
c_improper_angle_d      0.80  ?    ? ? 'X-RAY DIFFRACTION' ? 
c_improper_angle_d_na   ?     ?    ? ? 'X-RAY DIFFRACTION' ? 
c_improper_angle_d_prot ?     ?    ? ? 'X-RAY DIFFRACTION' ? 
c_mcbond_it             1.74  1.50 ? ? 'X-RAY DIFFRACTION' ? 
c_mcangle_it            2.50  2.00 ? ? 'X-RAY DIFFRACTION' ? 
c_scbond_it             3.21  2.00 ? ? 'X-RAY DIFFRACTION' ? 
c_scangle_it            4.92  2.50 ? ? 'X-RAY DIFFRACTION' ? 
# 
_refine_ls_shell.pdbx_refine_id                   'X-RAY DIFFRACTION' 
_refine_ls_shell.pdbx_total_number_of_bins_used   6 
_refine_ls_shell.d_res_high                       1.68 
_refine_ls_shell.d_res_low                        1.79 
_refine_ls_shell.number_reflns_R_work             1702 
_refine_ls_shell.R_factor_R_work                  0.310 
_refine_ls_shell.percent_reflns_obs               96.9 
_refine_ls_shell.R_factor_R_free                  0.264 
_refine_ls_shell.R_factor_R_free_error            0.030 
_refine_ls_shell.percent_reflns_R_free            4.3 
_refine_ls_shell.number_reflns_R_free             77 
_refine_ls_shell.number_reflns_all                ? 
_refine_ls_shell.R_factor_all                     ? 
# 
loop_
_pdbx_xplor_file.pdbx_refine_id 
_pdbx_xplor_file.serial_no 
_pdbx_xplor_file.param_file 
_pdbx_xplor_file.topol_file 
'X-RAY DIFFRACTION' 1 PROTEIN_REP.PARAM PROTEIN.TOP 
'X-RAY DIFFRACTION' 2 ION.PARAM         ION.TOP     
'X-RAY DIFFRACTION' 3 WATER_REP.PARAM   WATER.TOP   
# 
_struct.entry_id                  1GV2 
_struct.title                     'CRYSTAL STRUCTURE OF C-MYB R2R3' 
_struct.pdbx_model_details        ? 
_struct.pdbx_CASP_flag            ? 
_struct.pdbx_model_type_details   ? 
# 
_struct_keywords.entry_id        1GV2 
_struct_keywords.pdbx_keywords   TRANSCRIPTION 
_struct_keywords.text            'TRANSCRIPTION, MYB, C-MYB, DNA BINDING, ION BINDING' 
# 
loop_
_struct_asym.id 
_struct_asym.pdbx_blank_PDB_chainid_flag 
_struct_asym.pdbx_modified 
_struct_asym.entity_id 
_struct_asym.details 
A N N 1 ? 
B N N 2 ? 
C N N 2 ? 
D N N 3 ? 
# 
loop_
_struct_conf.conf_type_id 
_struct_conf.id 
_struct_conf.pdbx_PDB_helix_id 
_struct_conf.beg_label_comp_id 
_struct_conf.beg_label_asym_id 
_struct_conf.beg_label_seq_id 
_struct_conf.pdbx_beg_PDB_ins_code 
_struct_conf.end_label_comp_id 
_struct_conf.end_label_asym_id 
_struct_conf.end_label_seq_id 
_struct_conf.pdbx_end_PDB_ins_code 
_struct_conf.beg_auth_comp_id 
_struct_conf.beg_auth_asym_id 
_struct_conf.beg_auth_seq_id 
_struct_conf.end_auth_comp_id 
_struct_conf.end_auth_asym_id 
_struct_conf.end_auth_seq_id 
_struct_conf.pdbx_PDB_helix_class 
_struct_conf.details 
_struct_conf.pdbx_PDB_helix_length 
HELX_P HELX_P1 1 THR A 8  ? GLY A 23  ? THR A 96  GLY A 111 1 ? 16 
HELX_P HELX_P2 2 ARG A 26 ? LYS A 32  ? ARG A 114 LYS A 120 1 ? 7  
HELX_P HELX_P3 3 ILE A 38 ? HIS A 49  ? ILE A 126 HIS A 137 1 ? 12 
HELX_P HELX_P4 4 THR A 60 ? GLY A 75  ? THR A 148 GLY A 163 1 ? 16 
HELX_P HELX_P5 5 ARG A 77 ? LYS A 83  ? ARG A 165 LYS A 171 1 ? 7  
HELX_P HELX_P6 6 THR A 89 ? MET A 101 ? THR A 177 MET A 189 1 ? 13 
# 
_struct_conf_type.id          HELX_P 
_struct_conf_type.criteria    ? 
_struct_conf_type.reference   ? 
# 
loop_
_struct_conn.id 
_struct_conn.conn_type_id 
_struct_conn.pdbx_leaving_atom_flag 
_struct_conn.pdbx_PDB_id 
_struct_conn.ptnr1_label_asym_id 
_struct_conn.ptnr1_label_comp_id 
_struct_conn.ptnr1_label_seq_id 
_struct_conn.ptnr1_label_atom_id 
_struct_conn.pdbx_ptnr1_label_alt_id 
_struct_conn.pdbx_ptnr1_PDB_ins_code 
_struct_conn.pdbx_ptnr1_standard_comp_id 
_struct_conn.ptnr1_symmetry 
_struct_conn.ptnr2_label_asym_id 
_struct_conn.ptnr2_label_comp_id 
_struct_conn.ptnr2_label_seq_id 
_struct_conn.ptnr2_label_atom_id 
_struct_conn.pdbx_ptnr2_label_alt_id 
_struct_conn.pdbx_ptnr2_PDB_ins_code 
_struct_conn.ptnr1_auth_asym_id 
_struct_conn.ptnr1_auth_comp_id 
_struct_conn.ptnr1_auth_seq_id 
_struct_conn.ptnr2_auth_asym_id 
_struct_conn.ptnr2_auth_comp_id 
_struct_conn.ptnr2_auth_seq_id 
_struct_conn.ptnr2_symmetry 
_struct_conn.pdbx_ptnr3_label_atom_id 
_struct_conn.pdbx_ptnr3_label_seq_id 
_struct_conn.pdbx_ptnr3_label_comp_id 
_struct_conn.pdbx_ptnr3_label_asym_id 
_struct_conn.pdbx_ptnr3_label_alt_id 
_struct_conn.pdbx_ptnr3_PDB_ins_code 
_struct_conn.details 
_struct_conn.pdbx_dist_value 
_struct_conn.pdbx_value_order 
_struct_conn.pdbx_role 
metalc1 metalc ? ? A ALA 31 O   ? ? ? 1_555 C NA  . NA ? ? A ALA 119  A NA  1192 1_555 ? ? ? ? ? ? ? 2.303 ? ? 
metalc2 metalc ? ? A LEU 34 O   ? ? ? 1_555 C NA  . NA ? ? A LEU 122  A NA  1192 1_555 ? ? ? ? ? ? ? 2.397 ? ? 
metalc3 metalc ? ? A ARG 37 O   ? ? ? 1_555 C NA  . NA ? ? A ARG 125  A NA  1192 1_555 ? ? ? ? ? ? ? 2.372 ? ? 
metalc4 metalc ? ? A ASN 48 OD1 ? ? ? 1_555 B NA  . NA ? ? A ASN 136  A NA  1191 1_555 ? ? ? ? ? ? ? 2.453 ? ? 
metalc5 metalc ? ? A ALA 82 O   ? ? ? 1_555 B NA  . NA ? ? A ALA 170  A NA  1191 1_555 ? ? ? ? ? ? ? 2.391 ? ? 
metalc6 metalc ? ? A LEU 85 O   ? ? ? 1_555 B NA  . NA ? ? A LEU 173  A NA  1191 1_555 ? ? ? ? ? ? ? 2.337 ? ? 
metalc7 metalc ? ? A ARG 88 O   ? ? ? 1_555 B NA  . NA ? ? A ARG 176  A NA  1191 1_555 ? ? ? ? ? ? ? 2.446 ? ? 
metalc8 metalc ? ? B NA  .  NA  ? ? ? 1_555 D HOH . O  ? ? A NA  1191 A HOH 2052 1_555 ? ? ? ? ? ? ? 2.392 ? ? 
# 
_struct_conn_type.id          metalc 
_struct_conn_type.criteria    ? 
_struct_conn_type.reference   ? 
# 
loop_
_struct_site.id 
_struct_site.pdbx_evidence_code 
_struct_site.pdbx_auth_asym_id 
_struct_site.pdbx_auth_comp_id 
_struct_site.pdbx_auth_seq_id 
_struct_site.pdbx_auth_ins_code 
_struct_site.pdbx_num_residues 
_struct_site.details 
AC1 Software ? ? ? ? 6 'BINDING SITE FOR RESIDUE NA A1191' 
AC2 Software ? ? ? ? 5 'BINDING SITE FOR RESIDUE NA A1192' 
# 
loop_
_struct_site_gen.id 
_struct_site_gen.site_id 
_struct_site_gen.pdbx_num_res 
_struct_site_gen.label_comp_id 
_struct_site_gen.label_asym_id 
_struct_site_gen.label_seq_id 
_struct_site_gen.pdbx_auth_ins_code 
_struct_site_gen.auth_comp_id 
_struct_site_gen.auth_asym_id 
_struct_site_gen.auth_seq_id 
_struct_site_gen.label_atom_id 
_struct_site_gen.label_alt_id 
_struct_site_gen.symmetry 
_struct_site_gen.details 
1  AC1 6 ASN A 48 ? ASN A 136  . ? 1_555 ? 
2  AC1 6 ALA A 82 ? ALA A 170  . ? 1_555 ? 
3  AC1 6 LEU A 85 ? LEU A 173  . ? 1_555 ? 
4  AC1 6 ARG A 88 ? ARG A 176  . ? 1_555 ? 
5  AC1 6 HOH D .  ? HOH A 2051 . ? 1_555 ? 
6  AC1 6 HOH D .  ? HOH A 2052 . ? 1_555 ? 
7  AC2 5 ALA A 31 ? ALA A 119  . ? 1_555 ? 
8  AC2 5 LEU A 34 ? LEU A 122  . ? 1_555 ? 
9  AC2 5 ARG A 37 ? ARG A 125  . ? 1_555 ? 
10 AC2 5 HOH D .  ? HOH A 2016 . ? 1_555 ? 
11 AC2 5 HOH D .  ? HOH A 2017 . ? 1_555 ? 
# 
_atom_sites.entry_id                    1GV2 
_atom_sites.fract_transf_matrix[1][1]   0.00841008 
_atom_sites.fract_transf_matrix[1][2]   0.02434210 
_atom_sites.fract_transf_matrix[1][3]   0.00195374 
_atom_sites.fract_transf_matrix[2][1]   0.02868319 
_atom_sites.fract_transf_matrix[2][2]   -0.01130580 
_atom_sites.fract_transf_matrix[2][3]   0.01739172 
_atom_sites.fract_transf_matrix[3][1]   0.01115246 
_atom_sites.fract_transf_matrix[3][2]   -0.00191213 
_atom_sites.fract_transf_matrix[3][3]   -0.01963614 
_atom_sites.fract_transf_vector[1]      0.340565 
_atom_sites.fract_transf_vector[2]      0.476098 
_atom_sites.fract_transf_vector[3]      0.263073 
# 
loop_
_atom_type.symbol 
C  
N  
NA 
O  
S  
# 
loop_
_atom_site.group_PDB 
_atom_site.id 
_atom_site.type_symbol 
_atom_site.label_atom_id 
_atom_site.label_alt_id 
_atom_site.label_comp_id 
_atom_site.label_asym_id 
_atom_site.label_entity_id 
_atom_site.label_seq_id 
_atom_site.pdbx_PDB_ins_code 
_atom_site.Cartn_x 
_atom_site.Cartn_y 
_atom_site.Cartn_z 
_atom_site.occupancy 
_atom_site.B_iso_or_equiv 
_atom_site.pdbx_formal_charge 
_atom_site.auth_seq_id 
_atom_site.auth_comp_id 
_atom_site.auth_asym_id 
_atom_site.auth_atom_id 
_atom_site.pdbx_PDB_model_num 
ATOM   1   N  N   . GLU A 1 1   ? 1.090   23.233  6.413   1.00 40.91 ? 89   GLU A N   1 
ATOM   2   C  CA  . GLU A 1 1   ? 1.083   22.925  4.956   1.00 40.23 ? 89   GLU A CA  1 
ATOM   3   C  C   . GLU A 1 1   ? 0.840   21.438  4.718   1.00 37.44 ? 89   GLU A C   1 
ATOM   4   O  O   . GLU A 1 1   ? -0.104  21.061  4.028   1.00 37.75 ? 89   GLU A O   1 
ATOM   5   C  CB  . GLU A 1 1   ? 2.415   23.337  4.322   1.00 42.99 ? 89   GLU A CB  1 
ATOM   6   C  CG  . GLU A 1 1   ? 2.441   23.227  2.806   1.00 46.69 ? 89   GLU A CG  1 
ATOM   7   C  CD  . GLU A 1 1   ? 1.441   24.156  2.139   1.00 51.37 ? 89   GLU A CD  1 
ATOM   8   O  OE1 . GLU A 1 1   ? 1.317   24.105  0.896   1.00 52.58 ? 89   GLU A OE1 1 
ATOM   9   O  OE2 . GLU A 1 1   ? 0.780   24.938  2.856   1.00 52.39 ? 89   GLU A OE2 1 
ATOM   10  N  N   . LEU A 1 2   ? 1.695   20.598  5.291   1.00 35.05 ? 90   LEU A N   1 
ATOM   11  C  CA  . LEU A 1 2   ? 1.566   19.151  5.137   1.00 32.39 ? 90   LEU A CA  1 
ATOM   12  C  C   . LEU A 1 2   ? 0.758   18.544  6.278   1.00 30.48 ? 90   LEU A C   1 
ATOM   13  O  O   . LEU A 1 2   ? 0.986   18.862  7.445   1.00 31.31 ? 90   LEU A O   1 
ATOM   14  C  CB  . LEU A 1 2   ? 2.951   18.496  5.108   1.00 34.66 ? 90   LEU A CB  1 
ATOM   15  C  CG  . LEU A 1 2   ? 2.984   16.968  4.959   1.00 35.49 ? 90   LEU A CG  1 
ATOM   16  C  CD1 . LEU A 1 2   ? 2.706   16.592  3.515   1.00 34.79 ? 90   LEU A CD1 1 
ATOM   17  C  CD2 . LEU A 1 2   ? 4.340   16.433  5.375   1.00 34.58 ? 90   LEU A CD2 1 
ATOM   18  N  N   . ILE A 1 3   ? -0.193  17.678  5.945   1.00 24.36 ? 91   ILE A N   1 
ATOM   19  C  CA  . ILE A 1 3   ? -0.982  17.025  6.982   1.00 20.84 ? 91   ILE A CA  1 
ATOM   20  C  C   . ILE A 1 3   ? -0.434  15.614  7.141   1.00 20.38 ? 91   ILE A C   1 
ATOM   21  O  O   . ILE A 1 3   ? 0.135   15.049  6.206   1.00 21.91 ? 91   ILE A O   1 
ATOM   22  C  CB  . ILE A 1 3   ? -2.498  16.947  6.632   1.00 19.83 ? 91   ILE A CB  1 
ATOM   23  C  CG1 . ILE A 1 3   ? -2.722  16.059  5.412   1.00 17.34 ? 91   ILE A CG1 1 
ATOM   24  C  CG2 . ILE A 1 3   ? -3.056  18.338  6.387   1.00 16.51 ? 91   ILE A CG2 1 
ATOM   25  C  CD1 . ILE A 1 3   ? -4.190  15.791  5.125   1.00 17.71 ? 91   ILE A CD1 1 
ATOM   26  N  N   . LYS A 1 4   ? -0.593  15.050  8.329   1.00 18.52 ? 92   LYS A N   1 
ATOM   27  C  CA  . LYS A 1 4   ? -0.107  13.703  8.593   1.00 19.62 ? 92   LYS A CA  1 
ATOM   28  C  C   . LYS A 1 4   ? -1.198  12.863  9.225   1.00 16.02 ? 92   LYS A C   1 
ATOM   29  O  O   . LYS A 1 4   ? -2.290  13.348  9.507   1.00 16.87 ? 92   LYS A O   1 
ATOM   30  C  CB  . LYS A 1 4   ? 1.107   13.741  9.529   1.00 21.38 ? 92   LYS A CB  1 
ATOM   31  C  CG  . LYS A 1 4   ? 2.338   14.394  8.927   1.00 26.90 ? 92   LYS A CG  1 
ATOM   32  C  CD  . LYS A 1 4   ? 2.470   15.852  9.325   1.00 29.76 ? 92   LYS A CD  1 
ATOM   33  C  CE  . LYS A 1 4   ? 2.861   15.986  10.789  1.00 32.95 ? 92   LYS A CE  1 
ATOM   34  N  NZ  . LYS A 1 4   ? 3.267   17.381  11.126  1.00 37.36 ? 92   LYS A NZ  1 
ATOM   35  N  N   . GLY A 1 5   ? -0.905  11.592  9.444   1.00 16.67 ? 93   GLY A N   1 
ATOM   36  C  CA  . GLY A 1 5   ? -1.894  10.744  10.067  1.00 16.77 ? 93   GLY A CA  1 
ATOM   37  C  C   . GLY A 1 5   ? -2.667  9.884   9.096   1.00 16.90 ? 93   GLY A C   1 
ATOM   38  O  O   . GLY A 1 5   ? -2.342  9.822   7.910   1.00 15.78 ? 93   GLY A O   1 
ATOM   39  N  N   . PRO A 1 6   ? -3.728  9.229   9.580   1.00 15.76 ? 94   PRO A N   1 
ATOM   40  C  CA  . PRO A 1 6   ? -4.575  8.346   8.784   1.00 13.55 ? 94   PRO A CA  1 
ATOM   41  C  C   . PRO A 1 6   ? -5.199  8.936   7.527   1.00 12.34 ? 94   PRO A C   1 
ATOM   42  O  O   . PRO A 1 6   ? -5.522  10.121  7.451   1.00 9.71  ? 94   PRO A O   1 
ATOM   43  C  CB  . PRO A 1 6   ? -5.625  7.884   9.789   1.00 14.52 ? 94   PRO A CB  1 
ATOM   44  C  CG  . PRO A 1 6   ? -5.774  9.082   10.676  1.00 17.35 ? 94   PRO A CG  1 
ATOM   45  C  CD  . PRO A 1 6   ? -4.339  9.485   10.898  1.00 16.13 ? 94   PRO A CD  1 
ATOM   46  N  N   . TRP A 1 7   ? -5.355  8.071   6.537   1.00 9.33  ? 95   TRP A N   1 
ATOM   47  C  CA  . TRP A 1 7   ? -5.966  8.439   5.283   1.00 10.07 ? 95   TRP A CA  1 
ATOM   48  C  C   . TRP A 1 7   ? -7.466  8.288   5.433   1.00 9.93  ? 95   TRP A C   1 
ATOM   49  O  O   . TRP A 1 7   ? -7.942  7.273   5.938   1.00 11.78 ? 95   TRP A O   1 
ATOM   50  C  CB  . TRP A 1 7   ? -5.477  7.517   4.176   1.00 11.07 ? 95   TRP A CB  1 
ATOM   51  C  CG  . TRP A 1 7   ? -4.111  7.836   3.738   1.00 12.44 ? 95   TRP A CG  1 
ATOM   52  C  CD1 . TRP A 1 7   ? -2.948  7.565   4.395   1.00 13.23 ? 95   TRP A CD1 1 
ATOM   53  C  CD2 . TRP A 1 7   ? -3.753  8.540   2.554   1.00 10.58 ? 95   TRP A CD2 1 
ATOM   54  N  NE1 . TRP A 1 7   ? -1.881  8.062   3.688   1.00 13.30 ? 95   TRP A NE1 1 
ATOM   55  C  CE2 . TRP A 1 7   ? -2.349  8.668   2.553   1.00 11.20 ? 95   TRP A CE2 1 
ATOM   56  C  CE3 . TRP A 1 7   ? -4.485  9.080   1.487   1.00 13.20 ? 95   TRP A CE3 1 
ATOM   57  C  CZ2 . TRP A 1 7   ? -1.660  9.314   1.528   1.00 12.63 ? 95   TRP A CZ2 1 
ATOM   58  C  CZ3 . TRP A 1 7   ? -3.800  9.721   0.468   1.00 14.56 ? 95   TRP A CZ3 1 
ATOM   59  C  CH2 . TRP A 1 7   ? -2.401  9.833   0.499   1.00 13.03 ? 95   TRP A CH2 1 
ATOM   60  N  N   . THR A 1 8   ? -8.211  9.300   5.007   1.00 9.84  ? 96   THR A N   1 
ATOM   61  C  CA  . THR A 1 8   ? -9.665  9.240   5.086   1.00 10.02 ? 96   THR A CA  1 
ATOM   62  C  C   . THR A 1 8   ? -10.188 8.498   3.857   1.00 10.94 ? 96   THR A C   1 
ATOM   63  O  O   . THR A 1 8   ? -9.492  8.375   2.851   1.00 9.60  ? 96   THR A O   1 
ATOM   64  C  CB  . THR A 1 8   ? -10.283 10.645  5.112   1.00 12.59 ? 96   THR A CB  1 
ATOM   65  O  OG1 . THR A 1 8   ? -10.013 11.310  3.875   1.00 12.38 ? 96   THR A OG1 1 
ATOM   66  C  CG2 . THR A 1 8   ? -9.701  11.461  6.252   1.00 13.87 ? 96   THR A CG2 1 
ATOM   67  N  N   . LYS A 1 9   ? -11.415 7.999   3.939   1.00 10.82 ? 97   LYS A N   1 
ATOM   68  C  CA  . LYS A 1 9   ? -12.000 7.292   2.812   1.00 9.89  ? 97   LYS A CA  1 
ATOM   69  C  C   . LYS A 1 9   ? -12.132 8.254   1.636   1.00 9.40  ? 97   LYS A C   1 
ATOM   70  O  O   . LYS A 1 9   ? -12.019 7.850   0.478   1.00 10.26 ? 97   LYS A O   1 
ATOM   71  C  CB  . LYS A 1 9   ? -13.353 6.700   3.222   1.00 9.99  ? 97   LYS A CB  1 
ATOM   72  C  CG  . LYS A 1 9   ? -13.195 5.537   4.213   1.00 13.29 ? 97   LYS A CG  1 
ATOM   73  C  CD  . LYS A 1 9   ? -14.527 5.038   4.750   1.00 15.84 ? 97   LYS A CD  1 
ATOM   74  C  CE  . LYS A 1 9   ? -14.329 3.966   5.815   1.00 20.61 ? 97   LYS A CE  1 
ATOM   75  N  NZ  . LYS A 1 9   ? -13.650 2.747   5.280   1.00 23.25 ? 97   LYS A NZ  1 
ATOM   76  N  N   . GLU A 1 10  ? -12.344 9.535   1.936   1.00 9.34  ? 98   GLU A N   1 
ATOM   77  C  CA  . GLU A 1 10  ? -12.461 10.541  0.885   1.00 12.60 ? 98   GLU A CA  1 
ATOM   78  C  C   . GLU A 1 10  ? -11.129 10.695  0.152   1.00 11.09 ? 98   GLU A C   1 
ATOM   79  O  O   . GLU A 1 10  ? -11.095 10.816  -1.075  1.00 10.38 ? 98   GLU A O   1 
ATOM   80  C  CB  . GLU A 1 10  ? -12.887 11.890  1.469   1.00 18.27 ? 98   GLU A CB  1 
ATOM   81  C  CG  . GLU A 1 10  ? -13.045 12.979  0.415   1.00 26.36 ? 98   GLU A CG  1 
ATOM   82  C  CD  . GLU A 1 10  ? -13.632 14.268  0.965   1.00 33.52 ? 98   GLU A CD  1 
ATOM   83  O  OE1 . GLU A 1 10  ? -13.749 15.238  0.185   1.00 37.23 ? 98   GLU A OE1 1 
ATOM   84  O  OE2 . GLU A 1 10  ? -13.976 14.318  2.167   1.00 32.86 ? 98   GLU A OE2 1 
ATOM   85  N  N   . GLU A 1 11  ? -10.030 10.701  0.902   1.00 9.07  ? 99   GLU A N   1 
ATOM   86  C  CA  . GLU A 1 11  ? -8.708  10.823  0.289   1.00 6.79  ? 99   GLU A CA  1 
ATOM   87  C  C   . GLU A 1 11  ? -8.406  9.605   -0.577  1.00 7.12  ? 99   GLU A C   1 
ATOM   88  O  O   . GLU A 1 11  ? -7.866  9.743   -1.676  1.00 6.24  ? 99   GLU A O   1 
ATOM   89  C  CB  . GLU A 1 11  ? -7.619  10.947  1.358   1.00 8.54  ? 99   GLU A CB  1 
ATOM   90  C  CG  . GLU A 1 11  ? -7.543  12.300  2.029   1.00 6.92  ? 99   GLU A CG  1 
ATOM   91  C  CD  . GLU A 1 11  ? -6.442  12.350  3.060   1.00 8.03  ? 99   GLU A CD  1 
ATOM   92  O  OE1 . GLU A 1 11  ? -6.472  11.526  4.000   1.00 12.44 ? 99   GLU A OE1 1 
ATOM   93  O  OE2 . GLU A 1 11  ? -5.544  13.205  2.930   1.00 11.84 ? 99   GLU A OE2 1 
ATOM   94  N  N   . ASP A 1 12  ? -8.747  8.415   -0.078  1.00 5.52  ? 100  ASP A N   1 
ATOM   95  C  CA  . ASP A 1 12  ? -8.499  7.180   -0.824  1.00 6.61  ? 100  ASP A CA  1 
ATOM   96  C  C   . ASP A 1 12  ? -9.254  7.190   -2.148  1.00 7.44  ? 100  ASP A C   1 
ATOM   97  O  O   . ASP A 1 12  ? -8.710  6.817   -3.188  1.00 7.26  ? 100  ASP A O   1 
ATOM   98  C  CB  . ASP A 1 12  ? -8.915  5.948   -0.011  1.00 5.97  ? 100  ASP A CB  1 
ATOM   99  C  CG  . ASP A 1 12  ? -7.928  5.611   1.100   1.00 9.86  ? 100  ASP A CG  1 
ATOM   100 O  OD1 . ASP A 1 12  ? -6.778  6.103   1.060   1.00 11.23 ? 100  ASP A OD1 1 
ATOM   101 O  OD2 . ASP A 1 12  ? -8.299  4.831   2.007   1.00 11.35 ? 100  ASP A OD2 1 
ATOM   102 N  N   . GLN A 1 13  ? -10.512 7.609   -2.105  1.00 7.41  ? 101  GLN A N   1 
ATOM   103 C  CA  . GLN A 1 13  ? -11.331 7.679   -3.310  1.00 6.97  ? 101  GLN A CA  1 
ATOM   104 C  C   . GLN A 1 13  ? -10.690 8.627   -4.310  1.00 9.07  ? 101  GLN A C   1 
ATOM   105 O  O   . GLN A 1 13  ? -10.609 8.331   -5.506  1.00 10.87 ? 101  GLN A O   1 
ATOM   106 C  CB  . GLN A 1 13  ? -12.735 8.174   -2.961  1.00 7.94  ? 101  GLN A CB  1 
ATOM   107 C  CG  . GLN A 1 13  ? -13.639 7.106   -2.373  1.00 8.58  ? 101  GLN A CG  1 
ATOM   108 C  CD  . GLN A 1 13  ? -13.942 5.997   -3.370  1.00 15.01 ? 101  GLN A CD  1 
ATOM   109 O  OE1 . GLN A 1 13  ? -13.393 4.900   -3.285  1.00 18.56 ? 101  GLN A OE1 1 
ATOM   110 N  NE2 . GLN A 1 13  ? -14.816 6.289   -4.329  1.00 15.67 ? 101  GLN A NE2 1 
ATOM   111 N  N   . ARG A 1 14  ? -10.229 9.768   -3.806  1.00 7.39  ? 102  ARG A N   1 
ATOM   112 C  CA  . ARG A 1 14  ? -9.595  10.782  -4.635  1.00 8.83  ? 102  ARG A CA  1 
ATOM   113 C  C   . ARG A 1 14  ? -8.335  10.255  -5.322  1.00 7.73  ? 102  ARG A C   1 
ATOM   114 O  O   . ARG A 1 14  ? -8.125  10.494  -6.507  1.00 8.88  ? 102  ARG A O   1 
ATOM   115 C  CB  . ARG A 1 14  ? -9.250  12.001  -3.780  1.00 12.69 ? 102  ARG A CB  1 
ATOM   116 C  CG  . ARG A 1 14  ? -8.727  13.192  -4.559  1.00 23.76 ? 102  ARG A CG  1 
ATOM   117 C  CD  . ARG A 1 14  ? -9.760  14.301  -4.575  1.00 32.78 ? 102  ARG A CD  1 
ATOM   118 N  NE  . ARG A 1 14  ? -10.199 14.635  -3.223  1.00 38.06 ? 102  ARG A NE  1 
ATOM   119 C  CZ  . ARG A 1 14  ? -11.162 15.506  -2.942  1.00 41.72 ? 102  ARG A CZ  1 
ATOM   120 N  NH1 . ARG A 1 14  ? -11.495 15.744  -1.681  1.00 41.96 ? 102  ARG A NH1 1 
ATOM   121 N  NH2 . ARG A 1 14  ? -11.795 16.138  -3.923  1.00 42.44 ? 102  ARG A NH2 1 
ATOM   122 N  N   . VAL A 1 15  ? -7.493  9.536   -4.584  1.00 7.29  ? 103  VAL A N   1 
ATOM   123 C  CA  . VAL A 1 15  ? -6.271  9.002   -5.179  1.00 7.65  ? 103  VAL A CA  1 
ATOM   124 C  C   . VAL A 1 15  ? -6.595  8.045   -6.327  1.00 9.03  ? 103  VAL A C   1 
ATOM   125 O  O   . VAL A 1 15  ? -5.983  8.116   -7.394  1.00 9.83  ? 103  VAL A O   1 
ATOM   126 C  CB  . VAL A 1 15  ? -5.391  8.274   -4.121  1.00 10.07 ? 103  VAL A CB  1 
ATOM   127 C  CG1 . VAL A 1 15  ? -4.226  7.552   -4.807  1.00 7.93  ? 103  VAL A CG1 1 
ATOM   128 C  CG2 . VAL A 1 15  ? -4.847  9.291   -3.124  1.00 8.29  ? 103  VAL A CG2 1 
ATOM   129 N  N   . ILE A 1 16  ? -7.563  7.156   -6.118  1.00 5.38  ? 104  ILE A N   1 
ATOM   130 C  CA  . ILE A 1 16  ? -7.930  6.211   -7.165  1.00 5.64  ? 104  ILE A CA  1 
ATOM   131 C  C   . ILE A 1 16  ? -8.413  6.947   -8.423  1.00 7.66  ? 104  ILE A C   1 
ATOM   132 O  O   . ILE A 1 16  ? -8.003  6.621   -9.536  1.00 8.03  ? 104  ILE A O   1 
ATOM   133 C  CB  . ILE A 1 16  ? -9.043  5.245   -6.694  1.00 8.16  ? 104  ILE A CB  1 
ATOM   134 C  CG1 . ILE A 1 16  ? -8.537  4.398   -5.523  1.00 9.25  ? 104  ILE A CG1 1 
ATOM   135 C  CG2 . ILE A 1 16  ? -9.469  4.352   -7.846  1.00 9.70  ? 104  ILE A CG2 1 
ATOM   136 C  CD1 . ILE A 1 16  ? -9.596  3.476   -4.926  1.00 13.40 ? 104  ILE A CD1 1 
ATOM   137 N  N   . LYS A 1 17  ? -9.282  7.938   -8.243  1.00 8.10  ? 105  LYS A N   1 
ATOM   138 C  CA  . LYS A 1 17  ? -9.806  8.711   -9.371  1.00 9.66  ? 105  LYS A CA  1 
ATOM   139 C  C   . LYS A 1 17  ? -8.694  9.422   -10.139 1.00 10.88 ? 105  LYS A C   1 
ATOM   140 O  O   . LYS A 1 17  ? -8.704  9.467   -11.372 1.00 10.89 ? 105  LYS A O   1 
ATOM   141 C  CB  . LYS A 1 17  ? -10.819 9.752   -8.875  1.00 11.09 ? 105  LYS A CB  1 
ATOM   142 C  CG  . LYS A 1 17  ? -12.103 9.144   -8.352  1.00 14.02 ? 105  LYS A CG  1 
ATOM   143 C  CD  . LYS A 1 17  ? -13.132 10.192  -7.957  1.00 18.48 ? 105  LYS A CD  1 
ATOM   144 C  CE  . LYS A 1 17  ? -12.794 10.844  -6.635  1.00 25.31 ? 105  LYS A CE  1 
ATOM   145 N  NZ  . LYS A 1 17  ? -13.952 11.620  -6.101  1.00 30.58 ? 105  LYS A NZ  1 
ATOM   146 N  N   . LEU A 1 18  ? -7.736  9.978   -9.405  1.00 10.23 ? 106  LEU A N   1 
ATOM   147 C  CA  . LEU A 1 18  ? -6.628  10.704  -10.014 1.00 9.62  ? 106  LEU A CA  1 
ATOM   148 C  C   . LEU A 1 18  ? -5.644  9.784   -10.721 1.00 9.43  ? 106  LEU A C   1 
ATOM   149 O  O   . LEU A 1 18  ? -5.023  10.175  -11.708 1.00 8.66  ? 106  LEU A O   1 
ATOM   150 C  CB  . LEU A 1 18  ? -5.920  11.555  -8.956  1.00 10.00 ? 106  LEU A CB  1 
ATOM   151 C  CG  . LEU A 1 18  ? -6.779  12.725  -8.454  1.00 11.35 ? 106  LEU A CG  1 
ATOM   152 C  CD1 . LEU A 1 18  ? -6.160  13.350  -7.219  1.00 11.88 ? 106  LEU A CD1 1 
ATOM   153 C  CD2 . LEU A 1 18  ? -6.936  13.753  -9.564  1.00 16.32 ? 106  LEU A CD2 1 
ATOM   154 N  N   . VAL A 1 19  ? -5.500  8.559   -10.225 1.00 9.29  ? 107  VAL A N   1 
ATOM   155 C  CA  . VAL A 1 19  ? -4.603  7.611   -10.867 1.00 10.48 ? 107  VAL A CA  1 
ATOM   156 C  C   . VAL A 1 19  ? -5.199  7.226   -12.217 1.00 11.02 ? 107  VAL A C   1 
ATOM   157 O  O   . VAL A 1 19  ? -4.474  7.013   -13.189 1.00 11.32 ? 107  VAL A O   1 
ATOM   158 C  CB  . VAL A 1 19  ? -4.416  6.342   -10.015 1.00 10.51 ? 107  VAL A CB  1 
ATOM   159 C  CG1 . VAL A 1 19  ? -3.727  5.254   -10.837 1.00 12.39 ? 107  VAL A CG1 1 
ATOM   160 C  CG2 . VAL A 1 19  ? -3.577  6.674   -8.788  1.00 13.50 ? 107  VAL A CG2 1 
ATOM   161 N  N   . GLN A 1 20  ? -6.524  7.138   -12.278 1.00 8.92  ? 108  GLN A N   1 
ATOM   162 C  CA  . GLN A 1 20  ? -7.175  6.792   -13.534 1.00 10.27 ? 108  GLN A CA  1 
ATOM   163 C  C   . GLN A 1 20  ? -6.983  7.934   -14.528 1.00 11.03 ? 108  GLN A C   1 
ATOM   164 O  O   . GLN A 1 20  ? -6.883  7.707   -15.731 1.00 14.75 ? 108  GLN A O   1 
ATOM   165 C  CB  . GLN A 1 20  ? -8.669  6.536   -13.313 1.00 13.67 ? 108  GLN A CB  1 
ATOM   166 C  CG  . GLN A 1 20  ? -8.954  5.461   -12.273 1.00 15.55 ? 108  GLN A CG  1 
ATOM   167 C  CD  . GLN A 1 20  ? -10.426 5.111   -12.177 1.00 18.99 ? 108  GLN A CD  1 
ATOM   168 O  OE1 . GLN A 1 20  ? -11.297 5.956   -12.394 1.00 23.40 ? 108  GLN A OE1 1 
ATOM   169 N  NE2 . GLN A 1 20  ? -10.711 3.862   -11.833 1.00 16.97 ? 108  GLN A NE2 1 
ATOM   170 N  N   . LYS A 1 21  ? -6.913  9.161   -14.023 1.00 9.04  ? 109  LYS A N   1 
ATOM   171 C  CA  . LYS A 1 21  ? -6.738  10.319  -14.893 1.00 8.71  ? 109  LYS A CA  1 
ATOM   172 C  C   . LYS A 1 21  ? -5.308  10.504  -15.389 1.00 10.92 ? 109  LYS A C   1 
ATOM   173 O  O   . LYS A 1 21  ? -5.077  10.654  -16.593 1.00 9.95  ? 109  LYS A O   1 
ATOM   174 C  CB  . LYS A 1 21  ? -7.177  11.601  -14.183 1.00 9.60  ? 109  LYS A CB  1 
ATOM   175 C  CG  . LYS A 1 21  ? -6.958  12.856  -15.030 1.00 14.23 ? 109  LYS A CG  1 
ATOM   176 C  CD  . LYS A 1 21  ? -7.461  14.119  -14.341 1.00 19.21 ? 109  LYS A CD  1 
ATOM   177 C  CE  . LYS A 1 21  ? -7.141  15.350  -15.177 1.00 23.20 ? 109  LYS A CE  1 
ATOM   178 N  NZ  . LYS A 1 21  ? -7.536  16.613  -14.494 1.00 25.50 ? 109  LYS A NZ  1 
ATOM   179 N  N   . TYR A 1 22  ? -4.357  10.480  -14.456 1.00 9.67  ? 110  TYR A N   1 
ATOM   180 C  CA  . TYR A 1 22  ? -2.943  10.700  -14.770 1.00 10.43 ? 110  TYR A CA  1 
ATOM   181 C  C   . TYR A 1 22  ? -2.074  9.463   -14.930 1.00 12.01 ? 110  TYR A C   1 
ATOM   182 O  O   . TYR A 1 22  ? -0.950  9.553   -15.428 1.00 13.21 ? 110  TYR A O   1 
ATOM   183 C  CB  . TYR A 1 22  ? -2.312  11.571  -13.683 1.00 12.19 ? 110  TYR A CB  1 
ATOM   184 C  CG  . TYR A 1 22  ? -2.898  12.956  -13.574 1.00 13.93 ? 110  TYR A CG  1 
ATOM   185 C  CD1 . TYR A 1 22  ? -2.594  13.939  -14.515 1.00 15.21 ? 110  TYR A CD1 1 
ATOM   186 C  CD2 . TYR A 1 22  ? -3.752  13.289  -12.523 1.00 12.34 ? 110  TYR A CD2 1 
ATOM   187 C  CE1 . TYR A 1 22  ? -3.121  15.225  -14.409 1.00 18.15 ? 110  TYR A CE1 1 
ATOM   188 C  CE2 . TYR A 1 22  ? -4.287  14.569  -12.409 1.00 17.29 ? 110  TYR A CE2 1 
ATOM   189 C  CZ  . TYR A 1 22  ? -3.965  15.532  -13.353 1.00 16.88 ? 110  TYR A CZ  1 
ATOM   190 O  OH  . TYR A 1 22  ? -4.470  16.807  -13.231 1.00 22.10 ? 110  TYR A OH  1 
ATOM   191 N  N   . GLY A 1 23  ? -2.575  8.314   -14.499 1.00 11.23 ? 111  GLY A N   1 
ATOM   192 C  CA  . GLY A 1 23  ? -1.780  7.105   -14.591 1.00 13.08 ? 111  GLY A CA  1 
ATOM   193 C  C   . GLY A 1 23  ? -1.023  6.925   -13.284 1.00 16.61 ? 111  GLY A C   1 
ATOM   194 O  O   . GLY A 1 23  ? -1.011  7.841   -12.461 1.00 14.86 ? 111  GLY A O   1 
ATOM   195 N  N   . PRO A 1 24  ? -0.387  5.759   -13.060 1.00 18.37 ? 112  PRO A N   1 
ATOM   196 C  CA  . PRO A 1 24  ? 0.377   5.443   -11.846 1.00 19.56 ? 112  PRO A CA  1 
ATOM   197 C  C   A PRO A 1 24  ? 1.809   6.054   -11.827 0.50 19.19 ? 112  PRO A C   1 
ATOM   198 C  C   B PRO A 1 24  ? 1.714   6.110   -11.711 0.50 20.54 ? 112  PRO A C   1 
ATOM   199 O  O   A PRO A 1 24  ? 2.711   5.434   -11.264 0.50 17.65 ? 112  PRO A O   1 
ATOM   200 O  O   B PRO A 1 24  ? 2.537   5.745   -10.872 0.50 22.54 ? 112  PRO A O   1 
ATOM   201 C  CB  . PRO A 1 24  ? 0.465   3.916   -11.861 1.00 23.01 ? 112  PRO A CB  1 
ATOM   202 C  CG  . PRO A 1 24  ? -0.687  3.497   -12.730 1.00 23.22 ? 112  PRO A CG  1 
ATOM   203 C  CD  . PRO A 1 24  ? -0.649  4.529   -13.826 1.00 18.05 ? 112  PRO A CD  1 
ATOM   204 N  N   A LYS A 1 25  ? 2.046   7.231   -12.426 0.50 17.62 ? 113  LYS A N   1 
ATOM   205 N  N   B LYS A 1 25  ? 1.931   7.085   -12.573 0.50 19.95 ? 113  LYS A N   1 
ATOM   206 C  CA  A LYS A 1 25  ? 3.412   7.799   -12.415 0.50 17.18 ? 113  LYS A CA  1 
ATOM   207 C  CA  B LYS A 1 25  ? 3.133   7.866   -12.516 0.50 17.84 ? 113  LYS A CA  1 
ATOM   208 C  C   A LYS A 1 25  ? 3.630   9.325   -12.564 0.50 14.04 ? 113  LYS A C   1 
ATOM   209 C  C   B LYS A 1 25  ? 2.562   9.187   -12.038 0.50 15.51 ? 113  LYS A C   1 
ATOM   210 O  O   A LYS A 1 25  ? 4.660   9.762   -13.084 0.50 14.58 ? 113  LYS A O   1 
ATOM   211 O  O   B LYS A 1 25  ? 1.582   9.229   -11.288 0.50 18.12 ? 113  LYS A O   1 
ATOM   212 C  CB  A LYS A 1 25  ? 4.279   7.099   -13.471 0.50 21.08 ? 113  LYS A CB  1 
ATOM   213 C  CB  B LYS A 1 25  ? 3.759   8.022   -13.905 0.50 20.66 ? 113  LYS A CB  1 
ATOM   214 C  CG  A LYS A 1 25  ? 4.038   7.570   -14.899 0.50 26.07 ? 113  LYS A CG  1 
ATOM   215 C  CG  B LYS A 1 25  ? 2.819   8.585   -14.965 0.50 22.08 ? 113  LYS A CG  1 
ATOM   216 C  CD  A LYS A 1 25  ? 5.226   7.238   -15.792 0.50 27.55 ? 113  LYS A CD  1 
ATOM   217 C  CD  B LYS A 1 25  ? 1.934   7.505   -15.562 0.50 19.02 ? 113  LYS A CD  1 
ATOM   218 C  CE  A LYS A 1 25  ? 5.078   7.871   -17.170 0.50 29.29 ? 113  LYS A CE  1 
ATOM   219 C  CE  B LYS A 1 25  ? 2.761   6.531   -16.382 0.50 21.52 ? 113  LYS A CE  1 
ATOM   220 N  NZ  A LYS A 1 25  ? 6.306   7.692   -18.001 0.50 25.98 ? 113  LYS A NZ  1 
ATOM   221 N  NZ  B LYS A 1 25  ? 3.573   7.250   -17.411 0.50 19.61 ? 113  LYS A NZ  1 
ATOM   222 N  N   A ARG A 1 26  ? 2.675   10.120  -12.100 0.50 9.83  ? 114  ARG A N   1 
ATOM   223 N  N   B ARG A 1 26  ? 3.161   10.263  -12.499 0.50 11.39 ? 114  ARG A N   1 
ATOM   224 C  CA  . ARG A 1 26  ? 2.729   11.592  -12.146 1.00 8.72  ? 114  ARG A CA  1 
ATOM   225 C  C   . ARG A 1 26  ? 2.287   11.899  -10.723 1.00 8.56  ? 114  ARG A C   1 
ATOM   226 O  O   . ARG A 1 26  ? 1.404   12.721  -10.499 1.00 8.80  ? 114  ARG A O   1 
ATOM   227 C  CB  . ARG A 1 26  ? 1.668   12.080  -13.135 1.00 8.76  ? 114  ARG A CB  1 
ATOM   228 C  CG  . ARG A 1 26  ? 2.045   11.801  -14.577 1.00 8.30  ? 114  ARG A CG  1 
ATOM   229 C  CD  . ARG A 1 26  ? 1.141   12.509  -15.569 1.00 8.78  ? 114  ARG A CD  1 
ATOM   230 N  NE  . ARG A 1 26  ? 1.736   12.456  -16.902 1.00 9.24  ? 114  ARG A NE  1 
ATOM   231 C  CZ  . ARG A 1 26  ? 1.673   11.406  -17.714 1.00 11.96 ? 114  ARG A CZ  1 
ATOM   232 N  NH1 . ARG A 1 26  ? 1.024   10.304  -17.350 1.00 8.11  ? 114  ARG A NH1 1 
ATOM   233 N  NH2 . ARG A 1 26  ? 2.294   11.447  -18.887 1.00 10.47 ? 114  ARG A NH2 1 
ATOM   234 N  N   . TRP A 1 27  ? 2.926   11.248  -9.757  1.00 9.54  ? 115  TRP A N   1 
ATOM   235 C  CA  . TRP A 1 27  ? 2.567   11.431  -8.355  1.00 8.28  ? 115  TRP A CA  1 
ATOM   236 C  C   . TRP A 1 27  ? 2.564   12.863  -7.847  1.00 8.81  ? 115  TRP A C   1 
ATOM   237 O  O   . TRP A 1 27  ? 1.712   13.225  -7.036  1.00 12.31 ? 115  TRP A O   1 
ATOM   238 C  CB  . TRP A 1 27  ? 3.475   10.574  -7.478  1.00 9.51  ? 115  TRP A CB  1 
ATOM   239 C  CG  . TRP A 1 27  ? 3.334   9.128   -7.791  1.00 8.44  ? 115  TRP A CG  1 
ATOM   240 C  CD1 . TRP A 1 27  ? 4.284   8.302   -8.326  1.00 5.78  ? 115  TRP A CD1 1 
ATOM   241 C  CD2 . TRP A 1 27  ? 2.153   8.337   -7.631  1.00 7.73  ? 115  TRP A CD2 1 
ATOM   242 N  NE1 . TRP A 1 27  ? 3.763   7.042   -8.509  1.00 10.26 ? 115  TRP A NE1 1 
ATOM   243 C  CE2 . TRP A 1 27  ? 2.455   7.036   -8.091  1.00 8.11  ? 115  TRP A CE2 1 
ATOM   244 C  CE3 . TRP A 1 27  ? 0.862   8.601   -7.147  1.00 8.74  ? 115  TRP A CE3 1 
ATOM   245 C  CZ2 . TRP A 1 27  ? 1.515   6.002   -8.080  1.00 10.34 ? 115  TRP A CZ2 1 
ATOM   246 C  CZ3 . TRP A 1 27  ? -0.074  7.573   -7.139  1.00 8.80  ? 115  TRP A CZ3 1 
ATOM   247 C  CH2 . TRP A 1 27  ? 0.259   6.288   -7.603  1.00 10.19 ? 115  TRP A CH2 1 
ATOM   248 N  N   . SER A 1 28  ? 3.505   13.682  -8.302  1.00 10.66 ? 116  SER A N   1 
ATOM   249 C  CA  . SER A 1 28  ? 3.544   15.066  -7.843  1.00 14.46 ? 116  SER A CA  1 
ATOM   250 C  C   . SER A 1 28  ? 2.356   15.846  -8.393  1.00 14.98 ? 116  SER A C   1 
ATOM   251 O  O   . SER A 1 28  ? 1.858   16.770  -7.750  1.00 16.56 ? 116  SER A O   1 
ATOM   252 C  CB  . SER A 1 28  ? 4.862   15.736  -8.254  1.00 16.85 ? 116  SER A CB  1 
ATOM   253 O  OG  . SER A 1 28  ? 5.090   15.625  -9.646  1.00 19.69 ? 116  SER A OG  1 
ATOM   254 N  N   . VAL A 1 29  ? 1.890   15.467  -9.579  1.00 14.40 ? 117  VAL A N   1 
ATOM   255 C  CA  . VAL A 1 29  ? 0.747   16.146  -10.182 1.00 10.84 ? 117  VAL A CA  1 
ATOM   256 C  C   . VAL A 1 29  ? -0.522  15.717  -9.449  1.00 11.45 ? 117  VAL A C   1 
ATOM   257 O  O   . VAL A 1 29  ? -1.393  16.538  -9.153  1.00 10.98 ? 117  VAL A O   1 
ATOM   258 C  CB  . VAL A 1 29  ? 0.623   15.800  -11.682 1.00 11.02 ? 117  VAL A CB  1 
ATOM   259 C  CG1 . VAL A 1 29  ? -0.596  16.487  -12.274 1.00 12.76 ? 117  VAL A CG1 1 
ATOM   260 C  CG2 . VAL A 1 29  ? 1.884   16.236  -12.417 1.00 14.69 ? 117  VAL A CG2 1 
ATOM   261 N  N   . ILE A 1 30  ? -0.618  14.424  -9.157  1.00 9.10  ? 118  ILE A N   1 
ATOM   262 C  CA  . ILE A 1 30  ? -1.766  13.882  -8.441  1.00 9.80  ? 118  ILE A CA  1 
ATOM   263 C  C   . ILE A 1 30  ? -1.873  14.519  -7.056  1.00 9.91  ? 118  ILE A C   1 
ATOM   264 O  O   . ILE A 1 30  ? -2.961  14.883  -6.605  1.00 9.84  ? 118  ILE A O   1 
ATOM   265 C  CB  . ILE A 1 30  ? -1.628  12.344  -8.270  1.00 7.77  ? 118  ILE A CB  1 
ATOM   266 C  CG1 . ILE A 1 30  ? -1.814  11.653  -9.625  1.00 9.26  ? 118  ILE A CG1 1 
ATOM   267 C  CG2 . ILE A 1 30  ? -2.627  11.836  -7.233  1.00 11.86 ? 118  ILE A CG2 1 
ATOM   268 C  CD1 . ILE A 1 30  ? -1.623  10.146  -9.583  1.00 10.67 ? 118  ILE A CD1 1 
ATOM   269 N  N   . ALA A 1 31  ? -0.731  14.655  -6.388  1.00 10.46 ? 119  ALA A N   1 
ATOM   270 C  CA  . ALA A 1 31  ? -0.689  15.220  -5.047  1.00 10.35 ? 119  ALA A CA  1 
ATOM   271 C  C   . ALA A 1 31  ? -1.184  16.662  -4.954  1.00 12.80 ? 119  ALA A C   1 
ATOM   272 O  O   . ALA A 1 31  ? -1.637  17.095  -3.895  1.00 11.56 ? 119  ALA A O   1 
ATOM   273 C  CB  . ALA A 1 31  ? 0.728   15.115  -4.488  1.00 10.20 ? 119  ALA A CB  1 
ATOM   274 N  N   . LYS A 1 32  ? -1.101  17.411  -6.051  1.00 13.54 ? 120  LYS A N   1 
ATOM   275 C  CA  . LYS A 1 32  ? -1.553  18.801  -6.037  1.00 14.88 ? 120  LYS A CA  1 
ATOM   276 C  C   . LYS A 1 32  ? -3.047  18.899  -5.759  1.00 16.25 ? 120  LYS A C   1 
ATOM   277 O  O   . LYS A 1 32  ? -3.534  19.936  -5.308  1.00 17.72 ? 120  LYS A O   1 
ATOM   278 C  CB  . LYS A 1 32  ? -1.244  19.483  -7.374  1.00 20.36 ? 120  LYS A CB  1 
ATOM   279 C  CG  . LYS A 1 32  ? 0.235   19.606  -7.692  1.00 27.61 ? 120  LYS A CG  1 
ATOM   280 C  CD  . LYS A 1 32  ? 0.941   20.518  -6.703  1.00 34.48 ? 120  LYS A CD  1 
ATOM   281 C  CE  . LYS A 1 32  ? 2.423   20.644  -7.031  1.00 38.88 ? 120  LYS A CE  1 
ATOM   282 N  NZ  . LYS A 1 32  ? 2.644   21.179  -8.406  1.00 38.87 ? 120  LYS A NZ  1 
ATOM   283 N  N   . HIS A 1 33  ? -3.774  17.817  -6.027  1.00 14.29 ? 121  HIS A N   1 
ATOM   284 C  CA  . HIS A 1 33  ? -5.219  17.793  -5.820  1.00 16.73 ? 121  HIS A CA  1 
ATOM   285 C  C   . HIS A 1 33  ? -5.631  17.422  -4.403  1.00 17.05 ? 121  HIS A C   1 
ATOM   286 O  O   . HIS A 1 33  ? -6.800  17.566  -4.037  1.00 19.40 ? 121  HIS A O   1 
ATOM   287 C  CB  . HIS A 1 33  ? -5.883  16.820  -6.797  1.00 18.46 ? 121  HIS A CB  1 
ATOM   288 C  CG  . HIS A 1 33  ? -5.721  17.199  -8.234  1.00 22.06 ? 121  HIS A CG  1 
ATOM   289 N  ND1 . HIS A 1 33  ? -4.511  17.138  -8.890  1.00 22.98 ? 121  HIS A ND1 1 
ATOM   290 C  CD2 . HIS A 1 33  ? -6.620  17.649  -9.144  1.00 24.78 ? 121  HIS A CD2 1 
ATOM   291 C  CE1 . HIS A 1 33  ? -4.669  17.532  -10.141 1.00 23.79 ? 121  HIS A CE1 1 
ATOM   292 N  NE2 . HIS A 1 33  ? -5.939  17.848  -10.321 1.00 26.75 ? 121  HIS A NE2 1 
ATOM   293 N  N   . LEU A 1 34  ? -4.688  16.928  -3.608  1.00 14.14 ? 122  LEU A N   1 
ATOM   294 C  CA  . LEU A 1 34  ? -5.000  16.547  -2.236  1.00 14.90 ? 122  LEU A CA  1 
ATOM   295 C  C   . LEU A 1 34  ? -4.395  17.498  -1.219  1.00 18.65 ? 122  LEU A C   1 
ATOM   296 O  O   . LEU A 1 34  ? -3.183  17.695  -1.182  1.00 20.91 ? 122  LEU A O   1 
ATOM   297 C  CB  . LEU A 1 34  ? -4.518  15.125  -1.937  1.00 17.05 ? 122  LEU A CB  1 
ATOM   298 C  CG  . LEU A 1 34  ? -5.366  13.975  -2.488  1.00 20.17 ? 122  LEU A CG  1 
ATOM   299 C  CD1 . LEU A 1 34  ? -5.015  13.725  -3.947  1.00 22.97 ? 122  LEU A CD1 1 
ATOM   300 C  CD2 . LEU A 1 34  ? -5.113  12.723  -1.666  1.00 21.97 ? 122  LEU A CD2 1 
ATOM   301 N  N   . LYS A 1 35  ? -5.254  18.078  -0.388  1.00 17.61 ? 123  LYS A N   1 
ATOM   302 C  CA  . LYS A 1 35  ? -4.819  19.000  0.649   1.00 17.37 ? 123  LYS A CA  1 
ATOM   303 C  C   . LYS A 1 35  ? -3.778  18.376  1.570   1.00 15.93 ? 123  LYS A C   1 
ATOM   304 O  O   . LYS A 1 35  ? -3.997  17.303  2.139   1.00 16.00 ? 123  LYS A O   1 
ATOM   305 C  CB  . LYS A 1 35  ? -6.022  19.450  1.493   1.00 18.14 ? 123  LYS A CB  1 
ATOM   306 C  CG  . LYS A 1 35  ? -5.648  20.262  2.733   1.00 21.33 ? 123  LYS A CG  1 
ATOM   307 C  CD  . LYS A 1 35  ? -6.837  20.433  3.668   1.00 22.14 ? 123  LYS A CD  1 
ATOM   308 C  CE  . LYS A 1 35  ? -6.429  21.095  4.977   1.00 25.09 ? 123  LYS A CE  1 
ATOM   309 N  NZ  . LYS A 1 35  ? -7.584  21.257  5.910   1.00 22.02 ? 123  LYS A NZ  1 
ATOM   310 N  N   . GLY A 1 36  ? -2.640  19.053  1.703   1.00 15.31 ? 124  GLY A N   1 
ATOM   311 C  CA  . GLY A 1 36  ? -1.585  18.598  2.591   1.00 12.93 ? 124  GLY A CA  1 
ATOM   312 C  C   . GLY A 1 36  ? -0.850  17.298  2.324   1.00 15.87 ? 124  GLY A C   1 
ATOM   313 O  O   . GLY A 1 36  ? -0.064  16.865  3.162   1.00 15.31 ? 124  GLY A O   1 
ATOM   314 N  N   . ARG A 1 37  ? -1.094  16.659  1.184   1.00 14.27 ? 125  ARG A N   1 
ATOM   315 C  CA  . ARG A 1 37  ? -0.397  15.415  0.876   1.00 12.64 ? 125  ARG A CA  1 
ATOM   316 C  C   . ARG A 1 37  ? 0.592   15.662  -0.257  1.00 12.62 ? 125  ARG A C   1 
ATOM   317 O  O   . ARG A 1 37  ? 0.324   16.467  -1.147  1.00 14.82 ? 125  ARG A O   1 
ATOM   318 C  CB  . ARG A 1 37  ? -1.391  14.330  0.450   1.00 11.72 ? 125  ARG A CB  1 
ATOM   319 C  CG  . ARG A 1 37  ? -2.446  13.971  1.487   1.00 13.07 ? 125  ARG A CG  1 
ATOM   320 C  CD  . ARG A 1 37  ? -1.857  13.236  2.684   1.00 12.69 ? 125  ARG A CD  1 
ATOM   321 N  NE  . ARG A 1 37  ? -2.920  12.684  3.521   1.00 12.66 ? 125  ARG A NE  1 
ATOM   322 C  CZ  . ARG A 1 37  ? -2.721  11.964  4.620   1.00 12.22 ? 125  ARG A CZ  1 
ATOM   323 N  NH1 . ARG A 1 37  ? -1.490  11.695  5.035   1.00 11.85 ? 125  ARG A NH1 1 
ATOM   324 N  NH2 . ARG A 1 37  ? -3.758  11.510  5.305   1.00 12.84 ? 125  ARG A NH2 1 
ATOM   325 N  N   . ILE A 1 38  ? 1.736   14.982  -0.226  1.00 11.31 ? 126  ILE A N   1 
ATOM   326 C  CA  . ILE A 1 38  ? 2.729   15.143  -1.288  1.00 12.34 ? 126  ILE A CA  1 
ATOM   327 C  C   . ILE A 1 38  ? 2.808   13.886  -2.156  1.00 11.61 ? 126  ILE A C   1 
ATOM   328 O  O   . ILE A 1 38  ? 2.242   12.853  -1.813  1.00 8.86  ? 126  ILE A O   1 
ATOM   329 C  CB  . ILE A 1 38  ? 4.135   15.456  -0.718  1.00 13.74 ? 126  ILE A CB  1 
ATOM   330 C  CG1 . ILE A 1 38  ? 4.615   14.300  0.158   1.00 13.30 ? 126  ILE A CG1 1 
ATOM   331 C  CG2 . ILE A 1 38  ? 4.092   16.764  0.074   1.00 16.21 ? 126  ILE A CG2 1 
ATOM   332 C  CD1 . ILE A 1 38  ? 6.013   14.487  0.721   1.00 16.94 ? 126  ILE A CD1 1 
ATOM   333 N  N   . GLY A 1 39  ? 3.520   13.988  -3.276  1.00 11.70 ? 127  GLY A N   1 
ATOM   334 C  CA  . GLY A 1 39  ? 3.647   12.867  -4.198  1.00 11.23 ? 127  GLY A CA  1 
ATOM   335 C  C   . GLY A 1 39  ? 3.999   11.525  -3.583  1.00 12.68 ? 127  GLY A C   1 
ATOM   336 O  O   . GLY A 1 39  ? 3.328   10.524  -3.839  1.00 10.53 ? 127  GLY A O   1 
ATOM   337 N  N   . LYS A 1 40  ? 5.056   11.507  -2.777  1.00 11.34 ? 128  LYS A N   1 
ATOM   338 C  CA  . LYS A 1 40  ? 5.517   10.284  -2.122  1.00 12.42 ? 128  LYS A CA  1 
ATOM   339 C  C   . LYS A 1 40  ? 4.423   9.590   -1.311  1.00 11.07 ? 128  LYS A C   1 
ATOM   340 O  O   . LYS A 1 40  ? 4.287   8.369   -1.363  1.00 11.65 ? 128  LYS A O   1 
ATOM   341 C  CB  . LYS A 1 40  ? 6.712   10.614  -1.213  1.00 15.86 ? 128  LYS A CB  1 
ATOM   342 C  CG  . LYS A 1 40  ? 7.300   9.425   -0.481  1.00 27.35 ? 128  LYS A CG  1 
ATOM   343 C  CD  . LYS A 1 40  ? 8.566   9.816   0.279   1.00 31.46 ? 128  LYS A CD  1 
ATOM   344 C  CE  . LYS A 1 40  ? 9.173   8.617   0.996   1.00 37.58 ? 128  LYS A CE  1 
ATOM   345 N  NZ  . LYS A 1 40  ? 10.433  8.964   1.717   1.00 38.33 ? 128  LYS A NZ  1 
ATOM   346 N  N   . GLN A 1 41  ? 3.648   10.368  -0.561  1.00 10.41 ? 129  GLN A N   1 
ATOM   347 C  CA  . GLN A 1 41  ? 2.575   9.810   0.258   1.00 9.68  ? 129  GLN A CA  1 
ATOM   348 C  C   . GLN A 1 41  ? 1.518   9.120   -0.596  1.00 7.78  ? 129  GLN A C   1 
ATOM   349 O  O   . GLN A 1 41  ? 1.077   8.014   -0.281  1.00 8.04  ? 129  GLN A O   1 
ATOM   350 C  CB  . GLN A 1 41  ? 1.911   10.911  1.086   1.00 12.24 ? 129  GLN A CB  1 
ATOM   351 C  CG  . GLN A 1 41  ? 2.804   11.524  2.158   1.00 17.39 ? 129  GLN A CG  1 
ATOM   352 C  CD  . GLN A 1 41  ? 2.123   12.678  2.869   1.00 18.82 ? 129  GLN A CD  1 
ATOM   353 O  OE1 . GLN A 1 41  ? 1.714   13.647  2.238   1.00 19.32 ? 129  GLN A OE1 1 
ATOM   354 N  NE2 . GLN A 1 41  ? 1.993   12.576  4.188   1.00 21.30 ? 129  GLN A NE2 1 
ATOM   355 N  N   . CYS A 1 42  ? 1.104   9.780   -1.674  1.00 6.29  ? 130  CYS A N   1 
ATOM   356 C  CA  . CYS A 1 42  ? 0.096   9.213   -2.566  1.00 5.75  ? 130  CYS A CA  1 
ATOM   357 C  C   . CYS A 1 42  ? 0.617   7.934   -3.218  1.00 7.67  ? 130  CYS A C   1 
ATOM   358 O  O   . CYS A 1 42  ? -0.109  6.940   -3.331  1.00 6.26  ? 130  CYS A O   1 
ATOM   359 C  CB  . CYS A 1 42  ? -0.275  10.227  -3.648  1.00 8.10  ? 130  CYS A CB  1 
ATOM   360 S  SG  . CYS A 1 42  ? -1.039  11.746  -3.005  1.00 10.69 ? 130  CYS A SG  1 
ATOM   361 N  N   . ARG A 1 43  ? 1.879   7.964   -3.633  1.00 7.15  ? 131  ARG A N   1 
ATOM   362 C  CA  . ARG A 1 43  ? 2.510   6.812   -4.273  1.00 6.88  ? 131  ARG A CA  1 
ATOM   363 C  C   . ARG A 1 43  ? 2.483   5.574   -3.384  1.00 6.47  ? 131  ARG A C   1 
ATOM   364 O  O   . ARG A 1 43  ? 2.130   4.480   -3.826  1.00 8.97  ? 131  ARG A O   1 
ATOM   365 C  CB  . ARG A 1 43  ? 3.963   7.134   -4.624  1.00 6.41  ? 131  ARG A CB  1 
ATOM   366 C  CG  . ARG A 1 43  ? 4.720   5.983   -5.287  1.00 6.47  ? 131  ARG A CG  1 
ATOM   367 C  CD  . ARG A 1 43  ? 6.198   6.330   -5.401  1.00 8.43  ? 131  ARG A CD  1 
ATOM   368 N  NE  . ARG A 1 43  ? 6.851   6.296   -4.094  1.00 10.31 ? 131  ARG A NE  1 
ATOM   369 C  CZ  . ARG A 1 43  ? 7.932   7.000   -3.774  1.00 17.83 ? 131  ARG A CZ  1 
ATOM   370 N  NH1 . ARG A 1 43  ? 8.492   7.808   -4.666  1.00 14.96 ? 131  ARG A NH1 1 
ATOM   371 N  NH2 . ARG A 1 43  ? 8.460   6.888   -2.565  1.00 18.02 ? 131  ARG A NH2 1 
ATOM   372 N  N   . GLU A 1 44  ? 2.861   5.749   -2.126  1.00 6.29  ? 132  GLU A N   1 
ATOM   373 C  CA  . GLU A 1 44  ? 2.892   4.623   -1.196  1.00 5.80  ? 132  GLU A CA  1 
ATOM   374 C  C   . GLU A 1 44  ? 1.498   4.128   -0.827  1.00 7.06  ? 132  GLU A C   1 
ATOM   375 O  O   . GLU A 1 44  ? 1.285   2.925   -0.667  1.00 7.71  ? 132  GLU A O   1 
ATOM   376 C  CB  . GLU A 1 44  ? 3.681   5.011   0.053   1.00 7.90  ? 132  GLU A CB  1 
ATOM   377 C  CG  . GLU A 1 44  ? 5.155   5.302   -0.248  1.00 10.03 ? 132  GLU A CG  1 
ATOM   378 C  CD  . GLU A 1 44  ? 5.841   4.131   -0.930  1.00 10.68 ? 132  GLU A CD  1 
ATOM   379 O  OE1 . GLU A 1 44  ? 6.342   4.299   -2.062  1.00 11.64 ? 132  GLU A OE1 1 
ATOM   380 O  OE2 . GLU A 1 44  ? 5.872   3.031   -0.338  1.00 12.75 ? 132  GLU A OE2 1 
ATOM   381 N  N   . ARG A 1 45  ? 0.546   5.047   -0.694  1.00 5.15  ? 133  ARG A N   1 
ATOM   382 C  CA  . ARG A 1 45  ? -0.823  4.655   -0.364  1.00 7.84  ? 133  ARG A CA  1 
ATOM   383 C  C   . ARG A 1 45  ? -1.361  3.778   -1.499  1.00 7.39  ? 133  ARG A C   1 
ATOM   384 O  O   . ARG A 1 45  ? -2.093  2.818   -1.268  1.00 6.44  ? 133  ARG A O   1 
ATOM   385 C  CB  . ARG A 1 45  ? -1.710  5.893   -0.191  1.00 8.30  ? 133  ARG A CB  1 
ATOM   386 C  CG  . ARG A 1 45  ? -3.136  5.584   0.270   1.00 6.90  ? 133  ARG A CG  1 
ATOM   387 C  CD  . ARG A 1 45  ? -3.165  4.967   1.664   1.00 7.47  ? 133  ARG A CD  1 
ATOM   388 N  NE  . ARG A 1 45  ? -4.538  4.713   2.095   1.00 10.03 ? 133  ARG A NE  1 
ATOM   389 C  CZ  . ARG A 1 45  ? -4.870  3.959   3.138   1.00 14.67 ? 133  ARG A CZ  1 
ATOM   390 N  NH1 . ARG A 1 45  ? -3.924  3.375   3.867   1.00 14.60 ? 133  ARG A NH1 1 
ATOM   391 N  NH2 . ARG A 1 45  ? -6.146  3.781   3.448   1.00 12.41 ? 133  ARG A NH2 1 
ATOM   392 N  N   . TRP A 1 46  ? -0.990  4.108   -2.730  1.00 5.53  ? 134  TRP A N   1 
ATOM   393 C  CA  . TRP A 1 46  ? -1.440  3.337   -3.879  1.00 7.50  ? 134  TRP A CA  1 
ATOM   394 C  C   . TRP A 1 46  ? -0.805  1.950   -3.919  1.00 7.22  ? 134  TRP A C   1 
ATOM   395 O  O   . TRP A 1 46  ? -1.504  0.937   -3.946  1.00 7.53  ? 134  TRP A O   1 
ATOM   396 C  CB  . TRP A 1 46  ? -1.117  4.084   -5.176  1.00 5.51  ? 134  TRP A CB  1 
ATOM   397 C  CG  . TRP A 1 46  ? -1.390  3.280   -6.415  1.00 8.10  ? 134  TRP A CG  1 
ATOM   398 C  CD1 . TRP A 1 46  ? -0.475  2.606   -7.178  1.00 7.44  ? 134  TRP A CD1 1 
ATOM   399 C  CD2 . TRP A 1 46  ? -2.668  3.039   -7.013  1.00 8.61  ? 134  TRP A CD2 1 
ATOM   400 N  NE1 . TRP A 1 46  ? -1.107  1.959   -8.212  1.00 7.71  ? 134  TRP A NE1 1 
ATOM   401 C  CE2 . TRP A 1 46  ? -2.453  2.209   -8.136  1.00 9.61  ? 134  TRP A CE2 1 
ATOM   402 C  CE3 . TRP A 1 46  ? -3.975  3.445   -6.710  1.00 10.87 ? 134  TRP A CE3 1 
ATOM   403 C  CZ2 . TRP A 1 46  ? -3.498  1.776   -8.958  1.00 12.85 ? 134  TRP A CZ2 1 
ATOM   404 C  CZ3 . TRP A 1 46  ? -5.015  3.014   -7.528  1.00 10.68 ? 134  TRP A CZ3 1 
ATOM   405 C  CH2 . TRP A 1 46  ? -4.768  2.189   -8.639  1.00 13.41 ? 134  TRP A CH2 1 
ATOM   406 N  N   . HIS A 1 47  ? 0.522   1.900   -3.907  1.00 7.12  ? 135  HIS A N   1 
ATOM   407 C  CA  . HIS A 1 47  ? 1.224   0.623   -3.979  1.00 7.33  ? 135  HIS A CA  1 
ATOM   408 C  C   . HIS A 1 47  ? 1.084   -0.280  -2.758  1.00 6.67  ? 135  HIS A C   1 
ATOM   409 O  O   . HIS A 1 47  ? 1.159   -1.500  -2.884  1.00 10.56 ? 135  HIS A O   1 
ATOM   410 C  CB  . HIS A 1 47  ? 2.708   0.855   -4.263  1.00 8.09  ? 135  HIS A CB  1 
ATOM   411 C  CG  . HIS A 1 47  ? 2.978   1.425   -5.621  1.00 8.31  ? 135  HIS A CG  1 
ATOM   412 N  ND1 . HIS A 1 47  ? 2.635   0.771   -6.782  1.00 12.52 ? 135  HIS A ND1 1 
ATOM   413 C  CD2 . HIS A 1 47  ? 3.541   2.597   -6.001  1.00 10.57 ? 135  HIS A CD2 1 
ATOM   414 C  CE1 . HIS A 1 47  ? 2.973   1.515   -7.822  1.00 9.60  ? 135  HIS A CE1 1 
ATOM   415 N  NE2 . HIS A 1 47  ? 3.525   2.628   -7.374  1.00 10.46 ? 135  HIS A NE2 1 
ATOM   416 N  N   . ASN A 1 48  ? 0.868   0.303   -1.585  1.00 6.88  ? 136  ASN A N   1 
ATOM   417 C  CA  . ASN A 1 48  ? 0.753   -0.504  -0.375  1.00 5.75  ? 136  ASN A CA  1 
ATOM   418 C  C   . ASN A 1 48  ? -0.670  -0.802  0.059   1.00 8.78  ? 136  ASN A C   1 
ATOM   419 O  O   . ASN A 1 48  ? -0.877  -1.620  0.952   1.00 10.21 ? 136  ASN A O   1 
ATOM   420 C  CB  . ASN A 1 48  ? 1.477   0.163   0.799   1.00 5.89  ? 136  ASN A CB  1 
ATOM   421 C  CG  . ASN A 1 48  ? 2.982   0.078   0.682   1.00 9.35  ? 136  ASN A CG  1 
ATOM   422 O  OD1 . ASN A 1 48  ? 3.516   -0.837  0.057   1.00 10.60 ? 136  ASN A OD1 1 
ATOM   423 N  ND2 . ASN A 1 48  ? 3.676   1.020   1.302   1.00 7.91  ? 136  ASN A ND2 1 
ATOM   424 N  N   . HIS A 1 49  ? -1.654  -0.160  -0.561  1.00 9.11  ? 137  HIS A N   1 
ATOM   425 C  CA  . HIS A 1 49  ? -3.030  -0.401  -0.138  1.00 8.29  ? 137  HIS A CA  1 
ATOM   426 C  C   . HIS A 1 49  ? -4.135  -0.327  -1.186  1.00 8.86  ? 137  HIS A C   1 
ATOM   427 O  O   . HIS A 1 49  ? -4.965  -1.230  -1.275  1.00 10.47 ? 137  HIS A O   1 
ATOM   428 C  CB  . HIS A 1 49  ? -3.385  0.565   1.002   1.00 11.40 ? 137  HIS A CB  1 
ATOM   429 C  CG  . HIS A 1 49  ? -4.793  0.420   1.498   1.00 15.49 ? 137  HIS A CG  1 
ATOM   430 N  ND1 . HIS A 1 49  ? -5.210  -0.652  2.258   1.00 15.87 ? 137  HIS A ND1 1 
ATOM   431 C  CD2 . HIS A 1 49  ? -5.889  1.195   1.310   1.00 18.26 ? 137  HIS A CD2 1 
ATOM   432 C  CE1 . HIS A 1 49  ? -6.500  -0.532  2.516   1.00 18.23 ? 137  HIS A CE1 1 
ATOM   433 N  NE2 . HIS A 1 49  ? -6.937  0.580   1.952   1.00 17.88 ? 137  HIS A NE2 1 
ATOM   434 N  N   . LEU A 1 50  ? -4.146  0.736   -1.983  1.00 7.56  ? 138  LEU A N   1 
ATOM   435 C  CA  . LEU A 1 50  ? -5.224  0.939   -2.951  1.00 7.86  ? 138  LEU A CA  1 
ATOM   436 C  C   . LEU A 1 50  ? -5.210  0.176   -4.271  1.00 11.82 ? 138  LEU A C   1 
ATOM   437 O  O   . LEU A 1 50  ? -6.277  -0.147  -4.799  1.00 10.65 ? 138  LEU A O   1 
ATOM   438 C  CB  . LEU A 1 50  ? -5.369  2.437   -3.248  1.00 8.60  ? 138  LEU A CB  1 
ATOM   439 C  CG  . LEU A 1 50  ? -5.673  3.346   -2.049  1.00 8.90  ? 138  LEU A CG  1 
ATOM   440 C  CD1 . LEU A 1 50  ? -5.693  4.806   -2.492  1.00 11.48 ? 138  LEU A CD1 1 
ATOM   441 C  CD2 . LEU A 1 50  ? -7.020  2.959   -1.446  1.00 9.82  ? 138  LEU A CD2 1 
ATOM   442 N  N   . ASN A 1 51  ? -4.028  -0.095  -4.812  1.00 9.31  ? 139  ASN A N   1 
ATOM   443 C  CA  . ASN A 1 51  ? -3.919  -0.803  -6.088  1.00 11.41 ? 139  ASN A CA  1 
ATOM   444 C  C   . ASN A 1 51  ? -4.705  -2.113  -6.064  1.00 12.53 ? 139  ASN A C   1 
ATOM   445 O  O   . ASN A 1 51  ? -4.404  -3.020  -5.286  1.00 11.99 ? 139  ASN A O   1 
ATOM   446 C  CB  . ASN A 1 51  ? -2.445  -1.075  -6.405  1.00 12.10 ? 139  ASN A CB  1 
ATOM   447 C  CG  . ASN A 1 51  ? -2.235  -1.649  -7.798  1.00 15.43 ? 139  ASN A CG  1 
ATOM   448 O  OD1 . ASN A 1 51  ? -3.181  -1.824  -8.568  1.00 15.39 ? 139  ASN A OD1 1 
ATOM   449 N  ND2 . ASN A 1 51  ? -0.984  -1.946  -8.127  1.00 15.97 ? 139  ASN A ND2 1 
ATOM   450 N  N   . PRO A 1 52  ? -5.729  -2.230  -6.924  1.00 15.38 ? 140  PRO A N   1 
ATOM   451 C  CA  . PRO A 1 52  ? -6.539  -3.449  -6.967  1.00 19.27 ? 140  PRO A CA  1 
ATOM   452 C  C   . PRO A 1 52  ? -5.957  -4.575  -7.822  1.00 23.00 ? 140  PRO A C   1 
ATOM   453 O  O   . PRO A 1 52  ? -6.383  -5.725  -7.712  1.00 24.32 ? 140  PRO A O   1 
ATOM   454 C  CB  . PRO A 1 52  ? -7.871  -2.942  -7.507  1.00 18.87 ? 140  PRO A CB  1 
ATOM   455 C  CG  . PRO A 1 52  ? -7.431  -1.917  -8.501  1.00 20.15 ? 140  PRO A CG  1 
ATOM   456 C  CD  . PRO A 1 52  ? -6.331  -1.172  -7.757  1.00 16.97 ? 140  PRO A CD  1 
ATOM   457 N  N   . GLU A 1 53  ? -4.977  -4.252  -8.659  1.00 23.58 ? 141  GLU A N   1 
ATOM   458 C  CA  . GLU A 1 53  ? -4.387  -5.255  -9.541  1.00 27.35 ? 141  GLU A CA  1 
ATOM   459 C  C   . GLU A 1 53  ? -3.736  -6.430  -8.823  1.00 28.58 ? 141  GLU A C   1 
ATOM   460 O  O   . GLU A 1 53  ? -3.247  -6.307  -7.700  1.00 26.89 ? 141  GLU A O   1 
ATOM   461 C  CB  . GLU A 1 53  ? -3.349  -4.616  -10.467 1.00 31.68 ? 141  GLU A CB  1 
ATOM   462 C  CG  . GLU A 1 53  ? -1.996  -4.367  -9.813  1.00 37.97 ? 141  GLU A CG  1 
ATOM   463 C  CD  . GLU A 1 53  ? -0.915  -3.991  -10.818 1.00 41.41 ? 141  GLU A CD  1 
ATOM   464 O  OE1 . GLU A 1 53  ? 0.250   -3.823  -10.399 1.00 42.63 ? 141  GLU A OE1 1 
ATOM   465 O  OE2 . GLU A 1 53  ? -1.228  -3.867  -12.022 1.00 42.32 ? 141  GLU A OE2 1 
ATOM   466 N  N   . VAL A 1 54  ? -3.746  -7.574  -9.498  1.00 29.01 ? 142  VAL A N   1 
ATOM   467 C  CA  . VAL A 1 54  ? -3.142  -8.800  -8.995  1.00 29.02 ? 142  VAL A CA  1 
ATOM   468 C  C   . VAL A 1 54  ? -2.171  -9.211  -10.098 1.00 29.36 ? 142  VAL A C   1 
ATOM   469 O  O   . VAL A 1 54  ? -2.593  -9.640  -11.171 1.00 28.17 ? 142  VAL A O   1 
ATOM   470 C  CB  . VAL A 1 54  ? -4.188  -9.915  -8.813  1.00 32.29 ? 142  VAL A CB  1 
ATOM   471 C  CG1 . VAL A 1 54  ? -3.528  -11.157 -8.234  1.00 31.91 ? 142  VAL A CG1 1 
ATOM   472 C  CG2 . VAL A 1 54  ? -5.310  -9.433  -7.909  1.00 34.82 ? 142  VAL A CG2 1 
ATOM   473 N  N   . LYS A 1 55  ? -0.876  -9.060  -9.847  1.00 27.19 ? 143  LYS A N   1 
ATOM   474 C  CA  . LYS A 1 55  ? 0.117   -9.396  -10.856 1.00 28.34 ? 143  LYS A CA  1 
ATOM   475 C  C   . LYS A 1 55  ? 0.824   -10.720 -10.609 1.00 26.52 ? 143  LYS A C   1 
ATOM   476 O  O   . LYS A 1 55  ? 1.298   -11.360 -11.548 1.00 25.90 ? 143  LYS A O   1 
ATOM   477 C  CB  . LYS A 1 55  ? 1.148   -8.266  -10.969 1.00 31.63 ? 143  LYS A CB  1 
ATOM   478 C  CG  . LYS A 1 55  ? 2.167   -8.470  -12.080 1.00 37.58 ? 143  LYS A CG  1 
ATOM   479 C  CD  . LYS A 1 55  ? 2.824   -7.157  -12.502 1.00 42.02 ? 143  LYS A CD  1 
ATOM   480 C  CE  . LYS A 1 55  ? 3.628   -6.520  -11.376 1.00 44.20 ? 143  LYS A CE  1 
ATOM   481 N  NZ  . LYS A 1 55  ? 4.256   -5.243  -11.818 1.00 43.86 ? 143  LYS A NZ  1 
ATOM   482 N  N   . LYS A 1 56  ? 0.890   -11.136 -9.349  1.00 25.32 ? 144  LYS A N   1 
ATOM   483 C  CA  . LYS A 1 56  ? 1.559   -12.385 -9.001  1.00 25.44 ? 144  LYS A CA  1 
ATOM   484 C  C   . LYS A 1 56  ? 0.700   -13.144 -7.994  1.00 24.07 ? 144  LYS A C   1 
ATOM   485 O  O   . LYS A 1 56  ? 0.390   -12.628 -6.922  1.00 24.50 ? 144  LYS A O   1 
ATOM   486 C  CB  . LYS A 1 56  ? 2.940   -12.076 -8.413  1.00 28.67 ? 144  LYS A CB  1 
ATOM   487 C  CG  . LYS A 1 56  ? 3.895   -13.256 -8.361  1.00 34.82 ? 144  LYS A CG  1 
ATOM   488 C  CD  . LYS A 1 56  ? 5.293   -12.799 -7.968  1.00 37.17 ? 144  LYS A CD  1 
ATOM   489 C  CE  . LYS A 1 56  ? 6.308   -13.927 -8.084  1.00 39.64 ? 144  LYS A CE  1 
ATOM   490 N  NZ  . LYS A 1 56  ? 6.013   -15.067 -7.172  1.00 44.63 ? 144  LYS A NZ  1 
ATOM   491 N  N   . THR A 1 57  ? 0.302   -14.364 -8.346  1.00 22.12 ? 145  THR A N   1 
ATOM   492 C  CA  . THR A 1 57  ? -0.538  -15.161 -7.460  1.00 22.30 ? 145  THR A CA  1 
ATOM   493 C  C   . THR A 1 57  ? 0.271   -16.086 -6.552  1.00 22.30 ? 145  THR A C   1 
ATOM   494 O  O   . THR A 1 57  ? -0.252  -16.613 -5.572  1.00 22.45 ? 145  THR A O   1 
ATOM   495 C  CB  . THR A 1 57  ? -1.565  -16.000 -8.263  1.00 23.97 ? 145  THR A CB  1 
ATOM   496 O  OG1 . THR A 1 57  ? -0.878  -16.849 -9.187  1.00 25.03 ? 145  THR A OG1 1 
ATOM   497 C  CG2 . THR A 1 57  ? -2.508  -15.084 -9.038  1.00 26.72 ? 145  THR A CG2 1 
ATOM   498 N  N   . SER A 1 58  ? 1.546   -16.277 -6.878  1.00 20.49 ? 146  SER A N   1 
ATOM   499 C  CA  . SER A 1 58  ? 2.408   -17.134 -6.071  1.00 19.42 ? 146  SER A CA  1 
ATOM   500 C  C   . SER A 1 58  ? 3.319   -16.287 -5.186  1.00 18.65 ? 146  SER A C   1 
ATOM   501 O  O   . SER A 1 58  ? 3.595   -15.127 -5.490  1.00 19.71 ? 146  SER A O   1 
ATOM   502 C  CB  . SER A 1 58  ? 3.254   -18.045 -6.967  1.00 19.84 ? 146  SER A CB  1 
ATOM   503 O  OG  . SER A 1 58  ? 4.091   -17.288 -7.822  1.00 23.72 ? 146  SER A OG  1 
ATOM   504 N  N   . TRP A 1 59  ? 3.781   -16.879 -4.090  1.00 16.43 ? 147  TRP A N   1 
ATOM   505 C  CA  . TRP A 1 59  ? 4.652   -16.188 -3.142  1.00 16.91 ? 147  TRP A CA  1 
ATOM   506 C  C   . TRP A 1 59  ? 5.963   -16.940 -2.970  1.00 17.43 ? 147  TRP A C   1 
ATOM   507 O  O   . TRP A 1 59  ? 5.980   -18.171 -2.954  1.00 16.10 ? 147  TRP A O   1 
ATOM   508 C  CB  . TRP A 1 59  ? 3.964   -16.075 -1.781  1.00 18.43 ? 147  TRP A CB  1 
ATOM   509 C  CG  . TRP A 1 59  ? 2.701   -15.275 -1.793  1.00 19.07 ? 147  TRP A CG  1 
ATOM   510 C  CD1 . TRP A 1 59  ? 1.530   -15.589 -2.429  1.00 18.61 ? 147  TRP A CD1 1 
ATOM   511 C  CD2 . TRP A 1 59  ? 2.474   -14.029 -1.126  1.00 15.77 ? 147  TRP A CD2 1 
ATOM   512 N  NE1 . TRP A 1 59  ? 0.590   -14.613 -2.196  1.00 17.72 ? 147  TRP A NE1 1 
ATOM   513 C  CE2 . TRP A 1 59  ? 1.143   -13.644 -1.399  1.00 17.53 ? 147  TRP A CE2 1 
ATOM   514 C  CE3 . TRP A 1 59  ? 3.268   -13.200 -0.322  1.00 17.52 ? 147  TRP A CE3 1 
ATOM   515 C  CZ2 . TRP A 1 59  ? 0.586   -12.465 -0.897  1.00 14.52 ? 147  TRP A CZ2 1 
ATOM   516 C  CZ3 . TRP A 1 59  ? 2.715   -12.027 0.177   1.00 12.42 ? 147  TRP A CZ3 1 
ATOM   517 C  CH2 . TRP A 1 59  ? 1.387   -11.672 -0.111  1.00 16.99 ? 147  TRP A CH2 1 
ATOM   518 N  N   . THR A 1 60  ? 7.060   -16.203 -2.829  1.00 15.21 ? 148  THR A N   1 
ATOM   519 C  CA  . THR A 1 60  ? 8.368   -16.827 -2.654  1.00 15.27 ? 148  THR A CA  1 
ATOM   520 C  C   . THR A 1 60  ? 8.659   -17.072 -1.174  1.00 16.23 ? 148  THR A C   1 
ATOM   521 O  O   . THR A 1 60  ? 8.023   -16.480 -0.294  1.00 14.48 ? 148  THR A O   1 
ATOM   522 C  CB  . THR A 1 60  ? 9.486   -15.938 -3.214  1.00 16.30 ? 148  THR A CB  1 
ATOM   523 O  OG1 . THR A 1 60  ? 9.603   -14.765 -2.404  1.00 17.36 ? 148  THR A OG1 1 
ATOM   524 C  CG2 . THR A 1 60  ? 9.175   -15.523 -4.646  1.00 15.25 ? 148  THR A CG2 1 
ATOM   525 N  N   . GLU A 1 61  ? 9.617   -17.950 -0.899  1.00 12.47 ? 149  GLU A N   1 
ATOM   526 C  CA  . GLU A 1 61  ? 9.991   -18.232 0.481   1.00 14.04 ? 149  GLU A CA  1 
ATOM   527 C  C   . GLU A 1 61  ? 10.614  -16.991 1.110   1.00 13.81 ? 149  GLU A C   1 
ATOM   528 O  O   . GLU A 1 61  ? 10.502  -16.773 2.316   1.00 12.46 ? 149  GLU A O   1 
ATOM   529 C  CB  . GLU A 1 61  ? 10.986  -19.394 0.544   1.00 14.65 ? 149  GLU A CB  1 
ATOM   530 C  CG  . GLU A 1 61  ? 10.334  -20.755 0.394   1.00 24.82 ? 149  GLU A CG  1 
ATOM   531 C  CD  . GLU A 1 61  ? 11.341  -21.885 0.368   1.00 28.10 ? 149  GLU A CD  1 
ATOM   532 O  OE1 . GLU A 1 61  ? 12.272  -21.873 1.201   1.00 27.36 ? 149  GLU A OE1 1 
ATOM   533 O  OE2 . GLU A 1 61  ? 11.193  -22.788 -0.481  1.00 32.26 ? 149  GLU A OE2 1 
ATOM   534 N  N   . GLU A 1 62  ? 11.275  -16.177 0.293   1.00 12.17 ? 150  GLU A N   1 
ATOM   535 C  CA  . GLU A 1 62  ? 11.902  -14.970 0.802   1.00 13.80 ? 150  GLU A CA  1 
ATOM   536 C  C   . GLU A 1 62  ? 10.841  -14.009 1.327   1.00 15.24 ? 150  GLU A C   1 
ATOM   537 O  O   . GLU A 1 62  ? 11.034  -13.369 2.361   1.00 17.14 ? 150  GLU A O   1 
ATOM   538 C  CB  . GLU A 1 62  ? 12.756  -14.313 -0.285  1.00 16.99 ? 150  GLU A CB  1 
ATOM   539 C  CG  . GLU A 1 62  ? 14.039  -15.086 -0.597  1.00 18.67 ? 150  GLU A CG  1 
ATOM   540 C  CD  . GLU A 1 62  ? 13.799  -16.375 -1.375  1.00 22.55 ? 150  GLU A CD  1 
ATOM   541 O  OE1 . GLU A 1 62  ? 14.687  -17.258 -1.358  1.00 23.53 ? 150  GLU A OE1 1 
ATOM   542 O  OE2 . GLU A 1 62  ? 12.735  -16.504 -2.017  1.00 17.10 ? 150  GLU A OE2 1 
ATOM   543 N  N   . GLU A 1 63  ? 9.714   -13.919 0.625   1.00 13.53 ? 151  GLU A N   1 
ATOM   544 C  CA  . GLU A 1 63  ? 8.627   -13.049 1.067   1.00 12.94 ? 151  GLU A CA  1 
ATOM   545 C  C   . GLU A 1 63  ? 8.033   -13.590 2.366   1.00 12.12 ? 151  GLU A C   1 
ATOM   546 O  O   . GLU A 1 63  ? 7.799   -12.842 3.313   1.00 11.59 ? 151  GLU A O   1 
ATOM   547 C  CB  . GLU A 1 63  ? 7.528   -12.971 0.000   1.00 13.75 ? 151  GLU A CB  1 
ATOM   548 C  CG  . GLU A 1 63  ? 7.909   -12.171 -1.240  1.00 13.50 ? 151  GLU A CG  1 
ATOM   549 C  CD  . GLU A 1 63  ? 6.784   -12.112 -2.257  1.00 18.65 ? 151  GLU A CD  1 
ATOM   550 O  OE1 . GLU A 1 63  ? 6.454   -13.164 -2.839  1.00 15.86 ? 151  GLU A OE1 1 
ATOM   551 O  OE2 . GLU A 1 63  ? 6.223   -11.016 -2.470  1.00 16.67 ? 151  GLU A OE2 1 
ATOM   552 N  N   . ASP A 1 64  ? 7.788   -14.896 2.408   1.00 10.48 ? 152  ASP A N   1 
ATOM   553 C  CA  . ASP A 1 64  ? 7.222   -15.518 3.601   1.00 12.09 ? 152  ASP A CA  1 
ATOM   554 C  C   . ASP A 1 64  ? 8.084   -15.287 4.837   1.00 11.19 ? 152  ASP A C   1 
ATOM   555 O  O   . ASP A 1 64  ? 7.565   -15.025 5.922   1.00 12.30 ? 152  ASP A O   1 
ATOM   556 C  CB  . ASP A 1 64  ? 7.042   -17.026 3.398   1.00 14.70 ? 152  ASP A CB  1 
ATOM   557 C  CG  . ASP A 1 64  ? 5.830   -17.370 2.549   1.00 20.00 ? 152  ASP A CG  1 
ATOM   558 O  OD1 . ASP A 1 64  ? 5.016   -16.469 2.247   1.00 18.39 ? 152  ASP A OD1 1 
ATOM   559 O  OD2 . ASP A 1 64  ? 5.688   -18.558 2.190   1.00 21.42 ? 152  ASP A OD2 1 
ATOM   560 N  N   . ARG A 1 65  ? 9.399   -15.385 4.671   1.00 11.13 ? 153  ARG A N   1 
ATOM   561 C  CA  . ARG A 1 65  ? 10.312  -15.202 5.791   1.00 14.40 ? 153  ARG A CA  1 
ATOM   562 C  C   . ARG A 1 65  ? 10.272  -13.774 6.325   1.00 13.12 ? 153  ARG A C   1 
ATOM   563 O  O   . ARG A 1 65  ? 10.347  -13.555 7.531   1.00 12.55 ? 153  ARG A O   1 
ATOM   564 C  CB  . ARG A 1 65  ? 11.740  -15.577 5.384   1.00 19.32 ? 153  ARG A CB  1 
ATOM   565 C  CG  . ARG A 1 65  ? 12.707  -15.599 6.553   1.00 30.38 ? 153  ARG A CG  1 
ATOM   566 C  CD  . ARG A 1 65  ? 14.041  -16.253 6.205   1.00 38.68 ? 153  ARG A CD  1 
ATOM   567 N  NE  . ARG A 1 65  ? 13.908  -17.661 5.837   1.00 45.08 ? 153  ARG A NE  1 
ATOM   568 C  CZ  . ARG A 1 65  ? 13.636  -18.099 4.610   1.00 47.49 ? 153  ARG A CZ  1 
ATOM   569 N  NH1 . ARG A 1 65  ? 13.532  -19.401 4.378   1.00 48.96 ? 153  ARG A NH1 1 
ATOM   570 N  NH2 . ARG A 1 65  ? 13.484  -17.239 3.613   1.00 51.01 ? 153  ARG A NH2 1 
ATOM   571 N  N   . ILE A 1 66  ? 10.160  -12.802 5.425   1.00 10.55 ? 154  ILE A N   1 
ATOM   572 C  CA  . ILE A 1 66  ? 10.093  -11.405 5.834   1.00 11.10 ? 154  ILE A CA  1 
ATOM   573 C  C   . ILE A 1 66  ? 8.815   -11.182 6.646   1.00 8.27  ? 154  ILE A C   1 
ATOM   574 O  O   . ILE A 1 66  ? 8.834   -10.536 7.691   1.00 10.14 ? 154  ILE A O   1 
ATOM   575 C  CB  . ILE A 1 66  ? 10.111  -10.473 4.598   1.00 13.61 ? 154  ILE A CB  1 
ATOM   576 C  CG1 . ILE A 1 66  ? 11.525  -10.452 4.006   1.00 17.42 ? 154  ILE A CG1 1 
ATOM   577 C  CG2 . ILE A 1 66  ? 9.636   -9.068  4.972   1.00 13.49 ? 154  ILE A CG2 1 
ATOM   578 C  CD1 . ILE A 1 66  ? 11.637  -9.738  2.679   1.00 21.25 ? 154  ILE A CD1 1 
ATOM   579 N  N   . ILE A 1 67  ? 7.703   -11.725 6.166   1.00 8.70  ? 155  ILE A N   1 
ATOM   580 C  CA  . ILE A 1 67  ? 6.428   -11.580 6.862   1.00 10.87 ? 155  ILE A CA  1 
ATOM   581 C  C   . ILE A 1 67  ? 6.494   -12.235 8.240   1.00 10.58 ? 155  ILE A C   1 
ATOM   582 O  O   . ILE A 1 67  ? 6.065   -11.653 9.235   1.00 10.47 ? 155  ILE A O   1 
ATOM   583 C  CB  . ILE A 1 67  ? 5.276   -12.220 6.055   1.00 11.02 ? 155  ILE A CB  1 
ATOM   584 C  CG1 . ILE A 1 67  ? 5.123   -11.498 4.710   1.00 11.25 ? 155  ILE A CG1 1 
ATOM   585 C  CG2 . ILE A 1 67  ? 3.973   -12.148 6.850   1.00 12.71 ? 155  ILE A CG2 1 
ATOM   586 C  CD1 . ILE A 1 67  ? 4.204   -12.211 3.730   1.00 13.13 ? 155  ILE A CD1 1 
ATOM   587 N  N   . TYR A 1 68  ? 7.028   -13.449 8.297   1.00 11.34 ? 156  TYR A N   1 
ATOM   588 C  CA  . TYR A 1 68  ? 7.134   -14.166 9.563   1.00 13.86 ? 156  TYR A CA  1 
ATOM   589 C  C   . TYR A 1 68  ? 7.945   -13.389 10.600  1.00 12.32 ? 156  TYR A C   1 
ATOM   590 O  O   . TYR A 1 68  ? 7.521   -13.250 11.748  1.00 12.50 ? 156  TYR A O   1 
ATOM   591 C  CB  . TYR A 1 68  ? 7.753   -15.547 9.331   1.00 19.51 ? 156  TYR A CB  1 
ATOM   592 C  CG  . TYR A 1 68  ? 8.061   -16.306 10.603  1.00 26.69 ? 156  TYR A CG  1 
ATOM   593 C  CD1 . TYR A 1 68  ? 9.285   -16.145 11.255  1.00 30.84 ? 156  TYR A CD1 1 
ATOM   594 C  CD2 . TYR A 1 68  ? 7.129   -17.181 11.158  1.00 30.12 ? 156  TYR A CD2 1 
ATOM   595 C  CE1 . TYR A 1 68  ? 9.572   -16.837 12.427  1.00 33.36 ? 156  TYR A CE1 1 
ATOM   596 C  CE2 . TYR A 1 68  ? 7.406   -17.877 12.334  1.00 34.20 ? 156  TYR A CE2 1 
ATOM   597 C  CZ  . TYR A 1 68  ? 8.631   -17.700 12.961  1.00 35.44 ? 156  TYR A CZ  1 
ATOM   598 O  OH  . TYR A 1 68  ? 8.916   -18.390 14.118  1.00 37.72 ? 156  TYR A OH  1 
ATOM   599 N  N   . GLN A 1 69  ? 9.107   -12.880 10.197  1.00 10.91 ? 157  GLN A N   1 
ATOM   600 C  CA  . GLN A 1 69  ? 9.952   -12.114 11.109  1.00 11.61 ? 157  GLN A CA  1 
ATOM   601 C  C   . GLN A 1 69  ? 9.303   -10.792 11.520  1.00 10.34 ? 157  GLN A C   1 
ATOM   602 O  O   . GLN A 1 69  ? 9.442   -10.351 12.662  1.00 9.40  ? 157  GLN A O   1 
ATOM   603 C  CB  . GLN A 1 69  ? 11.313  -11.850 10.466  1.00 13.42 ? 157  GLN A CB  1 
ATOM   604 C  CG  . GLN A 1 69  ? 12.170  -13.099 10.341  1.00 22.70 ? 157  GLN A CG  1 
ATOM   605 C  CD  . GLN A 1 69  ? 13.519  -12.818 9.717   1.00 27.63 ? 157  GLN A CD  1 
ATOM   606 O  OE1 . GLN A 1 69  ? 14.226  -11.896 10.126  1.00 31.01 ? 157  GLN A OE1 1 
ATOM   607 N  NE2 . GLN A 1 69  ? 13.890  -13.619 8.724   1.00 35.02 ? 157  GLN A NE2 1 
ATOM   608 N  N   . ALA A 1 70  ? 8.596   -10.158 10.592  1.00 10.42 ? 158  ALA A N   1 
ATOM   609 C  CA  . ALA A 1 70  ? 7.927   -8.894  10.891  1.00 9.51  ? 158  ALA A CA  1 
ATOM   610 C  C   . ALA A 1 70  ? 6.740   -9.141  11.821  1.00 10.60 ? 158  ALA A C   1 
ATOM   611 O  O   . ALA A 1 70  ? 6.418   -8.307  12.668  1.00 13.12 ? 158  ALA A O   1 
ATOM   612 C  CB  . ALA A 1 70  ? 7.459   -8.225  9.595   1.00 9.70  ? 158  ALA A CB  1 
ATOM   613 N  N   . HIS A 1 71  ? 6.089   -10.290 11.668  1.00 10.62 ? 159  HIS A N   1 
ATOM   614 C  CA  . HIS A 1 71  ? 4.948   -10.612 12.515  1.00 12.98 ? 159  HIS A CA  1 
ATOM   615 C  C   . HIS A 1 71  ? 5.411   -10.873 13.947  1.00 12.07 ? 159  HIS A C   1 
ATOM   616 O  O   . HIS A 1 71  ? 4.742   -10.472 14.903  1.00 12.06 ? 159  HIS A O   1 
ATOM   617 C  CB  . HIS A 1 71  ? 4.190   -11.822 11.963  1.00 16.11 ? 159  HIS A CB  1 
ATOM   618 C  CG  . HIS A 1 71  ? 2.923   -12.122 12.703  1.00 19.42 ? 159  HIS A CG  1 
ATOM   619 N  ND1 . HIS A 1 71  ? 2.898   -12.854 13.870  1.00 23.06 ? 159  HIS A ND1 1 
ATOM   620 C  CD2 . HIS A 1 71  ? 1.643   -11.749 12.466  1.00 21.57 ? 159  HIS A CD2 1 
ATOM   621 C  CE1 . HIS A 1 71  ? 1.658   -12.919 14.320  1.00 21.44 ? 159  HIS A CE1 1 
ATOM   622 N  NE2 . HIS A 1 71  ? 0.877   -12.256 13.487  1.00 23.25 ? 159  HIS A NE2 1 
ATOM   623 N  N   . LYS A 1 72  ? 6.555   -11.536 14.101  1.00 10.83 ? 160  LYS A N   1 
ATOM   624 C  CA  . LYS A 1 72  ? 7.081   -11.796 15.438  1.00 14.41 ? 160  LYS A CA  1 
ATOM   625 C  C   . LYS A 1 72  ? 7.448   -10.463 16.086  1.00 10.59 ? 160  LYS A C   1 
ATOM   626 O  O   . LYS A 1 72  ? 7.322   -10.279 17.296  1.00 13.05 ? 160  LYS A O   1 
ATOM   627 C  CB  . LYS A 1 72  ? 8.337   -12.667 15.371  1.00 17.10 ? 160  LYS A CB  1 
ATOM   628 C  CG  . LYS A 1 72  ? 8.090   -14.116 15.018  1.00 26.28 ? 160  LYS A CG  1 
ATOM   629 C  CD  . LYS A 1 72  ? 9.391   -14.912 14.992  1.00 32.23 ? 160  LYS A CD  1 
ATOM   630 C  CE  . LYS A 1 72  ? 10.070  -14.963 16.357  1.00 35.56 ? 160  LYS A CE  1 
ATOM   631 N  NZ  . LYS A 1 72  ? 10.587  -13.639 16.804  1.00 38.96 ? 160  LYS A NZ  1 
ATOM   632 N  N   . ARG A 1 73  ? 7.899   -9.534  15.255  1.00 11.71 ? 161  ARG A N   1 
ATOM   633 C  CA  . ARG A 1 73  ? 8.320   -8.214  15.705  1.00 11.97 ? 161  ARG A CA  1 
ATOM   634 C  C   . ARG A 1 73  ? 7.181   -7.266  16.055  1.00 13.27 ? 161  ARG A C   1 
ATOM   635 O  O   . ARG A 1 73  ? 7.221   -6.586  17.083  1.00 14.52 ? 161  ARG A O   1 
ATOM   636 C  CB  . ARG A 1 73  ? 9.187   -7.562  14.619  1.00 14.70 ? 161  ARG A CB  1 
ATOM   637 C  CG  . ARG A 1 73  ? 9.700   -6.155  14.944  1.00 13.93 ? 161  ARG A CG  1 
ATOM   638 C  CD  . ARG A 1 73  ? 10.469  -5.559  13.755  1.00 13.44 ? 161  ARG A CD  1 
ATOM   639 N  NE  . ARG A 1 73  ? 11.498  -6.481  13.279  1.00 15.83 ? 161  ARG A NE  1 
ATOM   640 C  CZ  . ARG A 1 73  ? 11.569  -6.954  12.036  1.00 15.80 ? 161  ARG A CZ  1 
ATOM   641 N  NH1 . ARG A 1 73  ? 10.676  -6.586  11.125  1.00 13.74 ? 161  ARG A NH1 1 
ATOM   642 N  NH2 . ARG A 1 73  ? 12.513  -7.831  11.715  1.00 16.13 ? 161  ARG A NH2 1 
ATOM   643 N  N   . LEU A 1 74  ? 6.163   -7.233  15.202  1.00 13.85 ? 162  LEU A N   1 
ATOM   644 C  CA  . LEU A 1 74  ? 5.045   -6.310  15.374  1.00 12.68 ? 162  LEU A CA  1 
ATOM   645 C  C   . LEU A 1 74  ? 3.663   -6.876  15.672  1.00 13.16 ? 162  LEU A C   1 
ATOM   646 O  O   . LEU A 1 74  ? 2.787   -6.151  16.146  1.00 15.65 ? 162  LEU A O   1 
ATOM   647 C  CB  . LEU A 1 74  ? 4.914   -5.460  14.114  1.00 11.73 ? 162  LEU A CB  1 
ATOM   648 C  CG  . LEU A 1 74  ? 6.166   -4.764  13.594  1.00 14.36 ? 162  LEU A CG  1 
ATOM   649 C  CD1 . LEU A 1 74  ? 5.920   -4.279  12.173  1.00 16.19 ? 162  LEU A CD1 1 
ATOM   650 C  CD2 . LEU A 1 74  ? 6.527   -3.615  14.520  1.00 17.66 ? 162  LEU A CD2 1 
ATOM   651 N  N   . GLY A 1 75  ? 3.450   -8.150  15.385  1.00 14.97 ? 163  GLY A N   1 
ATOM   652 C  CA  . GLY A 1 75  ? 2.123   -8.698  15.580  1.00 13.52 ? 163  GLY A CA  1 
ATOM   653 C  C   . GLY A 1 75  ? 1.397   -8.458  14.263  1.00 15.62 ? 163  GLY A C   1 
ATOM   654 O  O   . GLY A 1 75  ? 2.043   -8.176  13.250  1.00 13.08 ? 163  GLY A O   1 
ATOM   655 N  N   . ASN A 1 76  ? 0.068   -8.531  14.275  1.00 15.29 ? 164  ASN A N   1 
ATOM   656 C  CA  . ASN A 1 76  ? -0.745  -8.364  13.066  1.00 18.62 ? 164  ASN A CA  1 
ATOM   657 C  C   . ASN A 1 76  ? -0.874  -6.942  12.516  1.00 15.50 ? 164  ASN A C   1 
ATOM   658 O  O   . ASN A 1 76  ? -1.985  -6.467  12.300  1.00 17.75 ? 164  ASN A O   1 
ATOM   659 C  CB  . ASN A 1 76  ? -2.160  -8.908  13.310  1.00 21.84 ? 164  ASN A CB  1 
ATOM   660 C  CG  . ASN A 1 76  ? -2.173  -10.375 13.684  1.00 31.28 ? 164  ASN A CG  1 
ATOM   661 O  OD1 . ASN A 1 76  ? -1.635  -11.218 12.967  1.00 37.74 ? 164  ASN A OD1 1 
ATOM   662 N  ND2 . ASN A 1 76  ? -2.803  -10.690 14.811  1.00 38.18 ? 164  ASN A ND2 1 
ATOM   663 N  N   . ARG A 1 77  ? 0.239   -6.262  12.274  1.00 12.23 ? 165  ARG A N   1 
ATOM   664 C  CA  . ARG A 1 77  ? 0.161   -4.904  11.742  1.00 11.21 ? 165  ARG A CA  1 
ATOM   665 C  C   . ARG A 1 77  ? 0.426   -4.963  10.247  1.00 11.06 ? 165  ARG A C   1 
ATOM   666 O  O   . ARG A 1 77  ? 1.523   -4.658  9.779   1.00 11.77 ? 165  ARG A O   1 
ATOM   667 C  CB  . ARG A 1 77  ? 1.181   -4.009  12.445  1.00 12.68 ? 165  ARG A CB  1 
ATOM   668 C  CG  . ARG A 1 77  ? 1.089   -4.092  13.960  1.00 16.55 ? 165  ARG A CG  1 
ATOM   669 C  CD  . ARG A 1 77  ? 1.929   -3.023  14.635  1.00 18.96 ? 165  ARG A CD  1 
ATOM   670 N  NE  . ARG A 1 77  ? 1.338   -1.695  14.500  1.00 24.15 ? 165  ARG A NE  1 
ATOM   671 C  CZ  . ARG A 1 77  ? 1.825   -0.603  15.083  1.00 25.12 ? 165  ARG A CZ  1 
ATOM   672 N  NH1 . ARG A 1 77  ? 2.911   -0.687  15.839  1.00 19.39 ? 165  ARG A NH1 1 
ATOM   673 N  NH2 . ARG A 1 77  ? 1.227   0.569   14.915  1.00 26.22 ? 165  ARG A NH2 1 
ATOM   674 N  N   . TRP A 1 78  ? -0.604  -5.349  9.505   1.00 11.67 ? 166  TRP A N   1 
ATOM   675 C  CA  . TRP A 1 78  ? -0.522  -5.510  8.060   1.00 11.26 ? 166  TRP A CA  1 
ATOM   676 C  C   . TRP A 1 78  ? -0.020  -4.300  7.287   1.00 11.59 ? 166  TRP A C   1 
ATOM   677 O  O   . TRP A 1 78  ? 0.779   -4.448  6.363   1.00 10.48 ? 166  TRP A O   1 
ATOM   678 C  CB  . TRP A 1 78  ? -1.890  -5.952  7.528   1.00 11.23 ? 166  TRP A CB  1 
ATOM   679 C  CG  . TRP A 1 78  ? -2.449  -7.113  8.306   1.00 15.30 ? 166  TRP A CG  1 
ATOM   680 C  CD1 . TRP A 1 78  ? -3.648  -7.163  8.962   1.00 14.78 ? 166  TRP A CD1 1 
ATOM   681 C  CD2 . TRP A 1 78  ? -1.801  -8.366  8.561   1.00 15.15 ? 166  TRP A CD2 1 
ATOM   682 N  NE1 . TRP A 1 78  ? -3.782  -8.367  9.616   1.00 18.78 ? 166  TRP A NE1 1 
ATOM   683 C  CE2 . TRP A 1 78  ? -2.664  -9.124  9.386   1.00 16.58 ? 166  TRP A CE2 1 
ATOM   684 C  CE3 . TRP A 1 78  ? -0.573  -8.922  8.175   1.00 17.05 ? 166  TRP A CE3 1 
ATOM   685 C  CZ2 . TRP A 1 78  ? -2.338  -10.410 9.832   1.00 20.62 ? 166  TRP A CZ2 1 
ATOM   686 C  CZ3 . TRP A 1 78  ? -0.247  -10.202 8.621   1.00 19.89 ? 166  TRP A CZ3 1 
ATOM   687 C  CH2 . TRP A 1 78  ? -1.129  -10.931 9.441   1.00 21.49 ? 166  TRP A CH2 1 
ATOM   688 N  N   . ALA A 1 79  ? -0.486  -3.109  7.655   1.00 9.97  ? 167  ALA A N   1 
ATOM   689 C  CA  . ALA A 1 79  ? -0.076  -1.885  6.976   1.00 9.90  ? 167  ALA A CA  1 
ATOM   690 C  C   . ALA A 1 79  ? 1.422   -1.635  7.124   1.00 11.81 ? 167  ALA A C   1 
ATOM   691 O  O   . ALA A 1 79  ? 2.072   -1.142  6.200   1.00 13.25 ? 167  ALA A O   1 
ATOM   692 C  CB  . ALA A 1 79  ? -0.860  -0.703  7.516   1.00 13.32 ? 167  ALA A CB  1 
ATOM   693 N  N   . GLU A 1 80  ? 1.980   -1.972  8.283   1.00 9.96  ? 168  GLU A N   1 
ATOM   694 C  CA  . GLU A 1 80  ? 3.410   -1.766  8.485   1.00 12.09 ? 168  GLU A CA  1 
ATOM   695 C  C   . GLU A 1 80  ? 4.202   -2.854  7.764   1.00 10.80 ? 168  GLU A C   1 
ATOM   696 O  O   . GLU A 1 80  ? 5.251   -2.592  7.181   1.00 11.11 ? 168  GLU A O   1 
ATOM   697 C  CB  . GLU A 1 80  ? 3.755   -1.773  9.977   1.00 14.13 ? 168  GLU A CB  1 
ATOM   698 C  CG  . GLU A 1 80  ? 5.234   -1.498  10.258  1.00 21.82 ? 168  GLU A CG  1 
ATOM   699 C  CD  . GLU A 1 80  ? 5.684   -0.111  9.798   1.00 22.77 ? 168  GLU A CD  1 
ATOM   700 O  OE1 . GLU A 1 80  ? 6.882   0.048   9.478   1.00 24.43 ? 168  GLU A OE1 1 
ATOM   701 O  OE2 . GLU A 1 80  ? 4.847   0.819   9.768   1.00 22.03 ? 168  GLU A OE2 1 
ATOM   702 N  N   . ILE A 1 81  ? 3.698   -4.081  7.801   1.00 8.67  ? 169  ILE A N   1 
ATOM   703 C  CA  . ILE A 1 81  ? 4.383   -5.179  7.139   1.00 6.54  ? 169  ILE A CA  1 
ATOM   704 C  C   . ILE A 1 81  ? 4.394   -4.953  5.628   1.00 9.45  ? 169  ILE A C   1 
ATOM   705 O  O   . ILE A 1 81  ? 5.367   -5.283  4.948   1.00 9.18  ? 169  ILE A O   1 
ATOM   706 C  CB  . ILE A 1 81  ? 3.694   -6.524  7.454   1.00 9.83  ? 169  ILE A CB  1 
ATOM   707 C  CG1 . ILE A 1 81  ? 3.761   -6.790  8.960   1.00 10.48 ? 169  ILE A CG1 1 
ATOM   708 C  CG2 . ILE A 1 81  ? 4.355   -7.654  6.667   1.00 9.35  ? 169  ILE A CG2 1 
ATOM   709 C  CD1 . ILE A 1 81  ? 3.057   -8.067  9.397   1.00 14.94 ? 169  ILE A CD1 1 
ATOM   710 N  N   . ALA A 1 82  ? 3.316   -4.377  5.103   1.00 7.30  ? 170  ALA A N   1 
ATOM   711 C  CA  . ALA A 1 82  ? 3.232   -4.128  3.666   1.00 9.70  ? 170  ALA A CA  1 
ATOM   712 C  C   . ALA A 1 82  ? 4.369   -3.234  3.174   1.00 7.42  ? 170  ALA A C   1 
ATOM   713 O  O   . ALA A 1 82  ? 4.766   -3.313  2.016   1.00 8.93  ? 170  ALA A O   1 
ATOM   714 C  CB  . ALA A 1 82  ? 1.883   -3.502  3.319   1.00 11.24 ? 170  ALA A CB  1 
ATOM   715 N  N   . LYS A 1 83  ? 4.900   -2.389  4.048   1.00 7.99  ? 171  LYS A N   1 
ATOM   716 C  CA  . LYS A 1 83  ? 5.993   -1.503  3.653   1.00 9.76  ? 171  LYS A CA  1 
ATOM   717 C  C   . LYS A 1 83  ? 7.278   -2.270  3.348   1.00 12.49 ? 171  LYS A C   1 
ATOM   718 O  O   . LYS A 1 83  ? 8.162   -1.754  2.662   1.00 9.76  ? 171  LYS A O   1 
ATOM   719 C  CB  . LYS A 1 83  ? 6.264   -0.473  4.752   1.00 11.83 ? 171  LYS A CB  1 
ATOM   720 C  CG  . LYS A 1 83  ? 5.097   0.471   5.006   1.00 12.22 ? 171  LYS A CG  1 
ATOM   721 C  CD  . LYS A 1 83  ? 5.375   1.401   6.180   1.00 13.85 ? 171  LYS A CD  1 
ATOM   722 C  CE  . LYS A 1 83  ? 4.141   2.204   6.553   1.00 15.13 ? 171  LYS A CE  1 
ATOM   723 N  NZ  . LYS A 1 83  ? 4.367   2.990   7.801   1.00 20.11 ? 171  LYS A NZ  1 
ATOM   724 N  N   . LEU A 1 84  ? 7.368   -3.502  3.847   1.00 10.21 ? 172  LEU A N   1 
ATOM   725 C  CA  . LEU A 1 84  ? 8.555   -4.333  3.652   1.00 10.73 ? 172  LEU A CA  1 
ATOM   726 C  C   . LEU A 1 84  ? 8.496   -5.241  2.423   1.00 11.32 ? 172  LEU A C   1 
ATOM   727 O  O   . LEU A 1 84  ? 9.498   -5.857  2.058   1.00 11.26 ? 172  LEU A O   1 
ATOM   728 C  CB  . LEU A 1 84  ? 8.793   -5.196  4.899   1.00 11.83 ? 172  LEU A CB  1 
ATOM   729 C  CG  . LEU A 1 84  ? 8.826   -4.498  6.262   1.00 14.95 ? 172  LEU A CG  1 
ATOM   730 C  CD1 . LEU A 1 84  ? 9.083   -5.530  7.348   1.00 16.94 ? 172  LEU A CD1 1 
ATOM   731 C  CD2 . LEU A 1 84  ? 9.909   -3.423  6.281   1.00 16.10 ? 172  LEU A CD2 1 
ATOM   732 N  N   . LEU A 1 85  ? 7.331   -5.333  1.790   1.00 7.00  ? 173  LEU A N   1 
ATOM   733 C  CA  . LEU A 1 85  ? 7.174   -6.179  0.606   1.00 8.80  ? 173  LEU A CA  1 
ATOM   734 C  C   . LEU A 1 85  ? 6.885   -5.338  -0.640  1.00 9.33  ? 173  LEU A C   1 
ATOM   735 O  O   . LEU A 1 85  ? 5.774   -4.855  -0.836  1.00 9.63  ? 173  LEU A O   1 
ATOM   736 C  CB  . LEU A 1 85  ? 6.041   -7.199  0.820   1.00 9.36  ? 173  LEU A CB  1 
ATOM   737 C  CG  . LEU A 1 85  ? 6.297   -8.423  1.714   1.00 13.79 ? 173  LEU A CG  1 
ATOM   738 C  CD1 . LEU A 1 85  ? 7.463   -9.222  1.164   1.00 15.94 ? 173  LEU A CD1 1 
ATOM   739 C  CD2 . LEU A 1 85  ? 6.584   -7.987  3.140   1.00 18.54 ? 173  LEU A CD2 1 
ATOM   740 N  N   . PRO A 1 86  ? 7.891   -5.176  -1.512  1.00 11.97 ? 174  PRO A N   1 
ATOM   741 C  CA  . PRO A 1 86  ? 7.793   -4.400  -2.751  1.00 13.00 ? 174  PRO A CA  1 
ATOM   742 C  C   . PRO A 1 86  ? 6.550   -4.587  -3.619  1.00 12.46 ? 174  PRO A C   1 
ATOM   743 O  O   . PRO A 1 86  ? 5.985   -3.611  -4.104  1.00 15.13 ? 174  PRO A O   1 
ATOM   744 C  CB  . PRO A 1 86  ? 9.071   -4.781  -3.492  1.00 14.35 ? 174  PRO A CB  1 
ATOM   745 C  CG  . PRO A 1 86  ? 10.045  -4.962  -2.379  1.00 17.01 ? 174  PRO A CG  1 
ATOM   746 C  CD  . PRO A 1 86  ? 9.239   -5.756  -1.369  1.00 13.76 ? 174  PRO A CD  1 
ATOM   747 N  N   . GLY A 1 87  ? 6.118   -5.826  -3.830  1.00 11.51 ? 175  GLY A N   1 
ATOM   748 C  CA  . GLY A 1 87  ? 4.959   -6.031  -4.684  1.00 14.43 ? 175  GLY A CA  1 
ATOM   749 C  C   . GLY A 1 87  ? 3.650   -6.413  -4.021  1.00 11.74 ? 175  GLY A C   1 
ATOM   750 O  O   . GLY A 1 87  ? 2.749   -6.918  -4.689  1.00 14.24 ? 175  GLY A O   1 
ATOM   751 N  N   . ARG A 1 88  ? 3.512   -6.150  -2.726  1.00 8.82  ? 176  ARG A N   1 
ATOM   752 C  CA  . ARG A 1 88  ? 2.293   -6.534  -2.025  1.00 9.89  ? 176  ARG A CA  1 
ATOM   753 C  C   . ARG A 1 88  ? 1.627   -5.409  -1.258  1.00 11.41 ? 176  ARG A C   1 
ATOM   754 O  O   . ARG A 1 88  ? 2.297   -4.524  -0.722  1.00 11.05 ? 176  ARG A O   1 
ATOM   755 C  CB  . ARG A 1 88  ? 2.590   -7.660  -1.037  1.00 9.98  ? 176  ARG A CB  1 
ATOM   756 C  CG  . ARG A 1 88  ? 3.400   -8.812  -1.602  1.00 9.75  ? 176  ARG A CG  1 
ATOM   757 C  CD  . ARG A 1 88  ? 2.619   -9.614  -2.628  1.00 12.69 ? 176  ARG A CD  1 
ATOM   758 N  NE  . ARG A 1 88  ? 3.383   -10.785 -3.053  1.00 13.53 ? 176  ARG A NE  1 
ATOM   759 C  CZ  . ARG A 1 88  ? 2.949   -11.680 -3.934  1.00 15.05 ? 176  ARG A CZ  1 
ATOM   760 N  NH1 . ARG A 1 88  ? 1.749   -11.539 -4.487  1.00 13.62 ? 176  ARG A NH1 1 
ATOM   761 N  NH2 . ARG A 1 88  ? 3.717   -12.712 -4.257  1.00 12.76 ? 176  ARG A NH2 1 
ATOM   762 N  N   . THR A 1 89  ? 0.300   -5.460  -1.215  1.00 8.43  ? 177  THR A N   1 
ATOM   763 C  CA  . THR A 1 89  ? -0.504  -4.493  -0.479  1.00 7.95  ? 177  THR A CA  1 
ATOM   764 C  C   . THR A 1 89  ? -0.790  -5.123  0.882   1.00 7.89  ? 177  THR A C   1 
ATOM   765 O  O   . THR A 1 89  ? -0.566  -6.321  1.073   1.00 9.16  ? 177  THR A O   1 
ATOM   766 C  CB  . THR A 1 89  ? -1.847  -4.256  -1.165  1.00 9.43  ? 177  THR A CB  1 
ATOM   767 O  OG1 . THR A 1 89  ? -2.552  -5.500  -1.239  1.00 10.23 ? 177  THR A OG1 1 
ATOM   768 C  CG2 . THR A 1 89  ? -1.643  -3.707  -2.575  1.00 12.97 ? 177  THR A CG2 1 
ATOM   769 N  N   . ASP A 1 90  ? -1.301  -4.335  1.823   1.00 6.83  ? 178  ASP A N   1 
ATOM   770 C  CA  . ASP A 1 90  ? -1.600  -4.878  3.143   1.00 8.52  ? 178  ASP A CA  1 
ATOM   771 C  C   . ASP A 1 90  ? -2.660  -5.981  3.108   1.00 10.98 ? 178  ASP A C   1 
ATOM   772 O  O   . ASP A 1 90  ? -2.532  -6.986  3.810   1.00 10.87 ? 178  ASP A O   1 
ATOM   773 C  CB  . ASP A 1 90  ? -2.018  -3.763  4.118   1.00 12.47 ? 178  ASP A CB  1 
ATOM   774 C  CG  . ASP A 1 90  ? -3.155  -2.893  3.594   1.00 18.66 ? 178  ASP A CG  1 
ATOM   775 O  OD1 . ASP A 1 90  ? -3.565  -1.977  4.339   1.00 24.90 ? 178  ASP A OD1 1 
ATOM   776 O  OD2 . ASP A 1 90  ? -3.641  -3.102  2.463   1.00 14.89 ? 178  ASP A OD2 1 
ATOM   777 N  N   . ASN A 1 91  ? -3.694  -5.814  2.286   1.00 11.22 ? 179  ASN A N   1 
ATOM   778 C  CA  . ASN A 1 91  ? -4.735  -6.836  2.209   1.00 14.34 ? 179  ASN A CA  1 
ATOM   779 C  C   . ASN A 1 91  ? -4.216  -8.144  1.637   1.00 13.12 ? 179  ASN A C   1 
ATOM   780 O  O   . ASN A 1 91  ? -4.627  -9.225  2.068   1.00 16.02 ? 179  ASN A O   1 
ATOM   781 C  CB  . ASN A 1 91  ? -5.919  -6.342  1.380   1.00 20.00 ? 179  ASN A CB  1 
ATOM   782 C  CG  . ASN A 1 91  ? -7.029  -5.781  2.241   1.00 29.02 ? 179  ASN A CG  1 
ATOM   783 O  OD1 . ASN A 1 91  ? -6.892  -4.712  2.835   1.00 32.93 ? 179  ASN A OD1 1 
ATOM   784 N  ND2 . ASN A 1 91  ? -8.137  -6.515  2.328   1.00 34.98 ? 179  ASN A ND2 1 
ATOM   785 N  N   . ALA A 1 92  ? -3.318  -8.050  0.663   1.00 11.38 ? 180  ALA A N   1 
ATOM   786 C  CA  . ALA A 1 92  ? -2.736  -9.239  0.056   1.00 11.14 ? 180  ALA A CA  1 
ATOM   787 C  C   . ALA A 1 92  ? -2.008  -10.046 1.127   1.00 12.11 ? 180  ALA A C   1 
ATOM   788 O  O   . ALA A 1 92  ? -2.147  -11.266 1.204   1.00 12.34 ? 180  ALA A O   1 
ATOM   789 C  CB  . ALA A 1 92  ? -1.758  -8.839  -1.049  1.00 11.72 ? 180  ALA A CB  1 
ATOM   790 N  N   . ILE A 1 93  ? -1.233  -9.354  1.956   1.00 9.75  ? 181  ILE A N   1 
ATOM   791 C  CA  . ILE A 1 93  ? -0.474  -10.004 3.016   1.00 11.23 ? 181  ILE A CA  1 
ATOM   792 C  C   . ILE A 1 93  ? -1.390  -10.637 4.051   1.00 11.41 ? 181  ILE A C   1 
ATOM   793 O  O   . ILE A 1 93  ? -1.195  -11.784 4.446   1.00 12.79 ? 181  ILE A O   1 
ATOM   794 C  CB  . ILE A 1 93  ? 0.460   -8.995  3.721   1.00 9.48  ? 181  ILE A CB  1 
ATOM   795 C  CG1 . ILE A 1 93  ? 1.464   -8.440  2.708   1.00 12.10 ? 181  ILE A CG1 1 
ATOM   796 C  CG2 . ILE A 1 93  ? 1.178   -9.667  4.886   1.00 8.55  ? 181  ILE A CG2 1 
ATOM   797 C  CD1 . ILE A 1 93  ? 2.440   -7.440  3.288   1.00 12.68 ? 181  ILE A CD1 1 
ATOM   798 N  N   . LYS A 1 94  ? -2.391  -9.881  4.488   1.00 11.81 ? 182  LYS A N   1 
ATOM   799 C  CA  . LYS A 1 94  ? -3.338  -10.368 5.482   1.00 16.06 ? 182  LYS A CA  1 
ATOM   800 C  C   . LYS A 1 94  ? -3.999  -11.664 5.037   1.00 16.74 ? 182  LYS A C   1 
ATOM   801 O  O   . LYS A 1 94  ? -4.140  -12.599 5.829   1.00 17.97 ? 182  LYS A O   1 
ATOM   802 C  CB  . LYS A 1 94  ? -4.420  -9.319  5.757   1.00 15.30 ? 182  LYS A CB  1 
ATOM   803 C  CG  . LYS A 1 94  ? -5.425  -9.754  6.814   1.00 19.64 ? 182  LYS A CG  1 
ATOM   804 C  CD  . LYS A 1 94  ? -6.399  -8.639  7.162   1.00 26.88 ? 182  LYS A CD  1 
ATOM   805 C  CE  . LYS A 1 94  ? -7.280  -8.270  5.980   1.00 30.42 ? 182  LYS A CE  1 
ATOM   806 N  NZ  . LYS A 1 94  ? -8.240  -7.191  6.342   1.00 34.71 ? 182  LYS A NZ  1 
ATOM   807 N  N   . ASN A 1 95  ? -4.406  -11.722 3.773   1.00 17.43 ? 183  ASN A N   1 
ATOM   808 C  CA  . ASN A 1 95  ? -5.059  -12.919 3.254   1.00 18.80 ? 183  ASN A CA  1 
ATOM   809 C  C   . ASN A 1 95  ? -4.100  -14.092 3.102   1.00 19.18 ? 183  ASN A C   1 
ATOM   810 O  O   . ASN A 1 95  ? -4.467  -15.237 3.368   1.00 18.40 ? 183  ASN A O   1 
ATOM   811 C  CB  . ASN A 1 95  ? -5.736  -12.622 1.917   1.00 21.41 ? 183  ASN A CB  1 
ATOM   812 C  CG  . ASN A 1 95  ? -6.877  -11.635 2.055   1.00 26.46 ? 183  ASN A CG  1 
ATOM   813 O  OD1 . ASN A 1 95  ? -7.625  -11.671 3.033   1.00 31.41 ? 183  ASN A OD1 1 
ATOM   814 N  ND2 . ASN A 1 95  ? -7.026  -10.758 1.071   1.00 32.25 ? 183  ASN A ND2 1 
ATOM   815 N  N   . HIS A 1 96  ? -2.873  -13.807 2.678   1.00 18.33 ? 184  HIS A N   1 
ATOM   816 C  CA  . HIS A 1 96  ? -1.861  -14.842 2.501   1.00 17.41 ? 184  HIS A CA  1 
ATOM   817 C  C   . HIS A 1 96  ? -1.532  -15.486 3.843   1.00 18.01 ? 184  HIS A C   1 
ATOM   818 O  O   . HIS A 1 96  ? -1.361  -16.699 3.937   1.00 17.31 ? 184  HIS A O   1 
ATOM   819 C  CB  . HIS A 1 96  ? -0.593  -14.233 1.894   1.00 18.20 ? 184  HIS A CB  1 
ATOM   820 C  CG  . HIS A 1 96  ? 0.528   -15.210 1.721   1.00 16.29 ? 184  HIS A CG  1 
ATOM   821 N  ND1 . HIS A 1 96  ? 0.401   -16.365 0.978   1.00 15.57 ? 184  HIS A ND1 1 
ATOM   822 C  CD2 . HIS A 1 96  ? 1.802   -15.194 2.179   1.00 15.61 ? 184  HIS A CD2 1 
ATOM   823 C  CE1 . HIS A 1 96  ? 1.549   -17.018 0.985   1.00 16.00 ? 184  HIS A CE1 1 
ATOM   824 N  NE2 . HIS A 1 96  ? 2.416   -16.329 1.706   1.00 16.05 ? 184  HIS A NE2 1 
ATOM   825 N  N   . TRP A 1 97  ? -1.445  -14.661 4.882   1.00 17.45 ? 185  TRP A N   1 
ATOM   826 C  CA  . TRP A 1 97  ? -1.132  -15.140 6.222   1.00 18.43 ? 185  TRP A CA  1 
ATOM   827 C  C   . TRP A 1 97  ? -2.227  -16.040 6.787   1.00 21.19 ? 185  TRP A C   1 
ATOM   828 O  O   . TRP A 1 97  ? -1.959  -17.153 7.243   1.00 20.26 ? 185  TRP A O   1 
ATOM   829 C  CB  . TRP A 1 97  ? -0.903  -13.945 7.155   1.00 16.82 ? 185  TRP A CB  1 
ATOM   830 C  CG  . TRP A 1 97  ? -0.751  -14.301 8.610   1.00 18.14 ? 185  TRP A CG  1 
ATOM   831 C  CD1 . TRP A 1 97  ? -1.750  -14.416 9.538   1.00 19.15 ? 185  TRP A CD1 1 
ATOM   832 C  CD2 . TRP A 1 97  ? 0.472   -14.572 9.302   1.00 17.42 ? 185  TRP A CD2 1 
ATOM   833 N  NE1 . TRP A 1 97  ? -1.221  -14.736 10.765  1.00 20.01 ? 185  TRP A NE1 1 
ATOM   834 C  CE2 . TRP A 1 97  ? 0.140   -14.838 10.650  1.00 20.05 ? 185  TRP A CE2 1 
ATOM   835 C  CE3 . TRP A 1 97  ? 1.818   -14.613 8.916   1.00 16.69 ? 185  TRP A CE3 1 
ATOM   836 C  CZ2 . TRP A 1 97  ? 1.108   -15.141 11.616  1.00 19.09 ? 185  TRP A CZ2 1 
ATOM   837 C  CZ3 . TRP A 1 97  ? 2.783   -14.916 9.878   1.00 19.59 ? 185  TRP A CZ3 1 
ATOM   838 C  CH2 . TRP A 1 97  ? 2.419   -15.176 11.212  1.00 18.76 ? 185  TRP A CH2 1 
ATOM   839 N  N   . ASN A 1 98  ? -3.463  -15.558 6.750   1.00 22.55 ? 186  ASN A N   1 
ATOM   840 C  CA  . ASN A 1 98  ? -4.589  -16.317 7.280   1.00 27.16 ? 186  ASN A CA  1 
ATOM   841 C  C   . ASN A 1 98  ? -4.903  -17.615 6.552   1.00 28.84 ? 186  ASN A C   1 
ATOM   842 O  O   . ASN A 1 98  ? -5.493  -18.523 7.137   1.00 28.97 ? 186  ASN A O   1 
ATOM   843 C  CB  . ASN A 1 98  ? -5.842  -15.442 7.309   1.00 27.69 ? 186  ASN A CB  1 
ATOM   844 C  CG  . ASN A 1 98  ? -5.777  -14.383 8.379   1.00 30.49 ? 186  ASN A CG  1 
ATOM   845 O  OD1 . ASN A 1 98  ? -5.528  -14.684 9.544   1.00 32.69 ? 186  ASN A OD1 1 
ATOM   846 N  ND2 . ASN A 1 98  ? -6.004  -13.133 7.992   1.00 33.12 ? 186  ASN A ND2 1 
ATOM   847 N  N   . SER A 1 99  ? -4.506  -17.716 5.290   1.00 29.45 ? 187  SER A N   1 
ATOM   848 C  CA  . SER A 1 99  ? -4.796  -18.918 4.520   1.00 34.48 ? 187  SER A CA  1 
ATOM   849 C  C   . SER A 1 99  ? -3.613  -19.845 4.259   1.00 37.04 ? 187  SER A C   1 
ATOM   850 O  O   . SER A 1 99  ? -3.807  -20.980 3.820   1.00 38.58 ? 187  SER A O   1 
ATOM   851 C  CB  . SER A 1 99  ? -5.420  -18.529 3.179   1.00 34.53 ? 187  SER A CB  1 
ATOM   852 O  OG  . SER A 1 99  ? -4.496  -17.818 2.375   1.00 37.40 ? 187  SER A OG  1 
ATOM   853 N  N   . THR A 1 100 ? -2.396  -19.386 4.534   1.00 38.17 ? 188  THR A N   1 
ATOM   854 C  CA  . THR A 1 100 ? -1.226  -20.216 4.264   1.00 40.58 ? 188  THR A CA  1 
ATOM   855 C  C   . THR A 1 100 ? -0.123  -20.220 5.324   1.00 41.02 ? 188  THR A C   1 
ATOM   856 O  O   . THR A 1 100 ? 0.604   -21.205 5.457   1.00 42.46 ? 188  THR A O   1 
ATOM   857 C  CB  . THR A 1 100 ? -0.593  -19.814 2.909   1.00 40.91 ? 188  THR A CB  1 
ATOM   858 O  OG1 . THR A 1 100 ? -1.555  -19.998 1.862   1.00 43.47 ? 188  THR A OG1 1 
ATOM   859 C  CG2 . THR A 1 100 ? 0.639   -20.653 2.613   1.00 42.82 ? 188  THR A CG2 1 
ATOM   860 N  N   . MET A 1 101 ? 0.005   -19.135 6.077   1.00 40.53 ? 189  MET A N   1 
ATOM   861 C  CA  . MET A 1 101 ? 1.057   -19.048 7.085   1.00 40.63 ? 189  MET A CA  1 
ATOM   862 C  C   . MET A 1 101 ? 0.598   -19.215 8.527   1.00 42.72 ? 189  MET A C   1 
ATOM   863 O  O   . MET A 1 101 ? 1.361   -19.673 9.378   1.00 43.90 ? 189  MET A O   1 
ATOM   864 C  CB  . MET A 1 101 ? 1.786   -17.714 6.941   1.00 36.97 ? 189  MET A CB  1 
ATOM   865 C  CG  . MET A 1 101 ? 2.344   -17.470 5.552   1.00 32.33 ? 189  MET A CG  1 
ATOM   866 S  SD  . MET A 1 101 ? 3.118   -15.854 5.447   1.00 29.01 ? 189  MET A SD  1 
ATOM   867 C  CE  . MET A 1 101 ? 4.609   -16.151 6.375   1.00 20.81 ? 189  MET A CE  1 
ATOM   868 N  N   . ARG A 1 102 ? -0.644  -18.837 8.802   1.00 45.04 ? 190  ARG A N   1 
ATOM   869 C  CA  . ARG A 1 102 ? -1.203  -18.938 10.145  1.00 47.50 ? 190  ARG A CA  1 
ATOM   870 C  C   . ARG A 1 102 ? -1.074  -20.363 10.683  1.00 48.57 ? 190  ARG A C   1 
ATOM   871 O  O   . ARG A 1 102 ? -0.535  -20.525 11.798  1.00 47.38 ? 190  ARG A O   1 
ATOM   872 C  CB  . ARG A 1 102 ? -2.673  -18.514 10.122  1.00 48.95 ? 190  ARG A CB  1 
ATOM   873 C  CG  . ARG A 1 102 ? -3.305  -18.326 11.489  1.00 52.42 ? 190  ARG A CG  1 
ATOM   874 C  CD  . ARG A 1 102 ? -4.768  -17.943 11.344  1.00 54.78 ? 190  ARG A CD  1 
ATOM   875 N  NE  . ARG A 1 102 ? -5.522  -18.980 10.646  1.00 57.59 ? 190  ARG A NE  1 
ATOM   876 C  CZ  . ARG A 1 102 ? -6.756  -18.824 10.177  1.00 59.25 ? 190  ARG A CZ  1 
ATOM   877 N  NH1 . ARG A 1 102 ? -7.387  -17.667 10.326  1.00 58.79 ? 190  ARG A NH1 1 
ATOM   878 N  NH2 . ARG A 1 102 ? -7.361  -19.831 9.559   1.00 61.64 ? 190  ARG A NH2 1 
ATOM   879 N  N   . ARG A 1 103 ? -1.517  -21.301 9.984   1.00 50.24 ? 191  ARG A N   1 
HETATM 880 NA NA  . NA  B 2 .   ? 4.273   -3.140  -0.318  1.00 10.54 ? 1191 NA  A NA  1 
HETATM 881 NA NA  . NA  C 2 .   ? -0.998  18.241  -2.003  1.00 19.58 ? 1192 NA  A NA  1 
HETATM 882 O  O   . HOH D 3 .   ? -2.510  21.488  4.750   1.00 33.02 ? 2001 HOH A O   1 
HETATM 883 O  O   . HOH D 3 .   ? 2.518   19.808  12.025  1.00 29.32 ? 2002 HOH A O   1 
HETATM 884 O  O   . HOH D 3 .   ? -4.483  5.339   7.320   1.00 29.21 ? 2003 HOH A O   1 
HETATM 885 O  O   . HOH D 3 .   ? -7.595  5.208   8.128   1.00 46.67 ? 2004 HOH A O   1 
HETATM 886 O  O   . HOH D 3 .   ? -10.644 13.865  4.112   1.00 26.55 ? 2005 HOH A O   1 
HETATM 887 O  O   . HOH D 3 .   ? -12.769 8.277   6.545   1.00 23.49 ? 2006 HOH A O   1 
HETATM 888 O  O   . HOH D 3 .   ? -13.717 10.398  4.391   1.00 27.19 ? 2007 HOH A O   1 
HETATM 889 O  O   . HOH D 3 .   ? -6.116  15.575  1.788   1.00 14.65 ? 2008 HOH A O   1 
HETATM 890 O  O   . HOH D 3 .   ? -9.231  5.139   4.521   1.00 17.91 ? 2009 HOH A O   1 
HETATM 891 O  O   . HOH D 3 .   ? -9.475  2.312   1.652   1.00 19.90 ? 2010 HOH A O   1 
HETATM 892 O  O   . HOH D 3 .   ? -15.813 14.128  -7.338  1.00 45.25 ? 2011 HOH A O   1 
HETATM 893 O  O   . HOH D 3 .   ? -13.501 6.829   -14.091 1.00 31.67 ? 2012 HOH A O   1 
HETATM 894 O  O   . HOH D 3 .   ? 6.111   12.668  -9.564  1.00 27.90 ? 2013 HOH A O   1 
HETATM 895 O  O   . HOH D 3 .   ? 2.817   18.014  -5.264  1.00 34.88 ? 2014 HOH A O   1 
HETATM 896 O  O   . HOH D 3 .   ? -15.108 7.438   8.425   1.00 45.96 ? 2015 HOH A O   1 
HETATM 897 O  O   . HOH D 3 .   ? 0.032   19.799  -0.188  1.00 33.08 ? 2016 HOH A O   1 
HETATM 898 O  O   . HOH D 3 .   ? 1.163   18.920  -3.315  1.00 21.74 ? 2017 HOH A O   1 
HETATM 899 O  O   . HOH D 3 .   ? 4.726   16.408  -4.235  1.00 18.89 ? 2018 HOH A O   1 
HETATM 900 O  O   . HOH D 3 .   ? 6.913   13.663  -3.019  1.00 20.59 ? 2019 HOH A O   1 
HETATM 901 O  O   . HOH D 3 .   ? 1.152   6.935   2.444   1.00 22.70 ? 2020 HOH A O   1 
HETATM 902 O  O   . HOH D 3 .   ? 11.041  7.973   -1.468  1.00 45.35 ? 2021 HOH A O   1 
HETATM 903 O  O   . HOH D 3 .   ? 8.032   8.458   -7.299  1.00 25.66 ? 2022 HOH A O   1 
HETATM 904 O  O   . HOH D 3 .   ? 10.614  9.132   -7.290  1.00 40.43 ? 2023 HOH A O   1 
HETATM 905 O  O   . HOH D 3 .   ? 10.927  9.364   -3.537  1.00 29.11 ? 2024 HOH A O   1 
HETATM 906 O  O   . HOH D 3 .   ? 12.850  10.158  -1.806  1.00 49.56 ? 2025 HOH A O   1 
HETATM 907 O  O   . HOH D 3 .   ? 5.048   4.989   3.904   1.00 45.58 ? 2026 HOH A O   1 
HETATM 908 O  O   . HOH D 3 .   ? 6.361   2.620   2.220   1.00 30.37 ? 2027 HOH A O   1 
HETATM 909 O  O   . HOH D 3 .   ? -2.961  2.310   7.073   1.00 44.72 ? 2028 HOH A O   1 
HETATM 910 O  O   . HOH D 3 .   ? 0.188   0.499   -10.675 1.00 24.40 ? 2029 HOH A O   1 
HETATM 911 O  O   . HOH D 3 .   ? 0.805   -3.090  -5.247  1.00 26.39 ? 2030 HOH A O   1 
HETATM 912 O  O   . HOH D 3 .   ? 1.974   -1.904  -7.279  1.00 29.81 ? 2031 HOH A O   1 
HETATM 913 O  O   . HOH D 3 .   ? 2.292   -19.893 -0.761  1.00 40.38 ? 2032 HOH A O   1 
HETATM 914 O  O   . HOH D 3 .   ? 2.565   2.988   3.182   1.00 20.77 ? 2033 HOH A O   1 
HETATM 915 O  O   . HOH D 3 .   ? 1.884   -1.943  -9.945  1.00 44.23 ? 2034 HOH A O   1 
HETATM 916 O  O   . HOH D 3 .   ? 0.165   -9.074  -7.352  1.00 28.60 ? 2035 HOH A O   1 
HETATM 917 O  O   . HOH D 3 .   ? 2.493   -19.383 -3.353  1.00 29.24 ? 2036 HOH A O   1 
HETATM 918 O  O   . HOH D 3 .   ? 11.622  -13.249 -3.413  1.00 29.48 ? 2037 HOH A O   1 
HETATM 919 O  O   . HOH D 3 .   ? 13.599  -12.900 3.027   1.00 31.00 ? 2038 HOH A O   1 
HETATM 920 O  O   . HOH D 3 .   ? 7.222   -8.466  -2.520  1.00 17.15 ? 2039 HOH A O   1 
HETATM 921 O  O   . HOH D 3 .   ? 6.277   -10.076 -5.505  1.00 41.36 ? 2040 HOH A O   1 
HETATM 922 O  O   . HOH D 3 .   ? 15.394  -15.345 2.973   1.00 45.23 ? 2041 HOH A O   1 
HETATM 923 O  O   . HOH D 3 .   ? 11.267  -11.058 14.528  1.00 32.36 ? 2042 HOH A O   1 
HETATM 924 O  O   . HOH D 3 .   ? 13.730  -9.423  9.616   1.00 22.26 ? 2043 HOH A O   1 
HETATM 925 O  O   . HOH D 3 .   ? 13.972  -9.514  13.691  1.00 28.14 ? 2044 HOH A O   1 
HETATM 926 O  O   . HOH D 3 .   ? 11.051  -8.525  8.676   1.00 15.00 ? 2045 HOH A O   1 
HETATM 927 O  O   . HOH D 3 .   ? -0.953  -9.558  16.561  1.00 40.77 ? 2046 HOH A O   1 
HETATM 928 O  O   . HOH D 3 .   ? -6.267  -8.519  11.448  1.00 34.09 ? 2047 HOH A O   1 
HETATM 929 O  O   . HOH D 3 .   ? -2.652  -2.600  9.549   1.00 37.13 ? 2048 HOH A O   1 
HETATM 930 O  O   . HOH D 3 .   ? 1.428   0.854   4.453   1.00 24.15 ? 2049 HOH A O   1 
HETATM 931 O  O   . HOH D 3 .   ? 2.578   1.336   10.943  1.00 38.69 ? 2050 HOH A O   1 
HETATM 932 O  O   . HOH D 3 .   ? 6.656   -1.734  -0.327  1.00 13.36 ? 2051 HOH A O   1 
HETATM 933 O  O   . HOH D 3 .   ? 4.002   -2.419  -2.582  1.00 8.93  ? 2052 HOH A O   1 
HETATM 934 O  O   . HOH D 3 .   ? 4.278   -3.448  -6.395  1.00 34.48 ? 2053 HOH A O   1 
HETATM 935 O  O   . HOH D 3 .   ? 3.113   -8.428  -6.822  1.00 40.63 ? 2054 HOH A O   1 
HETATM 936 O  O   . HOH D 3 .   ? -0.482  -9.808  -4.422  1.00 19.19 ? 2055 HOH A O   1 
HETATM 937 O  O   . HOH D 3 .   ? -0.820  -7.127  -3.761  1.00 18.10 ? 2056 HOH A O   1 
HETATM 938 O  O   . HOH D 3 .   ? -1.087  0.154   3.906   1.00 25.52 ? 2057 HOH A O   1 
HETATM 939 O  O   . HOH D 3 .   ? -3.044  -12.803 -0.725  1.00 32.14 ? 2058 HOH A O   1 
HETATM 940 O  O   . HOH D 3 .   ? -7.082  -22.783 9.540   1.00 36.95 ? 2059 HOH A O   1 
HETATM 941 O  O   . HOH D 3 .   ? 0.958   -23.487 12.204  1.00 37.63 ? 2060 HOH A O   1 
# 
loop_
_pdbx_poly_seq_scheme.asym_id 
_pdbx_poly_seq_scheme.entity_id 
_pdbx_poly_seq_scheme.seq_id 
_pdbx_poly_seq_scheme.mon_id 
_pdbx_poly_seq_scheme.ndb_seq_num 
_pdbx_poly_seq_scheme.pdb_seq_num 
_pdbx_poly_seq_scheme.auth_seq_num 
_pdbx_poly_seq_scheme.pdb_mon_id 
_pdbx_poly_seq_scheme.auth_mon_id 
_pdbx_poly_seq_scheme.pdb_strand_id 
_pdbx_poly_seq_scheme.pdb_ins_code 
_pdbx_poly_seq_scheme.hetero 
A 1 1   GLU 1   89  89  GLU GLU A . n 
A 1 2   LEU 2   90  90  LEU LEU A . n 
A 1 3   ILE 3   91  91  ILE ILE A . n 
A 1 4   LYS 4   92  92  LYS LYS A . n 
A 1 5   GLY 5   93  93  GLY GLY A . n 
A 1 6   PRO 6   94  94  PRO PRO A . n 
A 1 7   TRP 7   95  95  TRP TRP A . n 
A 1 8   THR 8   96  96  THR THR A . n 
A 1 9   LYS 9   97  97  LYS LYS A . n 
A 1 10  GLU 10  98  98  GLU GLU A . n 
A 1 11  GLU 11  99  99  GLU GLU A . n 
A 1 12  ASP 12  100 100 ASP ASP A . n 
A 1 13  GLN 13  101 101 GLN GLN A . n 
A 1 14  ARG 14  102 102 ARG ARG A . n 
A 1 15  VAL 15  103 103 VAL VAL A . n 
A 1 16  ILE 16  104 104 ILE ILE A . n 
A 1 17  LYS 17  105 105 LYS LYS A . n 
A 1 18  LEU 18  106 106 LEU LEU A . n 
A 1 19  VAL 19  107 107 VAL VAL A . n 
A 1 20  GLN 20  108 108 GLN GLN A . n 
A 1 21  LYS 21  109 109 LYS LYS A . n 
A 1 22  TYR 22  110 110 TYR TYR A . n 
A 1 23  GLY 23  111 111 GLY GLY A . n 
A 1 24  PRO 24  112 112 PRO PRO A . n 
A 1 25  LYS 25  113 113 LYS LYS A . n 
A 1 26  ARG 26  114 114 ARG ARG A . n 
A 1 27  TRP 27  115 115 TRP TRP A . n 
A 1 28  SER 28  116 116 SER SER A . n 
A 1 29  VAL 29  117 117 VAL VAL A . n 
A 1 30  ILE 30  118 118 ILE ILE A . n 
A 1 31  ALA 31  119 119 ALA ALA A . n 
A 1 32  LYS 32  120 120 LYS LYS A . n 
A 1 33  HIS 33  121 121 HIS HIS A . n 
A 1 34  LEU 34  122 122 LEU LEU A . n 
A 1 35  LYS 35  123 123 LYS LYS A . n 
A 1 36  GLY 36  124 124 GLY GLY A . n 
A 1 37  ARG 37  125 125 ARG ARG A . n 
A 1 38  ILE 38  126 126 ILE ILE A . n 
A 1 39  GLY 39  127 127 GLY GLY A . n 
A 1 40  LYS 40  128 128 LYS LYS A . n 
A 1 41  GLN 41  129 129 GLN GLN A . n 
A 1 42  CYS 42  130 130 CYS CYS A . n 
A 1 43  ARG 43  131 131 ARG ARG A . n 
A 1 44  GLU 44  132 132 GLU GLU A . n 
A 1 45  ARG 45  133 133 ARG ARG A . n 
A 1 46  TRP 46  134 134 TRP TRP A . n 
A 1 47  HIS 47  135 135 HIS HIS A . n 
A 1 48  ASN 48  136 136 ASN ASN A . n 
A 1 49  HIS 49  137 137 HIS HIS A . n 
A 1 50  LEU 50  138 138 LEU LEU A . n 
A 1 51  ASN 51  139 139 ASN ASN A . n 
A 1 52  PRO 52  140 140 PRO PRO A . n 
A 1 53  GLU 53  141 141 GLU GLU A . n 
A 1 54  VAL 54  142 142 VAL VAL A . n 
A 1 55  LYS 55  143 143 LYS LYS A . n 
A 1 56  LYS 56  144 144 LYS LYS A . n 
A 1 57  THR 57  145 145 THR THR A . n 
A 1 58  SER 58  146 146 SER SER A . n 
A 1 59  TRP 59  147 147 TRP TRP A . n 
A 1 60  THR 60  148 148 THR THR A . n 
A 1 61  GLU 61  149 149 GLU GLU A . n 
A 1 62  GLU 62  150 150 GLU GLU A . n 
A 1 63  GLU 63  151 151 GLU GLU A . n 
A 1 64  ASP 64  152 152 ASP ASP A . n 
A 1 65  ARG 65  153 153 ARG ARG A . n 
A 1 66  ILE 66  154 154 ILE ILE A . n 
A 1 67  ILE 67  155 155 ILE ILE A . n 
A 1 68  TYR 68  156 156 TYR TYR A . n 
A 1 69  GLN 69  157 157 GLN GLN A . n 
A 1 70  ALA 70  158 158 ALA ALA A . n 
A 1 71  HIS 71  159 159 HIS HIS A . n 
A 1 72  LYS 72  160 160 LYS LYS A . n 
A 1 73  ARG 73  161 161 ARG ARG A . n 
A 1 74  LEU 74  162 162 LEU LEU A . n 
A 1 75  GLY 75  163 163 GLY GLY A . n 
A 1 76  ASN 76  164 164 ASN ASN A . n 
A 1 77  ARG 77  165 165 ARG ARG A . n 
A 1 78  TRP 78  166 166 TRP TRP A . n 
A 1 79  ALA 79  167 167 ALA ALA A . n 
A 1 80  GLU 80  168 168 GLU GLU A . n 
A 1 81  ILE 81  169 169 ILE ILE A . n 
A 1 82  ALA 82  170 170 ALA ALA A . n 
A 1 83  LYS 83  171 171 LYS LYS A . n 
A 1 84  LEU 84  172 172 LEU LEU A . n 
A 1 85  LEU 85  173 173 LEU LEU A . n 
A 1 86  PRO 86  174 174 PRO PRO A . n 
A 1 87  GLY 87  175 175 GLY GLY A . n 
A 1 88  ARG 88  176 176 ARG ARG A . n 
A 1 89  THR 89  177 177 THR THR A . n 
A 1 90  ASP 90  178 178 ASP ASP A . n 
A 1 91  ASN 91  179 179 ASN ASN A . n 
A 1 92  ALA 92  180 180 ALA ALA A . n 
A 1 93  ILE 93  181 181 ILE ILE A . n 
A 1 94  LYS 94  182 182 LYS LYS A . n 
A 1 95  ASN 95  183 183 ASN ASN A . n 
A 1 96  HIS 96  184 184 HIS HIS A . n 
A 1 97  TRP 97  185 185 TRP TRP A . n 
A 1 98  ASN 98  186 186 ASN ASN A . n 
A 1 99  SER 99  187 187 SER SER A . n 
A 1 100 THR 100 188 188 THR THR A . n 
A 1 101 MET 101 189 189 MET MET A . n 
A 1 102 ARG 102 190 190 ARG ARG A . n 
A 1 103 ARG 103 191 191 ARG ARG A . n 
A 1 104 LYS 104 192 ?   ?   ?   A . n 
A 1 105 VAL 105 193 ?   ?   ?   A . n 
# 
loop_
_pdbx_nonpoly_scheme.asym_id 
_pdbx_nonpoly_scheme.entity_id 
_pdbx_nonpoly_scheme.mon_id 
_pdbx_nonpoly_scheme.ndb_seq_num 
_pdbx_nonpoly_scheme.pdb_seq_num 
_pdbx_nonpoly_scheme.auth_seq_num 
_pdbx_nonpoly_scheme.pdb_mon_id 
_pdbx_nonpoly_scheme.auth_mon_id 
_pdbx_nonpoly_scheme.pdb_strand_id 
_pdbx_nonpoly_scheme.pdb_ins_code 
B 2 NA  1  1191 1191 NA  NA  A . 
C 2 NA  1  1192 1192 NA  NA  A . 
D 3 HOH 1  2001 2001 HOH HOH A . 
D 3 HOH 2  2002 2002 HOH HOH A . 
D 3 HOH 3  2003 2003 HOH HOH A . 
D 3 HOH 4  2004 2004 HOH HOH A . 
D 3 HOH 5  2005 2005 HOH HOH A . 
D 3 HOH 6  2006 2006 HOH HOH A . 
D 3 HOH 7  2007 2007 HOH HOH A . 
D 3 HOH 8  2008 2008 HOH HOH A . 
D 3 HOH 9  2009 2009 HOH HOH A . 
D 3 HOH 10 2010 2010 HOH HOH A . 
D 3 HOH 11 2011 2011 HOH HOH A . 
D 3 HOH 12 2012 2012 HOH HOH A . 
D 3 HOH 13 2013 2013 HOH HOH A . 
D 3 HOH 14 2014 2014 HOH HOH A . 
D 3 HOH 15 2015 2015 HOH HOH A . 
D 3 HOH 16 2016 2016 HOH HOH A . 
D 3 HOH 17 2017 2017 HOH HOH A . 
D 3 HOH 18 2018 2018 HOH HOH A . 
D 3 HOH 19 2019 2019 HOH HOH A . 
D 3 HOH 20 2020 2020 HOH HOH A . 
D 3 HOH 21 2021 2021 HOH HOH A . 
D 3 HOH 22 2022 2022 HOH HOH A . 
D 3 HOH 23 2023 2023 HOH HOH A . 
D 3 HOH 24 2024 2024 HOH HOH A . 
D 3 HOH 25 2025 2025 HOH HOH A . 
D 3 HOH 26 2026 2026 HOH HOH A . 
D 3 HOH 27 2027 2027 HOH HOH A . 
D 3 HOH 28 2028 2028 HOH HOH A . 
D 3 HOH 29 2029 2029 HOH HOH A . 
D 3 HOH 30 2030 2030 HOH HOH A . 
D 3 HOH 31 2031 2031 HOH HOH A . 
D 3 HOH 32 2032 2032 HOH HOH A . 
D 3 HOH 33 2033 2033 HOH HOH A . 
D 3 HOH 34 2034 2034 HOH HOH A . 
D 3 HOH 35 2035 2035 HOH HOH A . 
D 3 HOH 36 2036 2036 HOH HOH A . 
D 3 HOH 37 2037 2037 HOH HOH A . 
D 3 HOH 38 2038 2038 HOH HOH A . 
D 3 HOH 39 2039 2039 HOH HOH A . 
D 3 HOH 40 2040 2040 HOH HOH A . 
D 3 HOH 41 2041 2041 HOH HOH A . 
D 3 HOH 42 2042 2042 HOH HOH A . 
D 3 HOH 43 2043 2043 HOH HOH A . 
D 3 HOH 44 2044 2044 HOH HOH A . 
D 3 HOH 45 2045 2045 HOH HOH A . 
D 3 HOH 46 2046 2046 HOH HOH A . 
D 3 HOH 47 2047 2047 HOH HOH A . 
D 3 HOH 48 2048 2048 HOH HOH A . 
D 3 HOH 49 2049 2049 HOH HOH A . 
D 3 HOH 50 2050 2050 HOH HOH A . 
D 3 HOH 51 2051 2051 HOH HOH A . 
D 3 HOH 52 2052 2052 HOH HOH A . 
D 3 HOH 53 2053 2053 HOH HOH A . 
D 3 HOH 54 2054 2054 HOH HOH A . 
D 3 HOH 55 2055 2055 HOH HOH A . 
D 3 HOH 56 2056 2056 HOH HOH A . 
D 3 HOH 57 2057 2057 HOH HOH A . 
D 3 HOH 58 2058 2058 HOH HOH A . 
D 3 HOH 59 2059 2059 HOH HOH A . 
D 3 HOH 60 2060 2060 HOH HOH A . 
# 
_pdbx_struct_assembly.id                   1 
_pdbx_struct_assembly.details              author_and_software_defined_assembly 
_pdbx_struct_assembly.method_details       PQS 
_pdbx_struct_assembly.oligomeric_details   monomeric 
_pdbx_struct_assembly.oligomeric_count     1 
# 
_pdbx_struct_assembly_gen.assembly_id       1 
_pdbx_struct_assembly_gen.oper_expression   1 
_pdbx_struct_assembly_gen.asym_id_list      A,B,C,D 
# 
_pdbx_struct_oper_list.id                   1 
_pdbx_struct_oper_list.type                 'identity operation' 
_pdbx_struct_oper_list.name                 1_555 
_pdbx_struct_oper_list.symmetry_operation   x,y,z 
_pdbx_struct_oper_list.matrix[1][1]         1.0000000000 
_pdbx_struct_oper_list.matrix[1][2]         0.0000000000 
_pdbx_struct_oper_list.matrix[1][3]         0.0000000000 
_pdbx_struct_oper_list.vector[1]            0.0000000000 
_pdbx_struct_oper_list.matrix[2][1]         0.0000000000 
_pdbx_struct_oper_list.matrix[2][2]         1.0000000000 
_pdbx_struct_oper_list.matrix[2][3]         0.0000000000 
_pdbx_struct_oper_list.vector[2]            0.0000000000 
_pdbx_struct_oper_list.matrix[3][1]         0.0000000000 
_pdbx_struct_oper_list.matrix[3][2]         0.0000000000 
_pdbx_struct_oper_list.matrix[3][3]         1.0000000000 
_pdbx_struct_oper_list.vector[3]            0.0000000000 
# 
loop_
_pdbx_struct_conn_angle.id 
_pdbx_struct_conn_angle.ptnr1_label_atom_id 
_pdbx_struct_conn_angle.ptnr1_label_alt_id 
_pdbx_struct_conn_angle.ptnr1_label_asym_id 
_pdbx_struct_conn_angle.ptnr1_label_comp_id 
_pdbx_struct_conn_angle.ptnr1_label_seq_id 
_pdbx_struct_conn_angle.ptnr1_auth_atom_id 
_pdbx_struct_conn_angle.ptnr1_auth_asym_id 
_pdbx_struct_conn_angle.ptnr1_auth_comp_id 
_pdbx_struct_conn_angle.ptnr1_auth_seq_id 
_pdbx_struct_conn_angle.ptnr1_PDB_ins_code 
_pdbx_struct_conn_angle.ptnr1_symmetry 
_pdbx_struct_conn_angle.ptnr2_label_atom_id 
_pdbx_struct_conn_angle.ptnr2_label_alt_id 
_pdbx_struct_conn_angle.ptnr2_label_asym_id 
_pdbx_struct_conn_angle.ptnr2_label_comp_id 
_pdbx_struct_conn_angle.ptnr2_label_seq_id 
_pdbx_struct_conn_angle.ptnr2_auth_atom_id 
_pdbx_struct_conn_angle.ptnr2_auth_asym_id 
_pdbx_struct_conn_angle.ptnr2_auth_comp_id 
_pdbx_struct_conn_angle.ptnr2_auth_seq_id 
_pdbx_struct_conn_angle.ptnr2_PDB_ins_code 
_pdbx_struct_conn_angle.ptnr2_symmetry 
_pdbx_struct_conn_angle.ptnr3_label_atom_id 
_pdbx_struct_conn_angle.ptnr3_label_alt_id 
_pdbx_struct_conn_angle.ptnr3_label_asym_id 
_pdbx_struct_conn_angle.ptnr3_label_comp_id 
_pdbx_struct_conn_angle.ptnr3_label_seq_id 
_pdbx_struct_conn_angle.ptnr3_auth_atom_id 
_pdbx_struct_conn_angle.ptnr3_auth_asym_id 
_pdbx_struct_conn_angle.ptnr3_auth_comp_id 
_pdbx_struct_conn_angle.ptnr3_auth_seq_id 
_pdbx_struct_conn_angle.ptnr3_PDB_ins_code 
_pdbx_struct_conn_angle.ptnr3_symmetry 
_pdbx_struct_conn_angle.value 
_pdbx_struct_conn_angle.value_esd 
1  O   ? A ALA 31 ? A ALA 119 ? 1_555 NA ? C NA . ? A NA 1192 ? 1_555 O ? A LEU 34 ? A LEU 122  ? 1_555 85.1  ? 
2  O   ? A ALA 31 ? A ALA 119 ? 1_555 NA ? C NA . ? A NA 1192 ? 1_555 O ? A ARG 37 ? A ARG 125  ? 1_555 94.5  ? 
3  O   ? A LEU 34 ? A LEU 122 ? 1_555 NA ? C NA . ? A NA 1192 ? 1_555 O ? A ARG 37 ? A ARG 125  ? 1_555 102.4 ? 
4  OD1 ? A ASN 48 ? A ASN 136 ? 1_555 NA ? B NA . ? A NA 1191 ? 1_555 O ? A ALA 82 ? A ALA 170  ? 1_555 89.0  ? 
5  OD1 ? A ASN 48 ? A ASN 136 ? 1_555 NA ? B NA . ? A NA 1191 ? 1_555 O ? A LEU 85 ? A LEU 173  ? 1_555 157.1 ? 
6  O   ? A ALA 82 ? A ALA 170 ? 1_555 NA ? B NA . ? A NA 1191 ? 1_555 O ? A LEU 85 ? A LEU 173  ? 1_555 91.8  ? 
7  OD1 ? A ASN 48 ? A ASN 136 ? 1_555 NA ? B NA . ? A NA 1191 ? 1_555 O ? A ARG 88 ? A ARG 176  ? 1_555 107.9 ? 
8  O   ? A ALA 82 ? A ALA 170 ? 1_555 NA ? B NA . ? A NA 1191 ? 1_555 O ? A ARG 88 ? A ARG 176  ? 1_555 106.7 ? 
9  O   ? A LEU 85 ? A LEU 173 ? 1_555 NA ? B NA . ? A NA 1191 ? 1_555 O ? A ARG 88 ? A ARG 176  ? 1_555 93.8  ? 
10 OD1 ? A ASN 48 ? A ASN 136 ? 1_555 NA ? B NA . ? A NA 1191 ? 1_555 O ? D HOH .  ? A HOH 2052 ? 1_555 80.0  ? 
11 O   ? A ALA 82 ? A ALA 170 ? 1_555 NA ? B NA . ? A NA 1191 ? 1_555 O ? D HOH .  ? A HOH 2052 ? 1_555 165.7 ? 
12 O   ? A LEU 85 ? A LEU 173 ? 1_555 NA ? B NA . ? A NA 1191 ? 1_555 O ? D HOH .  ? A HOH 2052 ? 1_555 94.8  ? 
13 O   ? A ARG 88 ? A ARG 176 ? 1_555 NA ? B NA . ? A NA 1191 ? 1_555 O ? D HOH .  ? A HOH 2052 ? 1_555 85.6  ? 
# 
loop_
_pdbx_audit_revision_history.ordinal 
_pdbx_audit_revision_history.data_content_type 
_pdbx_audit_revision_history.major_revision 
_pdbx_audit_revision_history.minor_revision 
_pdbx_audit_revision_history.revision_date 
1 'Structure model' 1 0 2003-07-03 
2 'Structure model' 1 1 2011-05-08 
3 'Structure model' 1 2 2011-07-13 
4 'Structure model' 1 3 2018-10-31 
5 'Structure model' 1 4 2023-12-13 
# 
_pdbx_audit_revision_details.ordinal             1 
_pdbx_audit_revision_details.revision_ordinal    1 
_pdbx_audit_revision_details.data_content_type   'Structure model' 
_pdbx_audit_revision_details.provider            repository 
_pdbx_audit_revision_details.type                'Initial release' 
_pdbx_audit_revision_details.description         ? 
_pdbx_audit_revision_details.details             ? 
# 
loop_
_pdbx_audit_revision_group.ordinal 
_pdbx_audit_revision_group.revision_ordinal 
_pdbx_audit_revision_group.data_content_type 
_pdbx_audit_revision_group.group 
1  2 'Structure model' 'Version format compliance' 
2  3 'Structure model' 'Version format compliance' 
3  4 'Structure model' 'Data collection'           
4  4 'Structure model' 'Source and taxonomy'       
5  4 'Structure model' 'Structure summary'         
6  5 'Structure model' 'Data collection'           
7  5 'Structure model' 'Database references'       
8  5 'Structure model' 'Derived calculations'      
9  5 'Structure model' Other                       
10 5 'Structure model' 'Refinement description'    
# 
loop_
_pdbx_audit_revision_category.ordinal 
_pdbx_audit_revision_category.revision_ordinal 
_pdbx_audit_revision_category.data_content_type 
_pdbx_audit_revision_category.category 
1  4 'Structure model' entity                        
2  4 'Structure model' entity_src_gen                
3  4 'Structure model' entity_src_nat                
4  5 'Structure model' chem_comp_atom                
5  5 'Structure model' chem_comp_bond                
6  5 'Structure model' database_2                    
7  5 'Structure model' pdbx_database_status          
8  5 'Structure model' pdbx_initial_refinement_model 
9  5 'Structure model' pdbx_struct_conn_angle        
10 5 'Structure model' struct_conn                   
# 
loop_
_pdbx_audit_revision_item.ordinal 
_pdbx_audit_revision_item.revision_ordinal 
_pdbx_audit_revision_item.data_content_type 
_pdbx_audit_revision_item.item 
1  4 'Structure model' '_entity.src_method'                          
2  5 'Structure model' '_database_2.pdbx_DOI'                        
3  5 'Structure model' '_database_2.pdbx_database_accession'         
4  5 'Structure model' '_pdbx_database_status.status_code_sf'        
5  5 'Structure model' '_pdbx_struct_conn_angle.ptnr1_auth_comp_id'  
6  5 'Structure model' '_pdbx_struct_conn_angle.ptnr1_auth_seq_id'   
7  5 'Structure model' '_pdbx_struct_conn_angle.ptnr1_label_atom_id' 
8  5 'Structure model' '_pdbx_struct_conn_angle.ptnr1_label_comp_id' 
9  5 'Structure model' '_pdbx_struct_conn_angle.ptnr1_label_seq_id'  
10 5 'Structure model' '_pdbx_struct_conn_angle.ptnr2_auth_seq_id'   
11 5 'Structure model' '_pdbx_struct_conn_angle.ptnr2_label_asym_id' 
12 5 'Structure model' '_pdbx_struct_conn_angle.ptnr3_auth_comp_id'  
13 5 'Structure model' '_pdbx_struct_conn_angle.ptnr3_auth_seq_id'   
14 5 'Structure model' '_pdbx_struct_conn_angle.ptnr3_label_asym_id' 
15 5 'Structure model' '_pdbx_struct_conn_angle.ptnr3_label_atom_id' 
16 5 'Structure model' '_pdbx_struct_conn_angle.ptnr3_label_comp_id' 
17 5 'Structure model' '_pdbx_struct_conn_angle.ptnr3_label_seq_id'  
18 5 'Structure model' '_pdbx_struct_conn_angle.value'               
19 5 'Structure model' '_struct_conn.pdbx_dist_value'                
20 5 'Structure model' '_struct_conn.ptnr1_auth_comp_id'             
21 5 'Structure model' '_struct_conn.ptnr1_auth_seq_id'              
22 5 'Structure model' '_struct_conn.ptnr1_label_asym_id'            
23 5 'Structure model' '_struct_conn.ptnr1_label_atom_id'            
24 5 'Structure model' '_struct_conn.ptnr1_label_comp_id'            
25 5 'Structure model' '_struct_conn.ptnr1_label_seq_id'             
26 5 'Structure model' '_struct_conn.ptnr2_auth_comp_id'             
27 5 'Structure model' '_struct_conn.ptnr2_auth_seq_id'              
28 5 'Structure model' '_struct_conn.ptnr2_label_asym_id'            
29 5 'Structure model' '_struct_conn.ptnr2_label_atom_id'            
30 5 'Structure model' '_struct_conn.ptnr2_label_comp_id'            
31 5 'Structure model' '_struct_conn.ptnr2_label_seq_id'             
# 
loop_
_software.name 
_software.classification 
_software.version 
_software.citation_id 
_software.pdbx_ordinal 
CNS       refinement       1.0 ? 1 
DENZO     'data reduction' .   ? 2 
SCALEPACK 'data scaling'   .   ? 3 
X-PLOR    phasing          .   ? 4 
# 
loop_
_pdbx_validate_torsion.id 
_pdbx_validate_torsion.PDB_model_num 
_pdbx_validate_torsion.auth_comp_id 
_pdbx_validate_torsion.auth_asym_id 
_pdbx_validate_torsion.auth_seq_id 
_pdbx_validate_torsion.PDB_ins_code 
_pdbx_validate_torsion.label_alt_id 
_pdbx_validate_torsion.phi 
_pdbx_validate_torsion.psi 
1 1 PRO A 112 ? ? -79.75  32.41   
2 1 LYS A 113 ? A -155.42 30.11   
3 1 LYS A 113 ? B -109.94 -146.28 
4 1 ARG A 114 ? B 39.82   34.45   
5 1 HIS A 137 ? ? -147.75 -48.77  
6 1 ARG A 165 ? ? -100.48 79.30   
# 
_pdbx_distant_solvent_atoms.id                                1 
_pdbx_distant_solvent_atoms.PDB_model_num                     1 
_pdbx_distant_solvent_atoms.auth_atom_id                      O 
_pdbx_distant_solvent_atoms.label_alt_id                      ? 
_pdbx_distant_solvent_atoms.auth_asym_id                      A 
_pdbx_distant_solvent_atoms.auth_comp_id                      HOH 
_pdbx_distant_solvent_atoms.auth_seq_id                       2015 
_pdbx_distant_solvent_atoms.PDB_ins_code                      ? 
_pdbx_distant_solvent_atoms.neighbor_macromolecule_distance   5.83 
_pdbx_distant_solvent_atoms.neighbor_ligand_distance          . 
# 
loop_
_pdbx_unobs_or_zero_occ_atoms.id 
_pdbx_unobs_or_zero_occ_atoms.PDB_model_num 
_pdbx_unobs_or_zero_occ_atoms.polymer_flag 
_pdbx_unobs_or_zero_occ_atoms.occupancy_flag 
_pdbx_unobs_or_zero_occ_atoms.auth_asym_id 
_pdbx_unobs_or_zero_occ_atoms.auth_comp_id 
_pdbx_unobs_or_zero_occ_atoms.auth_seq_id 
_pdbx_unobs_or_zero_occ_atoms.PDB_ins_code 
_pdbx_unobs_or_zero_occ_atoms.auth_atom_id 
_pdbx_unobs_or_zero_occ_atoms.label_alt_id 
_pdbx_unobs_or_zero_occ_atoms.label_asym_id 
_pdbx_unobs_or_zero_occ_atoms.label_comp_id 
_pdbx_unobs_or_zero_occ_atoms.label_seq_id 
_pdbx_unobs_or_zero_occ_atoms.label_atom_id 
1  1 Y 1 A ARG 191 ? CA  ? A ARG 103 CA  
2  1 Y 1 A ARG 191 ? C   ? A ARG 103 C   
3  1 Y 1 A ARG 191 ? O   ? A ARG 103 O   
4  1 Y 1 A ARG 191 ? CB  ? A ARG 103 CB  
5  1 Y 1 A ARG 191 ? CG  ? A ARG 103 CG  
6  1 Y 1 A ARG 191 ? CD  ? A ARG 103 CD  
7  1 Y 1 A ARG 191 ? NE  ? A ARG 103 NE  
8  1 Y 1 A ARG 191 ? CZ  ? A ARG 103 CZ  
9  1 Y 1 A ARG 191 ? NH1 ? A ARG 103 NH1 
10 1 Y 1 A ARG 191 ? NH2 ? A ARG 103 NH2 
# 
loop_
_pdbx_unobs_or_zero_occ_residues.id 
_pdbx_unobs_or_zero_occ_residues.PDB_model_num 
_pdbx_unobs_or_zero_occ_residues.polymer_flag 
_pdbx_unobs_or_zero_occ_residues.occupancy_flag 
_pdbx_unobs_or_zero_occ_residues.auth_asym_id 
_pdbx_unobs_or_zero_occ_residues.auth_comp_id 
_pdbx_unobs_or_zero_occ_residues.auth_seq_id 
_pdbx_unobs_or_zero_occ_residues.PDB_ins_code 
_pdbx_unobs_or_zero_occ_residues.label_asym_id 
_pdbx_unobs_or_zero_occ_residues.label_comp_id 
_pdbx_unobs_or_zero_occ_residues.label_seq_id 
1 1 Y 1 A LYS 192 ? A LYS 104 
2 1 Y 1 A VAL 193 ? A VAL 105 
# 
loop_
_chem_comp_atom.comp_id 
_chem_comp_atom.atom_id 
_chem_comp_atom.type_symbol 
_chem_comp_atom.pdbx_aromatic_flag 
_chem_comp_atom.pdbx_stereo_config 
_chem_comp_atom.pdbx_ordinal 
ALA N    N  N N 1   
ALA CA   C  N S 2   
ALA C    C  N N 3   
ALA O    O  N N 4   
ALA CB   C  N N 5   
ALA OXT  O  N N 6   
ALA H    H  N N 7   
ALA H2   H  N N 8   
ALA HA   H  N N 9   
ALA HB1  H  N N 10  
ALA HB2  H  N N 11  
ALA HB3  H  N N 12  
ALA HXT  H  N N 13  
ARG N    N  N N 14  
ARG CA   C  N S 15  
ARG C    C  N N 16  
ARG O    O  N N 17  
ARG CB   C  N N 18  
ARG CG   C  N N 19  
ARG CD   C  N N 20  
ARG NE   N  N N 21  
ARG CZ   C  N N 22  
ARG NH1  N  N N 23  
ARG NH2  N  N N 24  
ARG OXT  O  N N 25  
ARG H    H  N N 26  
ARG H2   H  N N 27  
ARG HA   H  N N 28  
ARG HB2  H  N N 29  
ARG HB3  H  N N 30  
ARG HG2  H  N N 31  
ARG HG3  H  N N 32  
ARG HD2  H  N N 33  
ARG HD3  H  N N 34  
ARG HE   H  N N 35  
ARG HH11 H  N N 36  
ARG HH12 H  N N 37  
ARG HH21 H  N N 38  
ARG HH22 H  N N 39  
ARG HXT  H  N N 40  
ASN N    N  N N 41  
ASN CA   C  N S 42  
ASN C    C  N N 43  
ASN O    O  N N 44  
ASN CB   C  N N 45  
ASN CG   C  N N 46  
ASN OD1  O  N N 47  
ASN ND2  N  N N 48  
ASN OXT  O  N N 49  
ASN H    H  N N 50  
ASN H2   H  N N 51  
ASN HA   H  N N 52  
ASN HB2  H  N N 53  
ASN HB3  H  N N 54  
ASN HD21 H  N N 55  
ASN HD22 H  N N 56  
ASN HXT  H  N N 57  
ASP N    N  N N 58  
ASP CA   C  N S 59  
ASP C    C  N N 60  
ASP O    O  N N 61  
ASP CB   C  N N 62  
ASP CG   C  N N 63  
ASP OD1  O  N N 64  
ASP OD2  O  N N 65  
ASP OXT  O  N N 66  
ASP H    H  N N 67  
ASP H2   H  N N 68  
ASP HA   H  N N 69  
ASP HB2  H  N N 70  
ASP HB3  H  N N 71  
ASP HD2  H  N N 72  
ASP HXT  H  N N 73  
CYS N    N  N N 74  
CYS CA   C  N R 75  
CYS C    C  N N 76  
CYS O    O  N N 77  
CYS CB   C  N N 78  
CYS SG   S  N N 79  
CYS OXT  O  N N 80  
CYS H    H  N N 81  
CYS H2   H  N N 82  
CYS HA   H  N N 83  
CYS HB2  H  N N 84  
CYS HB3  H  N N 85  
CYS HG   H  N N 86  
CYS HXT  H  N N 87  
GLN N    N  N N 88  
GLN CA   C  N S 89  
GLN C    C  N N 90  
GLN O    O  N N 91  
GLN CB   C  N N 92  
GLN CG   C  N N 93  
GLN CD   C  N N 94  
GLN OE1  O  N N 95  
GLN NE2  N  N N 96  
GLN OXT  O  N N 97  
GLN H    H  N N 98  
GLN H2   H  N N 99  
GLN HA   H  N N 100 
GLN HB2  H  N N 101 
GLN HB3  H  N N 102 
GLN HG2  H  N N 103 
GLN HG3  H  N N 104 
GLN HE21 H  N N 105 
GLN HE22 H  N N 106 
GLN HXT  H  N N 107 
GLU N    N  N N 108 
GLU CA   C  N S 109 
GLU C    C  N N 110 
GLU O    O  N N 111 
GLU CB   C  N N 112 
GLU CG   C  N N 113 
GLU CD   C  N N 114 
GLU OE1  O  N N 115 
GLU OE2  O  N N 116 
GLU OXT  O  N N 117 
GLU H    H  N N 118 
GLU H2   H  N N 119 
GLU HA   H  N N 120 
GLU HB2  H  N N 121 
GLU HB3  H  N N 122 
GLU HG2  H  N N 123 
GLU HG3  H  N N 124 
GLU HE2  H  N N 125 
GLU HXT  H  N N 126 
GLY N    N  N N 127 
GLY CA   C  N N 128 
GLY C    C  N N 129 
GLY O    O  N N 130 
GLY OXT  O  N N 131 
GLY H    H  N N 132 
GLY H2   H  N N 133 
GLY HA2  H  N N 134 
GLY HA3  H  N N 135 
GLY HXT  H  N N 136 
HIS N    N  N N 137 
HIS CA   C  N S 138 
HIS C    C  N N 139 
HIS O    O  N N 140 
HIS CB   C  N N 141 
HIS CG   C  Y N 142 
HIS ND1  N  Y N 143 
HIS CD2  C  Y N 144 
HIS CE1  C  Y N 145 
HIS NE2  N  Y N 146 
HIS OXT  O  N N 147 
HIS H    H  N N 148 
HIS H2   H  N N 149 
HIS HA   H  N N 150 
HIS HB2  H  N N 151 
HIS HB3  H  N N 152 
HIS HD1  H  N N 153 
HIS HD2  H  N N 154 
HIS HE1  H  N N 155 
HIS HE2  H  N N 156 
HIS HXT  H  N N 157 
HOH O    O  N N 158 
HOH H1   H  N N 159 
HOH H2   H  N N 160 
ILE N    N  N N 161 
ILE CA   C  N S 162 
ILE C    C  N N 163 
ILE O    O  N N 164 
ILE CB   C  N S 165 
ILE CG1  C  N N 166 
ILE CG2  C  N N 167 
ILE CD1  C  N N 168 
ILE OXT  O  N N 169 
ILE H    H  N N 170 
ILE H2   H  N N 171 
ILE HA   H  N N 172 
ILE HB   H  N N 173 
ILE HG12 H  N N 174 
ILE HG13 H  N N 175 
ILE HG21 H  N N 176 
ILE HG22 H  N N 177 
ILE HG23 H  N N 178 
ILE HD11 H  N N 179 
ILE HD12 H  N N 180 
ILE HD13 H  N N 181 
ILE HXT  H  N N 182 
LEU N    N  N N 183 
LEU CA   C  N S 184 
LEU C    C  N N 185 
LEU O    O  N N 186 
LEU CB   C  N N 187 
LEU CG   C  N N 188 
LEU CD1  C  N N 189 
LEU CD2  C  N N 190 
LEU OXT  O  N N 191 
LEU H    H  N N 192 
LEU H2   H  N N 193 
LEU HA   H  N N 194 
LEU HB2  H  N N 195 
LEU HB3  H  N N 196 
LEU HG   H  N N 197 
LEU HD11 H  N N 198 
LEU HD12 H  N N 199 
LEU HD13 H  N N 200 
LEU HD21 H  N N 201 
LEU HD22 H  N N 202 
LEU HD23 H  N N 203 
LEU HXT  H  N N 204 
LYS N    N  N N 205 
LYS CA   C  N S 206 
LYS C    C  N N 207 
LYS O    O  N N 208 
LYS CB   C  N N 209 
LYS CG   C  N N 210 
LYS CD   C  N N 211 
LYS CE   C  N N 212 
LYS NZ   N  N N 213 
LYS OXT  O  N N 214 
LYS H    H  N N 215 
LYS H2   H  N N 216 
LYS HA   H  N N 217 
LYS HB2  H  N N 218 
LYS HB3  H  N N 219 
LYS HG2  H  N N 220 
LYS HG3  H  N N 221 
LYS HD2  H  N N 222 
LYS HD3  H  N N 223 
LYS HE2  H  N N 224 
LYS HE3  H  N N 225 
LYS HZ1  H  N N 226 
LYS HZ2  H  N N 227 
LYS HZ3  H  N N 228 
LYS HXT  H  N N 229 
MET N    N  N N 230 
MET CA   C  N S 231 
MET C    C  N N 232 
MET O    O  N N 233 
MET CB   C  N N 234 
MET CG   C  N N 235 
MET SD   S  N N 236 
MET CE   C  N N 237 
MET OXT  O  N N 238 
MET H    H  N N 239 
MET H2   H  N N 240 
MET HA   H  N N 241 
MET HB2  H  N N 242 
MET HB3  H  N N 243 
MET HG2  H  N N 244 
MET HG3  H  N N 245 
MET HE1  H  N N 246 
MET HE2  H  N N 247 
MET HE3  H  N N 248 
MET HXT  H  N N 249 
NA  NA   NA N N 250 
PRO N    N  N N 251 
PRO CA   C  N S 252 
PRO C    C  N N 253 
PRO O    O  N N 254 
PRO CB   C  N N 255 
PRO CG   C  N N 256 
PRO CD   C  N N 257 
PRO OXT  O  N N 258 
PRO H    H  N N 259 
PRO HA   H  N N 260 
PRO HB2  H  N N 261 
PRO HB3  H  N N 262 
PRO HG2  H  N N 263 
PRO HG3  H  N N 264 
PRO HD2  H  N N 265 
PRO HD3  H  N N 266 
PRO HXT  H  N N 267 
SER N    N  N N 268 
SER CA   C  N S 269 
SER C    C  N N 270 
SER O    O  N N 271 
SER CB   C  N N 272 
SER OG   O  N N 273 
SER OXT  O  N N 274 
SER H    H  N N 275 
SER H2   H  N N 276 
SER HA   H  N N 277 
SER HB2  H  N N 278 
SER HB3  H  N N 279 
SER HG   H  N N 280 
SER HXT  H  N N 281 
THR N    N  N N 282 
THR CA   C  N S 283 
THR C    C  N N 284 
THR O    O  N N 285 
THR CB   C  N R 286 
THR OG1  O  N N 287 
THR CG2  C  N N 288 
THR OXT  O  N N 289 
THR H    H  N N 290 
THR H2   H  N N 291 
THR HA   H  N N 292 
THR HB   H  N N 293 
THR HG1  H  N N 294 
THR HG21 H  N N 295 
THR HG22 H  N N 296 
THR HG23 H  N N 297 
THR HXT  H  N N 298 
TRP N    N  N N 299 
TRP CA   C  N S 300 
TRP C    C  N N 301 
TRP O    O  N N 302 
TRP CB   C  N N 303 
TRP CG   C  Y N 304 
TRP CD1  C  Y N 305 
TRP CD2  C  Y N 306 
TRP NE1  N  Y N 307 
TRP CE2  C  Y N 308 
TRP CE3  C  Y N 309 
TRP CZ2  C  Y N 310 
TRP CZ3  C  Y N 311 
TRP CH2  C  Y N 312 
TRP OXT  O  N N 313 
TRP H    H  N N 314 
TRP H2   H  N N 315 
TRP HA   H  N N 316 
TRP HB2  H  N N 317 
TRP HB3  H  N N 318 
TRP HD1  H  N N 319 
TRP HE1  H  N N 320 
TRP HE3  H  N N 321 
TRP HZ2  H  N N 322 
TRP HZ3  H  N N 323 
TRP HH2  H  N N 324 
TRP HXT  H  N N 325 
TYR N    N  N N 326 
TYR CA   C  N S 327 
TYR C    C  N N 328 
TYR O    O  N N 329 
TYR CB   C  N N 330 
TYR CG   C  Y N 331 
TYR CD1  C  Y N 332 
TYR CD2  C  Y N 333 
TYR CE1  C  Y N 334 
TYR CE2  C  Y N 335 
TYR CZ   C  Y N 336 
TYR OH   O  N N 337 
TYR OXT  O  N N 338 
TYR H    H  N N 339 
TYR H2   H  N N 340 
TYR HA   H  N N 341 
TYR HB2  H  N N 342 
TYR HB3  H  N N 343 
TYR HD1  H  N N 344 
TYR HD2  H  N N 345 
TYR HE1  H  N N 346 
TYR HE2  H  N N 347 
TYR HH   H  N N 348 
TYR HXT  H  N N 349 
VAL N    N  N N 350 
VAL CA   C  N S 351 
VAL C    C  N N 352 
VAL O    O  N N 353 
VAL CB   C  N N 354 
VAL CG1  C  N N 355 
VAL CG2  C  N N 356 
VAL OXT  O  N N 357 
VAL H    H  N N 358 
VAL H2   H  N N 359 
VAL HA   H  N N 360 
VAL HB   H  N N 361 
VAL HG11 H  N N 362 
VAL HG12 H  N N 363 
VAL HG13 H  N N 364 
VAL HG21 H  N N 365 
VAL HG22 H  N N 366 
VAL HG23 H  N N 367 
VAL HXT  H  N N 368 
# 
loop_
_chem_comp_bond.comp_id 
_chem_comp_bond.atom_id_1 
_chem_comp_bond.atom_id_2 
_chem_comp_bond.value_order 
_chem_comp_bond.pdbx_aromatic_flag 
_chem_comp_bond.pdbx_stereo_config 
_chem_comp_bond.pdbx_ordinal 
ALA N   CA   sing N N 1   
ALA N   H    sing N N 2   
ALA N   H2   sing N N 3   
ALA CA  C    sing N N 4   
ALA CA  CB   sing N N 5   
ALA CA  HA   sing N N 6   
ALA C   O    doub N N 7   
ALA C   OXT  sing N N 8   
ALA CB  HB1  sing N N 9   
ALA CB  HB2  sing N N 10  
ALA CB  HB3  sing N N 11  
ALA OXT HXT  sing N N 12  
ARG N   CA   sing N N 13  
ARG N   H    sing N N 14  
ARG N   H2   sing N N 15  
ARG CA  C    sing N N 16  
ARG CA  CB   sing N N 17  
ARG CA  HA   sing N N 18  
ARG C   O    doub N N 19  
ARG C   OXT  sing N N 20  
ARG CB  CG   sing N N 21  
ARG CB  HB2  sing N N 22  
ARG CB  HB3  sing N N 23  
ARG CG  CD   sing N N 24  
ARG CG  HG2  sing N N 25  
ARG CG  HG3  sing N N 26  
ARG CD  NE   sing N N 27  
ARG CD  HD2  sing N N 28  
ARG CD  HD3  sing N N 29  
ARG NE  CZ   sing N N 30  
ARG NE  HE   sing N N 31  
ARG CZ  NH1  sing N N 32  
ARG CZ  NH2  doub N N 33  
ARG NH1 HH11 sing N N 34  
ARG NH1 HH12 sing N N 35  
ARG NH2 HH21 sing N N 36  
ARG NH2 HH22 sing N N 37  
ARG OXT HXT  sing N N 38  
ASN N   CA   sing N N 39  
ASN N   H    sing N N 40  
ASN N   H2   sing N N 41  
ASN CA  C    sing N N 42  
ASN CA  CB   sing N N 43  
ASN CA  HA   sing N N 44  
ASN C   O    doub N N 45  
ASN C   OXT  sing N N 46  
ASN CB  CG   sing N N 47  
ASN CB  HB2  sing N N 48  
ASN CB  HB3  sing N N 49  
ASN CG  OD1  doub N N 50  
ASN CG  ND2  sing N N 51  
ASN ND2 HD21 sing N N 52  
ASN ND2 HD22 sing N N 53  
ASN OXT HXT  sing N N 54  
ASP N   CA   sing N N 55  
ASP N   H    sing N N 56  
ASP N   H2   sing N N 57  
ASP CA  C    sing N N 58  
ASP CA  CB   sing N N 59  
ASP CA  HA   sing N N 60  
ASP C   O    doub N N 61  
ASP C   OXT  sing N N 62  
ASP CB  CG   sing N N 63  
ASP CB  HB2  sing N N 64  
ASP CB  HB3  sing N N 65  
ASP CG  OD1  doub N N 66  
ASP CG  OD2  sing N N 67  
ASP OD2 HD2  sing N N 68  
ASP OXT HXT  sing N N 69  
CYS N   CA   sing N N 70  
CYS N   H    sing N N 71  
CYS N   H2   sing N N 72  
CYS CA  C    sing N N 73  
CYS CA  CB   sing N N 74  
CYS CA  HA   sing N N 75  
CYS C   O    doub N N 76  
CYS C   OXT  sing N N 77  
CYS CB  SG   sing N N 78  
CYS CB  HB2  sing N N 79  
CYS CB  HB3  sing N N 80  
CYS SG  HG   sing N N 81  
CYS OXT HXT  sing N N 82  
GLN N   CA   sing N N 83  
GLN N   H    sing N N 84  
GLN N   H2   sing N N 85  
GLN CA  C    sing N N 86  
GLN CA  CB   sing N N 87  
GLN CA  HA   sing N N 88  
GLN C   O    doub N N 89  
GLN C   OXT  sing N N 90  
GLN CB  CG   sing N N 91  
GLN CB  HB2  sing N N 92  
GLN CB  HB3  sing N N 93  
GLN CG  CD   sing N N 94  
GLN CG  HG2  sing N N 95  
GLN CG  HG3  sing N N 96  
GLN CD  OE1  doub N N 97  
GLN CD  NE2  sing N N 98  
GLN NE2 HE21 sing N N 99  
GLN NE2 HE22 sing N N 100 
GLN OXT HXT  sing N N 101 
GLU N   CA   sing N N 102 
GLU N   H    sing N N 103 
GLU N   H2   sing N N 104 
GLU CA  C    sing N N 105 
GLU CA  CB   sing N N 106 
GLU CA  HA   sing N N 107 
GLU C   O    doub N N 108 
GLU C   OXT  sing N N 109 
GLU CB  CG   sing N N 110 
GLU CB  HB2  sing N N 111 
GLU CB  HB3  sing N N 112 
GLU CG  CD   sing N N 113 
GLU CG  HG2  sing N N 114 
GLU CG  HG3  sing N N 115 
GLU CD  OE1  doub N N 116 
GLU CD  OE2  sing N N 117 
GLU OE2 HE2  sing N N 118 
GLU OXT HXT  sing N N 119 
GLY N   CA   sing N N 120 
GLY N   H    sing N N 121 
GLY N   H2   sing N N 122 
GLY CA  C    sing N N 123 
GLY CA  HA2  sing N N 124 
GLY CA  HA3  sing N N 125 
GLY C   O    doub N N 126 
GLY C   OXT  sing N N 127 
GLY OXT HXT  sing N N 128 
HIS N   CA   sing N N 129 
HIS N   H    sing N N 130 
HIS N   H2   sing N N 131 
HIS CA  C    sing N N 132 
HIS CA  CB   sing N N 133 
HIS CA  HA   sing N N 134 
HIS C   O    doub N N 135 
HIS C   OXT  sing N N 136 
HIS CB  CG   sing N N 137 
HIS CB  HB2  sing N N 138 
HIS CB  HB3  sing N N 139 
HIS CG  ND1  sing Y N 140 
HIS CG  CD2  doub Y N 141 
HIS ND1 CE1  doub Y N 142 
HIS ND1 HD1  sing N N 143 
HIS CD2 NE2  sing Y N 144 
HIS CD2 HD2  sing N N 145 
HIS CE1 NE2  sing Y N 146 
HIS CE1 HE1  sing N N 147 
HIS NE2 HE2  sing N N 148 
HIS OXT HXT  sing N N 149 
HOH O   H1   sing N N 150 
HOH O   H2   sing N N 151 
ILE N   CA   sing N N 152 
ILE N   H    sing N N 153 
ILE N   H2   sing N N 154 
ILE CA  C    sing N N 155 
ILE CA  CB   sing N N 156 
ILE CA  HA   sing N N 157 
ILE C   O    doub N N 158 
ILE C   OXT  sing N N 159 
ILE CB  CG1  sing N N 160 
ILE CB  CG2  sing N N 161 
ILE CB  HB   sing N N 162 
ILE CG1 CD1  sing N N 163 
ILE CG1 HG12 sing N N 164 
ILE CG1 HG13 sing N N 165 
ILE CG2 HG21 sing N N 166 
ILE CG2 HG22 sing N N 167 
ILE CG2 HG23 sing N N 168 
ILE CD1 HD11 sing N N 169 
ILE CD1 HD12 sing N N 170 
ILE CD1 HD13 sing N N 171 
ILE OXT HXT  sing N N 172 
LEU N   CA   sing N N 173 
LEU N   H    sing N N 174 
LEU N   H2   sing N N 175 
LEU CA  C    sing N N 176 
LEU CA  CB   sing N N 177 
LEU CA  HA   sing N N 178 
LEU C   O    doub N N 179 
LEU C   OXT  sing N N 180 
LEU CB  CG   sing N N 181 
LEU CB  HB2  sing N N 182 
LEU CB  HB3  sing N N 183 
LEU CG  CD1  sing N N 184 
LEU CG  CD2  sing N N 185 
LEU CG  HG   sing N N 186 
LEU CD1 HD11 sing N N 187 
LEU CD1 HD12 sing N N 188 
LEU CD1 HD13 sing N N 189 
LEU CD2 HD21 sing N N 190 
LEU CD2 HD22 sing N N 191 
LEU CD2 HD23 sing N N 192 
LEU OXT HXT  sing N N 193 
LYS N   CA   sing N N 194 
LYS N   H    sing N N 195 
LYS N   H2   sing N N 196 
LYS CA  C    sing N N 197 
LYS CA  CB   sing N N 198 
LYS CA  HA   sing N N 199 
LYS C   O    doub N N 200 
LYS C   OXT  sing N N 201 
LYS CB  CG   sing N N 202 
LYS CB  HB2  sing N N 203 
LYS CB  HB3  sing N N 204 
LYS CG  CD   sing N N 205 
LYS CG  HG2  sing N N 206 
LYS CG  HG3  sing N N 207 
LYS CD  CE   sing N N 208 
LYS CD  HD2  sing N N 209 
LYS CD  HD3  sing N N 210 
LYS CE  NZ   sing N N 211 
LYS CE  HE2  sing N N 212 
LYS CE  HE3  sing N N 213 
LYS NZ  HZ1  sing N N 214 
LYS NZ  HZ2  sing N N 215 
LYS NZ  HZ3  sing N N 216 
LYS OXT HXT  sing N N 217 
MET N   CA   sing N N 218 
MET N   H    sing N N 219 
MET N   H2   sing N N 220 
MET CA  C    sing N N 221 
MET CA  CB   sing N N 222 
MET CA  HA   sing N N 223 
MET C   O    doub N N 224 
MET C   OXT  sing N N 225 
MET CB  CG   sing N N 226 
MET CB  HB2  sing N N 227 
MET CB  HB3  sing N N 228 
MET CG  SD   sing N N 229 
MET CG  HG2  sing N N 230 
MET CG  HG3  sing N N 231 
MET SD  CE   sing N N 232 
MET CE  HE1  sing N N 233 
MET CE  HE2  sing N N 234 
MET CE  HE3  sing N N 235 
MET OXT HXT  sing N N 236 
PRO N   CA   sing N N 237 
PRO N   CD   sing N N 238 
PRO N   H    sing N N 239 
PRO CA  C    sing N N 240 
PRO CA  CB   sing N N 241 
PRO CA  HA   sing N N 242 
PRO C   O    doub N N 243 
PRO C   OXT  sing N N 244 
PRO CB  CG   sing N N 245 
PRO CB  HB2  sing N N 246 
PRO CB  HB3  sing N N 247 
PRO CG  CD   sing N N 248 
PRO CG  HG2  sing N N 249 
PRO CG  HG3  sing N N 250 
PRO CD  HD2  sing N N 251 
PRO CD  HD3  sing N N 252 
PRO OXT HXT  sing N N 253 
SER N   CA   sing N N 254 
SER N   H    sing N N 255 
SER N   H2   sing N N 256 
SER CA  C    sing N N 257 
SER CA  CB   sing N N 258 
SER CA  HA   sing N N 259 
SER C   O    doub N N 260 
SER C   OXT  sing N N 261 
SER CB  OG   sing N N 262 
SER CB  HB2  sing N N 263 
SER CB  HB3  sing N N 264 
SER OG  HG   sing N N 265 
SER OXT HXT  sing N N 266 
THR N   CA   sing N N 267 
THR N   H    sing N N 268 
THR N   H2   sing N N 269 
THR CA  C    sing N N 270 
THR CA  CB   sing N N 271 
THR CA  HA   sing N N 272 
THR C   O    doub N N 273 
THR C   OXT  sing N N 274 
THR CB  OG1  sing N N 275 
THR CB  CG2  sing N N 276 
THR CB  HB   sing N N 277 
THR OG1 HG1  sing N N 278 
THR CG2 HG21 sing N N 279 
THR CG2 HG22 sing N N 280 
THR CG2 HG23 sing N N 281 
THR OXT HXT  sing N N 282 
TRP N   CA   sing N N 283 
TRP N   H    sing N N 284 
TRP N   H2   sing N N 285 
TRP CA  C    sing N N 286 
TRP CA  CB   sing N N 287 
TRP CA  HA   sing N N 288 
TRP C   O    doub N N 289 
TRP C   OXT  sing N N 290 
TRP CB  CG   sing N N 291 
TRP CB  HB2  sing N N 292 
TRP CB  HB3  sing N N 293 
TRP CG  CD1  doub Y N 294 
TRP CG  CD2  sing Y N 295 
TRP CD1 NE1  sing Y N 296 
TRP CD1 HD1  sing N N 297 
TRP CD2 CE2  doub Y N 298 
TRP CD2 CE3  sing Y N 299 
TRP NE1 CE2  sing Y N 300 
TRP NE1 HE1  sing N N 301 
TRP CE2 CZ2  sing Y N 302 
TRP CE3 CZ3  doub Y N 303 
TRP CE3 HE3  sing N N 304 
TRP CZ2 CH2  doub Y N 305 
TRP CZ2 HZ2  sing N N 306 
TRP CZ3 CH2  sing Y N 307 
TRP CZ3 HZ3  sing N N 308 
TRP CH2 HH2  sing N N 309 
TRP OXT HXT  sing N N 310 
TYR N   CA   sing N N 311 
TYR N   H    sing N N 312 
TYR N   H2   sing N N 313 
TYR CA  C    sing N N 314 
TYR CA  CB   sing N N 315 
TYR CA  HA   sing N N 316 
TYR C   O    doub N N 317 
TYR C   OXT  sing N N 318 
TYR CB  CG   sing N N 319 
TYR CB  HB2  sing N N 320 
TYR CB  HB3  sing N N 321 
TYR CG  CD1  doub Y N 322 
TYR CG  CD2  sing Y N 323 
TYR CD1 CE1  sing Y N 324 
TYR CD1 HD1  sing N N 325 
TYR CD2 CE2  doub Y N 326 
TYR CD2 HD2  sing N N 327 
TYR CE1 CZ   doub Y N 328 
TYR CE1 HE1  sing N N 329 
TYR CE2 CZ   sing Y N 330 
TYR CE2 HE2  sing N N 331 
TYR CZ  OH   sing N N 332 
TYR OH  HH   sing N N 333 
TYR OXT HXT  sing N N 334 
VAL N   CA   sing N N 335 
VAL N   H    sing N N 336 
VAL N   H2   sing N N 337 
VAL CA  C    sing N N 338 
VAL CA  CB   sing N N 339 
VAL CA  HA   sing N N 340 
VAL C   O    doub N N 341 
VAL C   OXT  sing N N 342 
VAL CB  CG1  sing N N 343 
VAL CB  CG2  sing N N 344 
VAL CB  HB   sing N N 345 
VAL CG1 HG11 sing N N 346 
VAL CG1 HG12 sing N N 347 
VAL CG1 HG13 sing N N 348 
VAL CG2 HG21 sing N N 349 
VAL CG2 HG22 sing N N 350 
VAL CG2 HG23 sing N N 351 
VAL OXT HXT  sing N N 352 
# 
loop_
_pdbx_entity_nonpoly.entity_id 
_pdbx_entity_nonpoly.name 
_pdbx_entity_nonpoly.comp_id 
2 'SODIUM ION' NA  
3 water        HOH 
# 
loop_
_pdbx_initial_refinement_model.id 
_pdbx_initial_refinement_model.entity_id_list 
_pdbx_initial_refinement_model.type 
_pdbx_initial_refinement_model.source_name 
_pdbx_initial_refinement_model.accession_code 
_pdbx_initial_refinement_model.details 
1 ? 'experimental model' PDB 1MBG 'PDB ENTRIES 1MBG AND 1MBJ' 
2 ? 'experimental model' PDB 1MBJ 'PDB ENTRIES 1MBG AND 1MBJ' 
# 
